data_4YHP
#
_entry.id   4YHP
#
_cell.length_a   162.773
_cell.length_b   159.885
_cell.length_c   128.759
_cell.angle_alpha   90.00
_cell.angle_beta   90.01
_cell.angle_gamma   90.00
#
_symmetry.space_group_name_H-M   'C 1 2 1'
#
loop_
_entity.id
_entity.type
_entity.pdbx_description
1 polymer 'H3K9me3 peptide'
2 polymer 'Fab Heavy Chain'
3 polymer 'Fab Light Chain'
4 water water
#
loop_
_entity_poly.entity_id
_entity_poly.type
_entity_poly.pdbx_seq_one_letter_code
_entity_poly.pdbx_strand_id
1 'polypeptide(L)' ARTKQTAR(M3L)STGGKAP P,Q
2 'polypeptide(L)'
;EVQLVETGGGVVQPGRSLRLSCTASGFTFRDYWMSWVRQAPGKGLEWVADINPDGITRYYIDAVKGRFTISRDNAKSSLY
LQMNSLGAEDTAVYYCAREFHSGLGWHFDLWGRGTLVTVSSASTKGPSVFPLAPSSKSTSGGTAALGCLVKDYFPEPVTV
SWNSGALTSGVHTFPAVLQSSGLYSLSSVVTVPSSSLGTQTYICNVNHKPSNTKVDKKVEPKSCDKTHT
;
A,C,E,H
3 'polypeptide(L)'
;SYVLTQPPSVSVAPGQTARITCGGTNIGDISVHWYQQRPGQAPLVVVYDDSDRPSGIPERFSGSNSGNTATLTISRVEAG
DEADYYCQVWDDSINAYVFGTGTKVTVLRTVAAPSVFIFPPSDSQLKSGTASVVCLLNNFYPREAKVQWKVDNALQSGNS
QESVTEQDSKDSTYSLSSTLTLSKADYEKHKVYACEVTHQGLSSPVTKSFNRGEC
;
B,D,L,F
#
# COMPACT_ATOMS: atom_id res chain seq x y z
N ALA A 1 -48.93 -43.22 5.06
CA ALA A 1 -48.57 -41.83 5.30
C ALA A 1 -48.42 -41.06 4.00
N ARG A 2 -48.92 -39.82 4.01
CA ARG A 2 -48.77 -38.94 2.86
C ARG A 2 -47.76 -37.85 3.22
N THR A 3 -46.50 -38.27 3.35
CA THR A 3 -45.41 -37.38 3.72
C THR A 3 -44.71 -36.85 2.48
N LYS A 4 -44.05 -35.69 2.62
CA LYS A 4 -43.21 -35.18 1.54
C LYS A 4 -41.92 -35.95 1.47
N GLN A 5 -41.57 -36.42 0.27
CA GLN A 5 -40.23 -36.92 0.03
C GLN A 5 -39.49 -35.87 -0.78
N THR A 6 -38.16 -35.88 -0.68
CA THR A 6 -37.32 -34.93 -1.40
C THR A 6 -37.64 -34.90 -2.89
N ALA A 7 -37.60 -33.70 -3.47
CA ALA A 7 -37.79 -33.57 -4.91
C ALA A 7 -36.56 -34.07 -5.67
N ARG A 8 -35.55 -34.52 -4.93
CA ARG A 8 -34.33 -35.10 -5.50
C ARG A 8 -33.63 -34.19 -6.52
N M3L A 9 -33.68 -32.88 -6.27
CA M3L A 9 -33.00 -31.91 -7.15
CB M3L A 9 -33.73 -30.52 -7.07
CG M3L A 9 -34.96 -30.54 -7.99
CD M3L A 9 -35.34 -29.09 -8.36
CE M3L A 9 -36.86 -28.95 -8.32
NZ M3L A 9 -37.28 -27.72 -9.03
C M3L A 9 -31.53 -31.78 -6.82
O M3L A 9 -30.76 -31.19 -7.63
CM1 M3L A 9 -38.68 -27.53 -8.79
CM2 M3L A 9 -36.56 -26.58 -8.51
CM3 M3L A 9 -37.03 -27.85 -10.41
N SER A 10 -31.12 -32.33 -5.68
CA SER A 10 -29.76 -32.07 -5.19
C SER A 10 -29.19 -33.13 -4.24
N THR A 11 -28.30 -33.98 -4.77
CA THR A 11 -27.36 -34.79 -3.98
C THR A 11 -26.43 -35.58 -4.92
N GLU B 1 30.10 27.86 21.68
CA GLU B 1 29.79 26.74 22.58
C GLU B 1 30.94 26.39 23.52
N VAL B 2 30.63 26.28 24.81
CA VAL B 2 31.63 26.02 25.85
C VAL B 2 31.96 24.52 25.99
N GLN B 3 33.21 24.16 25.73
CA GLN B 3 33.61 22.74 25.76
C GLN B 3 35.11 22.50 25.92
N LEU B 4 35.46 21.29 26.39
CA LEU B 4 36.84 20.85 26.51
C LEU B 4 37.01 19.55 25.73
N VAL B 5 38.10 19.42 24.99
CA VAL B 5 38.35 18.22 24.19
C VAL B 5 39.73 17.62 24.46
N GLU B 6 39.75 16.40 25.01
CA GLU B 6 41.02 15.71 25.27
C GLU B 6 41.46 14.87 24.06
N THR B 7 42.75 14.91 23.76
CA THR B 7 43.35 14.08 22.71
C THR B 7 44.68 13.52 23.18
N GLY B 8 45.17 12.48 22.52
CA GLY B 8 46.47 11.92 22.83
C GLY B 8 46.42 10.59 23.56
N GLY B 9 45.22 10.09 23.82
CA GLY B 9 45.08 8.83 24.51
C GLY B 9 45.43 7.66 23.62
N GLY B 10 45.61 6.48 24.23
CA GLY B 10 45.93 5.28 23.48
C GLY B 10 46.75 4.28 24.27
N VAL B 11 47.52 3.47 23.56
CA VAL B 11 48.37 2.46 24.19
C VAL B 11 49.78 2.99 24.42
N VAL B 12 50.35 2.66 25.58
CA VAL B 12 51.70 3.06 25.92
C VAL B 12 52.34 1.93 26.72
N GLN B 13 53.58 1.57 26.38
CA GLN B 13 54.28 0.50 27.08
C GLN B 13 54.74 0.99 28.45
N PRO B 14 54.76 0.09 29.44
CA PRO B 14 55.21 0.44 30.79
C PRO B 14 56.58 1.10 30.77
N GLY B 15 56.75 2.18 31.53
CA GLY B 15 58.01 2.90 31.58
C GLY B 15 58.17 3.94 30.48
N ARG B 16 57.35 3.85 29.43
CA ARG B 16 57.36 4.83 28.35
C ARG B 16 56.54 6.09 28.70
N SER B 17 56.43 7.00 27.74
CA SER B 17 55.85 8.31 28.00
C SER B 17 54.68 8.66 27.09
N LEU B 18 53.85 9.59 27.56
CA LEU B 18 52.65 10.01 26.84
C LEU B 18 52.27 11.45 27.19
N ARG B 19 51.85 12.20 26.18
CA ARG B 19 51.47 13.59 26.35
C ARG B 19 50.00 13.78 26.01
N LEU B 20 49.21 14.20 26.99
CA LEU B 20 47.78 14.45 26.76
C LEU B 20 47.54 15.92 26.41
N SER B 21 46.49 16.18 25.65
CA SER B 21 46.15 17.55 25.29
C SER B 21 44.67 17.84 25.43
N CYS B 22 44.35 18.90 26.14
CA CYS B 22 42.98 19.39 26.21
C CYS B 22 42.89 20.70 25.45
N THR B 23 41.95 20.79 24.53
CA THR B 23 41.73 22.01 23.76
C THR B 23 40.42 22.67 24.19
N ALA B 24 40.53 23.85 24.80
CA ALA B 24 39.36 24.57 25.30
C ALA B 24 38.82 25.54 24.26
N SER B 25 37.49 25.66 24.20
CA SER B 25 36.85 26.66 23.34
C SER B 25 35.58 27.21 23.99
N GLY B 26 35.23 28.45 23.66
CA GLY B 26 33.97 29.02 24.11
C GLY B 26 34.02 29.82 25.40
N PHE B 27 35.20 29.94 25.99
CA PHE B 27 35.37 30.74 27.20
C PHE B 27 36.78 31.30 27.34
N THR B 28 36.97 32.19 28.30
CA THR B 28 38.27 32.81 28.55
C THR B 28 39.21 31.87 29.30
N PHE B 29 39.87 30.99 28.55
CA PHE B 29 40.71 29.93 29.11
C PHE B 29 41.75 30.42 30.12
N ARG B 30 42.43 31.51 29.80
CA ARG B 30 43.52 32.02 30.63
C ARG B 30 43.10 32.47 32.04
N ASP B 31 41.80 32.45 32.32
CA ASP B 31 41.28 32.95 33.59
C ASP B 31 41.00 31.87 34.65
N TYR B 32 41.19 30.60 34.30
CA TYR B 32 40.75 29.52 35.19
C TYR B 32 41.84 28.54 35.60
N TRP B 33 41.73 28.04 36.83
CA TRP B 33 42.46 26.85 37.23
C TRP B 33 41.97 25.68 36.40
N MET B 34 42.89 24.88 35.88
CA MET B 34 42.54 23.70 35.09
C MET B 34 43.09 22.43 35.74
N SER B 35 42.26 21.40 35.81
CA SER B 35 42.65 20.14 36.43
C SER B 35 42.66 18.96 35.46
N TRP B 36 43.43 17.94 35.78
CA TRP B 36 43.28 16.64 35.16
C TRP B 36 42.70 15.70 36.20
N VAL B 37 41.61 15.02 35.84
CA VAL B 37 40.97 14.03 36.70
C VAL B 37 40.91 12.70 35.96
N ARG B 38 41.28 11.62 36.64
CA ARG B 38 41.29 10.32 35.99
C ARG B 38 40.34 9.31 36.65
N GLN B 39 39.94 8.31 35.87
CA GLN B 39 39.03 7.28 36.34
C GLN B 39 39.47 5.94 35.76
N ALA B 40 39.89 5.03 36.63
CA ALA B 40 40.20 3.67 36.23
C ALA B 40 38.89 2.97 35.87
N PRO B 41 38.93 2.08 34.86
CA PRO B 41 37.75 1.33 34.42
C PRO B 41 37.02 0.65 35.57
N GLY B 42 35.73 0.91 35.71
CA GLY B 42 34.93 0.33 36.79
C GLY B 42 35.25 0.90 38.15
N LYS B 43 36.16 1.87 38.19
CA LYS B 43 36.54 2.50 39.46
C LYS B 43 36.06 3.94 39.55
N GLY B 44 36.42 4.63 40.63
CA GLY B 44 35.91 5.96 40.90
C GLY B 44 36.81 7.10 40.45
N LEU B 45 36.34 8.33 40.65
CA LEU B 45 37.08 9.51 40.22
C LEU B 45 38.29 9.79 41.11
N GLU B 46 39.40 10.18 40.50
CA GLU B 46 40.61 10.52 41.24
C GLU B 46 41.24 11.78 40.65
N TRP B 47 41.26 12.85 41.42
CA TRP B 47 41.90 14.08 40.98
C TRP B 47 43.41 13.87 40.87
N VAL B 48 44.01 14.36 39.80
CA VAL B 48 45.43 14.12 39.53
C VAL B 48 46.32 15.33 39.77
N ALA B 49 46.05 16.40 39.05
CA ALA B 49 46.87 17.60 39.10
C ALA B 49 46.08 18.81 38.65
N ASP B 50 46.49 20.00 39.10
CA ASP B 50 45.91 21.23 38.57
C ASP B 50 46.95 22.34 38.37
N ILE B 51 46.59 23.34 37.59
CA ILE B 51 47.51 24.43 37.30
C ILE B 51 46.78 25.77 37.36
N ASN B 52 47.42 26.75 38.00
CA ASN B 52 46.84 28.08 38.11
C ASN B 52 46.76 28.77 36.74
N PRO B 53 45.94 29.82 36.61
CA PRO B 53 45.78 30.51 35.32
C PRO B 53 47.09 30.99 34.68
N ASP B 54 48.00 31.51 35.49
CA ASP B 54 49.26 32.04 34.97
C ASP B 54 50.20 30.96 34.44
N GLY B 55 49.99 29.72 34.92
CA GLY B 55 50.86 28.62 34.55
C GLY B 55 52.03 28.49 35.51
N ILE B 56 52.00 29.30 36.56
CA ILE B 56 53.11 29.41 37.51
C ILE B 56 52.99 28.41 38.67
N THR B 57 51.77 28.14 39.10
CA THR B 57 51.54 27.24 40.23
C THR B 57 50.90 25.91 39.78
N ARG B 58 51.49 24.80 40.22
CA ARG B 58 51.02 23.47 39.87
C ARG B 58 50.95 22.58 41.12
N TYR B 59 49.90 21.76 41.22
CA TYR B 59 49.79 20.80 42.31
C TYR B 59 49.62 19.39 41.72
N TYR B 60 50.06 18.38 42.45
CA TYR B 60 50.01 16.99 41.98
C TYR B 60 49.71 16.08 43.16
N ILE B 61 49.02 14.98 42.92
CA ILE B 61 48.92 13.94 43.95
C ILE B 61 50.28 13.26 44.11
N ASP B 62 50.48 12.56 45.23
CA ASP B 62 51.76 11.94 45.53
C ASP B 62 52.18 10.85 44.53
N ALA B 63 51.19 10.15 43.96
CA ALA B 63 51.46 8.99 43.12
C ALA B 63 51.95 9.31 41.70
N VAL B 64 51.88 10.59 41.33
CA VAL B 64 52.34 11.02 40.01
C VAL B 64 53.44 12.07 40.12
N LYS B 65 53.75 12.43 41.37
CA LYS B 65 54.78 13.43 41.65
C LYS B 65 56.15 13.01 41.10
N GLY B 66 56.68 13.81 40.18
CA GLY B 66 57.98 13.51 39.58
C GLY B 66 57.86 12.87 38.22
N ARG B 67 56.77 12.13 38.01
CA ARG B 67 56.52 11.46 36.75
C ARG B 67 55.67 12.35 35.83
N PHE B 68 54.63 12.94 36.40
CA PHE B 68 53.68 13.74 35.63
C PHE B 68 54.02 15.22 35.68
N THR B 69 53.68 15.93 34.60
CA THR B 69 53.93 17.37 34.52
C THR B 69 52.82 18.08 33.75
N ILE B 70 52.04 18.88 34.47
CA ILE B 70 50.93 19.62 33.88
C ILE B 70 51.40 20.99 33.38
N SER B 71 50.93 21.40 32.21
CA SER B 71 51.27 22.70 31.66
C SER B 71 50.11 23.22 30.81
N ARG B 72 50.21 24.46 30.37
CA ARG B 72 49.16 25.08 29.57
C ARG B 72 49.72 26.08 28.58
N ASP B 73 49.04 26.24 27.45
CA ASP B 73 49.33 27.32 26.50
C ASP B 73 48.09 28.18 26.40
N ASN B 74 48.10 29.31 27.11
CA ASN B 74 46.94 30.19 27.15
C ASN B 74 46.62 30.85 25.82
N ALA B 75 47.65 31.14 25.04
CA ALA B 75 47.46 31.68 23.70
C ALA B 75 46.76 30.66 22.79
N LYS B 76 46.91 29.39 23.14
CA LYS B 76 46.31 28.30 22.37
C LYS B 76 45.03 27.74 23.02
N SER B 77 44.72 28.21 24.24
CA SER B 77 43.63 27.66 25.03
C SER B 77 43.79 26.16 25.15
N SER B 78 45.00 25.73 25.49
CA SER B 78 45.31 24.31 25.56
C SER B 78 45.95 23.90 26.87
N LEU B 79 45.59 22.71 27.33
CA LEU B 79 46.10 22.16 28.58
C LEU B 79 46.88 20.88 28.27
N TYR B 80 47.94 20.62 29.03
CA TYR B 80 48.76 19.45 28.76
C TYR B 80 49.07 18.61 29.99
N LEU B 81 49.20 17.31 29.77
CA LEU B 81 49.68 16.41 30.81
C LEU B 81 50.79 15.54 30.22
N GLN B 82 52.01 15.77 30.68
CA GLN B 82 53.15 14.97 30.25
C GLN B 82 53.34 13.84 31.25
N MET B 83 53.20 12.61 30.78
CA MET B 83 53.23 11.45 31.67
C MET B 83 54.42 10.53 31.38
N ASN B 84 55.42 10.59 32.26
CA ASN B 84 56.60 9.72 32.15
C ASN B 84 56.48 8.48 33.02
N SER B 85 57.26 7.45 32.69
CA SER B 85 57.39 6.26 33.51
C SER B 85 56.04 5.65 33.87
N LEU B 86 55.18 5.48 32.87
CA LEU B 86 53.84 4.99 33.09
C LEU B 86 53.83 3.54 33.59
N GLY B 87 52.93 3.26 34.53
CA GLY B 87 52.73 1.91 35.04
C GLY B 87 51.28 1.50 34.88
N ALA B 88 50.94 0.29 35.31
CA ALA B 88 49.57 -0.20 35.17
C ALA B 88 48.59 0.57 36.06
N GLU B 89 49.12 1.28 37.05
CA GLU B 89 48.30 2.03 37.99
C GLU B 89 47.83 3.36 37.37
N ASP B 90 48.36 3.67 36.20
CA ASP B 90 48.01 4.92 35.51
C ASP B 90 47.00 4.69 34.39
N THR B 91 46.66 3.42 34.15
CA THR B 91 45.65 3.07 33.15
C THR B 91 44.29 3.63 33.59
N ALA B 92 43.74 4.53 32.79
CA ALA B 92 42.50 5.22 33.15
C ALA B 92 41.97 6.09 32.00
N VAL B 93 40.71 6.49 32.12
CA VAL B 93 40.19 7.60 31.32
C VAL B 93 40.66 8.88 31.99
N TYR B 94 41.22 9.80 31.21
CA TYR B 94 41.69 11.08 31.75
C TYR B 94 40.79 12.25 31.34
N TYR B 95 40.26 12.95 32.33
CA TYR B 95 39.36 14.08 32.07
C TYR B 95 40.06 15.42 32.20
N CYS B 96 39.81 16.30 31.22
CA CYS B 96 40.16 17.71 31.35
C CYS B 96 38.99 18.36 32.08
N ALA B 97 39.26 19.19 33.09
CA ALA B 97 38.18 19.81 33.86
C ALA B 97 38.47 21.25 34.31
N ARG B 98 37.49 22.14 34.13
CA ARG B 98 37.62 23.52 34.57
C ARG B 98 37.15 23.70 36.02
N GLU B 99 37.91 24.44 36.81
CA GLU B 99 37.57 24.67 38.21
C GLU B 99 36.75 25.94 38.38
N PHE B 100 35.81 25.92 39.33
CA PHE B 100 34.95 27.06 39.58
C PHE B 100 34.92 27.45 41.05
N HIS B 101 35.06 28.74 41.33
CA HIS B 101 34.91 29.28 42.68
C HIS B 101 33.63 30.10 42.77
N SER B 102 32.73 29.68 43.66
CA SER B 102 31.44 30.34 43.83
C SER B 102 31.53 31.49 44.83
N GLY B 103 32.70 31.65 45.44
CA GLY B 103 32.85 32.59 46.54
C GLY B 103 32.84 31.81 47.84
N LEU B 104 32.35 30.57 47.76
CA LEU B 104 32.39 29.66 48.91
C LEU B 104 33.39 28.54 48.63
N GLY B 105 32.93 27.47 47.99
CA GLY B 105 33.78 26.32 47.73
C GLY B 105 34.27 26.21 46.29
N TRP B 106 35.06 25.18 46.02
CA TRP B 106 35.60 24.93 44.68
C TRP B 106 35.09 23.62 44.12
N HIS B 107 34.63 23.64 42.86
CA HIS B 107 34.16 22.44 42.19
C HIS B 107 34.36 22.52 40.69
N PHE B 108 34.12 21.41 39.99
CA PHE B 108 34.30 21.36 38.54
C PHE B 108 32.99 21.64 37.80
N ASP B 109 32.99 22.67 36.95
CA ASP B 109 31.77 23.09 36.26
C ASP B 109 31.82 22.79 34.75
N LEU B 110 32.95 22.25 34.30
CA LEU B 110 33.12 21.92 32.88
C LEU B 110 34.05 20.73 32.71
N TRP B 111 33.62 19.74 31.93
CA TRP B 111 34.41 18.53 31.70
C TRP B 111 34.49 18.21 30.22
N GLY B 112 35.55 17.51 29.82
CA GLY B 112 35.64 16.95 28.49
C GLY B 112 35.10 15.53 28.48
N ARG B 113 35.11 14.90 27.31
CA ARG B 113 34.66 13.51 27.20
C ARG B 113 35.59 12.55 27.92
N GLY B 114 36.86 12.94 28.01
CA GLY B 114 37.88 12.05 28.53
C GLY B 114 38.53 11.26 27.42
N THR B 115 39.79 10.87 27.63
CA THR B 115 40.50 10.01 26.68
C THR B 115 41.15 8.86 27.44
N LEU B 116 41.08 7.66 26.88
CA LEU B 116 41.56 6.46 27.59
C LEU B 116 43.05 6.20 27.40
N VAL B 117 43.76 6.03 28.51
CA VAL B 117 45.17 5.68 28.47
C VAL B 117 45.37 4.26 28.99
N THR B 118 45.87 3.38 28.13
CA THR B 118 46.08 1.99 28.50
C THR B 118 47.56 1.64 28.53
N VAL B 119 48.05 1.19 29.68
CA VAL B 119 49.44 0.84 29.84
C VAL B 119 49.63 -0.67 29.68
N SER B 120 50.07 -1.09 28.49
CA SER B 120 50.21 -2.51 28.19
C SER B 120 51.48 -2.80 27.40
N SER B 121 52.04 -3.99 27.62
CA SER B 121 53.16 -4.47 26.82
C SER B 121 52.63 -5.03 25.51
N ALA B 122 51.34 -5.34 25.50
CA ALA B 122 50.70 -6.01 24.37
C ALA B 122 50.58 -5.09 23.16
N SER B 123 50.41 -5.67 21.98
CA SER B 123 50.33 -4.91 20.75
C SER B 123 48.88 -4.58 20.41
N THR B 124 48.68 -3.54 19.61
CA THR B 124 47.33 -3.14 19.19
C THR B 124 46.76 -4.13 18.18
N LYS B 125 45.53 -4.56 18.40
CA LYS B 125 44.85 -5.43 17.44
C LYS B 125 43.45 -4.91 17.10
N GLY B 126 43.17 -4.73 15.82
CA GLY B 126 41.88 -4.28 15.36
C GLY B 126 40.86 -5.40 15.34
N PRO B 127 39.57 -5.06 15.40
CA PRO B 127 38.52 -6.07 15.48
C PRO B 127 38.10 -6.60 14.12
N SER B 128 37.47 -7.77 14.12
CA SER B 128 36.78 -8.26 12.94
C SER B 128 35.30 -8.03 13.19
N VAL B 129 34.53 -7.73 12.15
CA VAL B 129 33.12 -7.40 12.33
C VAL B 129 32.22 -8.39 11.61
N PHE B 130 31.29 -9.00 12.35
CA PHE B 130 30.38 -9.98 11.76
C PHE B 130 28.93 -9.59 12.01
N PRO B 131 28.06 -9.82 11.01
CA PRO B 131 26.64 -9.50 11.15
C PRO B 131 25.92 -10.49 12.05
N LEU B 132 25.04 -9.97 12.89
CA LEU B 132 24.05 -10.79 13.58
C LEU B 132 22.76 -10.63 12.81
N ALA B 133 22.49 -11.57 11.90
CA ALA B 133 21.35 -11.45 10.99
C ALA B 133 20.09 -12.03 11.59
N PRO B 134 18.94 -11.36 11.35
CA PRO B 134 17.66 -11.93 11.79
C PRO B 134 17.16 -12.94 10.78
N SER B 135 16.20 -13.77 11.16
CA SER B 135 15.58 -14.68 10.21
C SER B 135 14.15 -14.27 9.93
N SER B 136 13.59 -14.75 8.82
CA SER B 136 12.18 -14.56 8.51
C SER B 136 11.34 -15.59 9.25
N LYS B 137 11.82 -15.99 10.43
CA LYS B 137 11.15 -16.99 11.26
C LYS B 137 9.95 -16.39 11.99
N SER B 138 9.72 -15.09 11.77
CA SER B 138 8.50 -14.40 12.20
C SER B 138 8.22 -14.53 13.71
N GLY B 142 6.14 -9.28 15.39
CA GLY B 142 6.02 -7.83 15.33
C GLY B 142 7.36 -7.12 15.45
N THR B 143 8.28 -7.73 16.16
CA THR B 143 9.60 -7.14 16.41
C THR B 143 10.72 -8.11 16.07
N ALA B 144 11.75 -7.61 15.37
CA ALA B 144 12.93 -8.41 15.06
C ALA B 144 14.18 -7.81 15.69
N ALA B 145 15.23 -8.61 15.82
CA ALA B 145 16.51 -8.15 16.34
C ALA B 145 17.63 -8.44 15.35
N LEU B 146 18.56 -7.50 15.22
CA LEU B 146 19.75 -7.70 14.41
C LEU B 146 20.90 -6.95 15.04
N GLY B 147 22.13 -7.25 14.64
CA GLY B 147 23.26 -6.56 15.21
C GLY B 147 24.59 -6.84 14.53
N CYS B 148 25.65 -6.36 15.17
CA CYS B 148 27.00 -6.63 14.71
C CYS B 148 27.82 -7.22 15.85
N LEU B 149 28.69 -8.17 15.52
CA LEU B 149 29.59 -8.74 16.50
C LEU B 149 30.98 -8.17 16.26
N VAL B 150 31.54 -7.52 17.28
CA VAL B 150 32.83 -6.86 17.15
C VAL B 150 33.87 -7.64 17.96
N LYS B 151 34.66 -8.45 17.27
CA LYS B 151 35.43 -9.51 17.93
C LYS B 151 36.95 -9.36 17.86
N ASP B 152 37.61 -9.76 18.95
CA ASP B 152 39.08 -9.84 19.02
C ASP B 152 39.78 -8.51 18.79
N TYR B 153 39.65 -7.58 19.73
CA TYR B 153 40.36 -6.31 19.63
C TYR B 153 41.07 -5.89 20.92
N PHE B 154 42.08 -5.04 20.77
CA PHE B 154 42.81 -4.46 21.90
C PHE B 154 43.54 -3.21 21.42
N PRO B 155 43.48 -2.14 22.24
CA PRO B 155 42.72 -2.10 23.49
C PRO B 155 41.36 -1.45 23.27
N GLU B 156 40.68 -1.15 24.36
CA GLU B 156 39.47 -0.33 24.33
C GLU B 156 39.86 1.07 23.88
N PRO B 157 38.91 1.84 23.34
CA PRO B 157 37.51 1.48 23.16
C PRO B 157 37.13 1.25 21.71
N VAL B 158 35.93 0.72 21.52
CA VAL B 158 35.31 0.63 20.20
C VAL B 158 33.98 1.37 20.25
N THR B 159 33.75 2.26 19.30
CA THR B 159 32.45 2.91 19.20
C THR B 159 31.63 2.23 18.11
N VAL B 160 30.33 2.10 18.35
CA VAL B 160 29.42 1.54 17.37
C VAL B 160 28.21 2.46 17.23
N SER B 161 27.89 2.87 16.01
CA SER B 161 26.65 3.59 15.76
C SER B 161 25.84 2.82 14.73
N TRP B 162 24.56 3.15 14.60
CA TRP B 162 23.72 2.52 13.59
C TRP B 162 23.19 3.56 12.60
N ASN B 163 23.35 3.27 11.31
CA ASN B 163 23.00 4.20 10.24
C ASN B 163 23.55 5.60 10.48
N SER B 164 24.85 5.68 10.73
CA SER B 164 25.56 6.94 10.93
C SER B 164 25.00 7.83 12.05
N GLY B 165 24.24 7.23 12.97
CA GLY B 165 23.72 7.99 14.10
C GLY B 165 22.24 8.28 14.00
N ALA B 166 21.63 7.89 12.88
CA ALA B 166 20.20 8.12 12.68
C ALA B 166 19.34 7.15 13.48
N LEU B 167 19.88 5.99 13.80
CA LEU B 167 19.16 4.98 14.58
C LEU B 167 19.72 4.86 15.99
N THR B 168 18.92 5.24 16.99
CA THR B 168 19.35 5.20 18.38
C THR B 168 18.37 4.44 19.28
N SER B 169 17.09 4.48 18.94
CA SER B 169 16.08 3.75 19.69
C SER B 169 16.24 2.23 19.56
N GLY B 170 16.12 1.52 20.67
CA GLY B 170 16.23 0.07 20.67
C GLY B 170 17.65 -0.46 20.62
N VAL B 171 18.62 0.43 20.55
CA VAL B 171 20.02 0.02 20.41
C VAL B 171 20.63 -0.38 21.76
N HIS B 172 21.31 -1.53 21.77
CA HIS B 172 22.10 -1.96 22.93
C HIS B 172 23.50 -2.32 22.48
N THR B 173 24.45 -1.45 22.77
CA THR B 173 25.86 -1.78 22.54
C THR B 173 26.41 -2.30 23.87
N PHE B 174 26.57 -3.62 23.95
CA PHE B 174 27.02 -4.25 25.19
C PHE B 174 28.43 -3.82 25.56
N PRO B 175 28.71 -3.74 26.88
CA PRO B 175 30.08 -3.48 27.33
C PRO B 175 30.97 -4.64 26.91
N ALA B 176 32.20 -4.34 26.51
CA ALA B 176 33.14 -5.36 26.09
C ALA B 176 33.42 -6.38 27.19
N VAL B 177 33.55 -7.65 26.82
CA VAL B 177 34.02 -8.67 27.75
C VAL B 177 35.42 -9.15 27.35
N LEU B 178 36.24 -9.46 28.35
CA LEU B 178 37.53 -10.07 28.08
C LEU B 178 37.32 -11.55 27.77
N GLN B 179 37.73 -11.96 26.57
CA GLN B 179 37.71 -13.36 26.20
C GLN B 179 38.95 -14.04 26.77
N SER B 180 38.97 -15.37 26.75
CA SER B 180 40.10 -16.14 27.28
C SER B 180 41.43 -15.77 26.61
N SER B 181 41.35 -15.22 25.41
CA SER B 181 42.54 -14.82 24.66
C SER B 181 43.14 -13.52 25.21
N GLY B 182 42.41 -12.84 26.09
CA GLY B 182 42.86 -11.55 26.59
C GLY B 182 42.53 -10.43 25.63
N LEU B 183 41.66 -10.73 24.66
CA LEU B 183 41.16 -9.74 23.72
C LEU B 183 39.71 -9.42 24.03
N TYR B 184 39.27 -8.21 23.69
CA TYR B 184 37.89 -7.83 23.92
C TYR B 184 36.98 -8.32 22.80
N SER B 185 35.70 -8.44 23.13
CA SER B 185 34.66 -8.68 22.14
C SER B 185 33.36 -8.07 22.67
N LEU B 186 32.56 -7.53 21.77
CA LEU B 186 31.23 -7.04 22.14
C LEU B 186 30.24 -7.28 21.00
N SER B 187 28.95 -7.26 21.32
CA SER B 187 27.92 -7.17 20.31
C SER B 187 27.17 -5.85 20.46
N SER B 188 26.74 -5.30 19.34
CA SER B 188 25.79 -4.20 19.35
C SER B 188 24.54 -4.69 18.65
N VAL B 189 23.39 -4.52 19.29
CA VAL B 189 22.13 -5.01 18.73
C VAL B 189 21.05 -3.92 18.76
N VAL B 190 20.04 -4.10 17.91
CA VAL B 190 18.92 -3.18 17.85
C VAL B 190 17.66 -3.95 17.53
N THR B 191 16.55 -3.59 18.17
CA THR B 191 15.26 -4.18 17.84
C THR B 191 14.50 -3.23 16.93
N VAL B 192 13.98 -3.77 15.84
CA VAL B 192 13.27 -2.97 14.83
C VAL B 192 11.97 -3.67 14.46
N PRO B 193 11.01 -2.94 13.87
CA PRO B 193 9.81 -3.63 13.39
C PRO B 193 10.19 -4.67 12.34
N SER B 194 9.57 -5.85 12.38
CA SER B 194 9.90 -6.91 11.45
C SER B 194 9.56 -6.52 10.02
N SER B 195 8.51 -5.71 9.86
CA SER B 195 8.07 -5.26 8.55
C SER B 195 9.09 -4.36 7.85
N SER B 196 10.10 -3.91 8.58
CA SER B 196 11.13 -3.03 8.01
C SER B 196 12.34 -3.83 7.53
N LEU B 197 12.30 -5.15 7.67
CA LEU B 197 13.47 -6.00 7.44
C LEU B 197 14.04 -5.97 6.01
N GLY B 198 13.19 -5.85 5.01
CA GLY B 198 13.69 -5.82 3.65
C GLY B 198 13.62 -4.45 3.01
N THR B 199 13.02 -3.51 3.73
CA THR B 199 12.73 -2.18 3.20
C THR B 199 13.67 -1.11 3.74
N GLN B 200 13.94 -1.17 5.04
CA GLN B 200 14.92 -0.29 5.67
C GLN B 200 16.30 -0.90 5.56
N THR B 201 17.32 -0.07 5.39
CA THR B 201 18.70 -0.57 5.40
C THR B 201 19.35 -0.35 6.77
N TYR B 202 20.00 -1.39 7.28
CA TYR B 202 20.66 -1.32 8.58
C TYR B 202 22.16 -1.54 8.46
N ILE B 203 22.93 -0.50 8.78
CA ILE B 203 24.38 -0.56 8.72
C ILE B 203 24.95 -0.24 10.10
N CYS B 204 25.84 -1.10 10.60
CA CYS B 204 26.52 -0.79 11.85
C CYS B 204 27.85 -0.12 11.54
N ASN B 205 28.11 1.00 12.22
CA ASN B 205 29.34 1.75 12.01
C ASN B 205 30.32 1.48 13.13
N VAL B 206 31.35 0.68 12.85
CA VAL B 206 32.32 0.31 13.86
C VAL B 206 33.59 1.11 13.70
N ASN B 207 34.10 1.65 14.81
CA ASN B 207 35.32 2.44 14.78
C ASN B 207 36.26 2.04 15.92
N HIS B 208 37.45 1.57 15.55
CA HIS B 208 38.48 1.25 16.54
C HIS B 208 39.77 2.02 16.23
N LYS B 209 39.85 3.22 16.78
CA LYS B 209 40.96 4.15 16.51
C LYS B 209 42.40 3.65 16.76
N PRO B 210 42.64 2.90 17.86
CA PRO B 210 44.03 2.47 18.09
C PRO B 210 44.61 1.65 16.95
N SER B 211 43.74 0.98 16.18
CA SER B 211 44.18 0.18 15.06
C SER B 211 43.83 0.86 13.74
N ASN B 212 43.31 2.09 13.85
CA ASN B 212 42.76 2.81 12.69
C ASN B 212 41.87 1.88 11.86
N THR B 213 41.01 1.14 12.56
CA THR B 213 40.05 0.26 11.92
C THR B 213 38.72 0.99 11.84
N LYS B 214 38.07 0.90 10.68
CA LYS B 214 36.80 1.55 10.44
C LYS B 214 35.98 0.65 9.53
N VAL B 215 34.85 0.17 10.03
CA VAL B 215 34.02 -0.76 9.28
C VAL B 215 32.56 -0.32 9.23
N ASP B 216 32.04 -0.17 8.02
CA ASP B 216 30.61 0.05 7.84
C ASP B 216 30.01 -1.22 7.26
N LYS B 217 29.22 -1.92 8.06
CA LYS B 217 28.71 -3.24 7.70
C LYS B 217 27.19 -3.26 7.56
N LYS B 218 26.72 -3.68 6.39
CA LYS B 218 25.29 -3.79 6.15
C LYS B 218 24.80 -5.13 6.68
N VAL B 219 23.77 -5.09 7.52
CA VAL B 219 23.26 -6.32 8.11
C VAL B 219 21.97 -6.76 7.41
N GLU B 220 22.02 -7.90 6.75
CA GLU B 220 20.91 -8.38 5.93
C GLU B 220 20.38 -9.75 6.38
N PRO B 221 19.06 -9.95 6.25
CA PRO B 221 18.33 -11.15 6.68
C PRO B 221 18.77 -12.48 6.05
N LYS B 222 20.08 -12.66 5.83
CA LYS B 222 20.65 -13.94 5.44
C LYS B 222 20.04 -14.53 4.17
N TYR C 2 42.07 13.34 53.98
CA TYR C 2 40.62 13.18 53.94
C TYR C 2 40.19 11.89 53.22
N VAL C 3 39.18 11.23 53.78
CA VAL C 3 38.55 10.09 53.13
C VAL C 3 37.02 10.22 53.21
N LEU C 4 36.37 10.14 52.06
CA LEU C 4 34.92 10.30 51.98
C LEU C 4 34.27 8.98 51.61
N THR C 5 33.50 8.41 52.53
CA THR C 5 32.86 7.13 52.29
C THR C 5 31.41 7.29 51.83
N GLN C 6 31.07 6.65 50.72
CA GLN C 6 29.70 6.61 50.24
C GLN C 6 29.24 5.16 50.20
N PRO C 7 27.92 4.94 50.35
CA PRO C 7 27.37 3.61 50.10
C PRO C 7 27.57 3.23 48.63
N PRO C 8 27.89 1.95 48.34
CA PRO C 8 28.11 1.53 46.95
C PRO C 8 26.84 1.61 46.14
N SER C 9 25.72 1.30 46.79
CA SER C 9 24.43 1.17 46.10
C SER C 9 23.29 1.82 46.87
N VAL C 10 22.35 2.40 46.13
CA VAL C 10 21.09 2.89 46.68
C VAL C 10 19.97 2.45 45.75
N SER C 11 18.98 1.75 46.30
CA SER C 11 17.84 1.31 45.50
C SER C 11 16.58 2.06 45.90
N VAL C 12 15.83 2.52 44.89
CA VAL C 12 14.68 3.40 45.10
C VAL C 12 13.58 3.11 44.08
N ALA C 13 12.33 3.04 44.55
CA ALA C 13 11.19 2.85 43.66
C ALA C 13 10.89 4.17 42.95
N PRO C 14 10.31 4.09 41.73
CA PRO C 14 10.03 5.31 40.95
C PRO C 14 9.07 6.24 41.68
N GLY C 15 9.31 7.54 41.61
CA GLY C 15 8.45 8.50 42.28
C GLY C 15 8.81 8.69 43.75
N GLN C 16 9.70 7.83 44.25
CA GLN C 16 10.14 7.94 45.63
C GLN C 16 11.48 8.64 45.74
N THR C 17 11.99 8.76 46.97
CA THR C 17 13.15 9.57 47.25
C THR C 17 14.41 8.74 47.50
N ALA C 18 15.53 9.15 46.89
CA ALA C 18 16.81 8.50 47.14
C ALA C 18 17.68 9.41 47.97
N ARG C 19 18.39 8.83 48.94
CA ARG C 19 19.32 9.59 49.77
C ARG C 19 20.71 8.96 49.72
N ILE C 20 21.69 9.78 49.35
CA ILE C 20 23.07 9.33 49.19
C ILE C 20 23.96 10.07 50.17
N THR C 21 24.73 9.32 50.96
CA THR C 21 25.53 9.92 52.02
C THR C 21 27.01 10.03 51.70
N CYS C 22 27.63 11.08 52.24
CA CYS C 22 29.06 11.29 52.13
C CYS C 22 29.60 11.39 53.55
N GLY C 23 30.32 10.36 54.00
CA GLY C 23 30.82 10.29 55.35
C GLY C 23 32.24 10.78 55.50
N GLY C 24 32.42 11.79 56.36
CA GLY C 24 33.74 12.34 56.64
C GLY C 24 33.78 12.96 58.02
N THR C 25 34.93 12.85 58.68
CA THR C 25 35.08 13.41 60.03
C THR C 25 35.03 14.93 59.98
N ASN C 26 33.98 15.49 60.58
CA ASN C 26 33.69 16.92 60.52
C ASN C 26 33.58 17.44 59.09
N ILE C 27 32.99 16.62 58.22
CA ILE C 27 32.72 16.99 56.84
C ILE C 27 31.72 18.15 56.83
N GLY C 28 30.93 18.25 57.90
CA GLY C 28 29.95 19.32 58.06
C GLY C 28 30.58 20.70 58.19
N ASP C 29 31.88 20.73 58.52
CA ASP C 29 32.59 22.00 58.69
C ASP C 29 33.10 22.55 57.36
N ILE C 30 32.96 21.79 56.29
CA ILE C 30 33.41 22.22 54.96
C ILE C 30 32.32 22.05 53.90
N SER C 31 32.54 22.61 52.71
CA SER C 31 31.55 22.55 51.65
C SER C 31 31.64 21.25 50.85
N VAL C 32 30.49 20.65 50.55
CA VAL C 32 30.42 19.43 49.77
C VAL C 32 29.72 19.69 48.45
N HIS C 33 30.22 19.07 47.38
CA HIS C 33 29.59 19.20 46.07
C HIS C 33 29.31 17.80 45.52
N TRP C 34 28.32 17.69 44.65
CA TRP C 34 27.89 16.39 44.13
C TRP C 34 27.86 16.35 42.60
N TYR C 35 28.26 15.20 42.06
CA TYR C 35 28.24 14.99 40.61
C TYR C 35 27.35 13.81 40.25
N GLN C 36 26.68 13.92 39.11
CA GLN C 36 25.96 12.79 38.54
C GLN C 36 26.78 12.28 37.37
N GLN C 37 27.07 10.97 37.37
CA GLN C 37 27.79 10.38 36.24
C GLN C 37 27.02 9.19 35.68
N ARG C 38 26.53 9.35 34.46
CA ARG C 38 25.85 8.29 33.74
C ARG C 38 26.89 7.45 32.99
N PRO C 39 26.56 6.19 32.68
CA PRO C 39 27.50 5.28 32.00
C PRO C 39 28.09 5.86 30.70
N GLY C 40 29.42 5.84 30.61
CA GLY C 40 30.11 6.33 29.43
C GLY C 40 30.12 7.84 29.31
N GLN C 41 29.88 8.52 30.43
CA GLN C 41 29.78 9.99 30.42
C GLN C 41 30.66 10.66 31.47
N ALA C 42 30.90 11.95 31.29
CA ALA C 42 31.63 12.76 32.25
C ALA C 42 30.73 13.10 33.43
N PRO C 43 31.33 13.31 34.61
CA PRO C 43 30.56 13.77 35.76
C PRO C 43 29.87 15.10 35.46
N LEU C 44 28.70 15.31 36.03
CA LEU C 44 27.98 16.58 35.91
C LEU C 44 27.58 17.03 37.30
N VAL C 45 28.03 18.22 37.70
CA VAL C 45 27.67 18.75 39.03
C VAL C 45 26.16 19.03 39.12
N VAL C 46 25.53 18.54 40.18
CA VAL C 46 24.10 18.72 40.36
C VAL C 46 23.78 19.52 41.63
N VAL C 47 24.70 19.46 42.60
CA VAL C 47 24.58 20.24 43.83
C VAL C 47 25.97 20.67 44.29
N TYR C 48 26.15 21.96 44.57
CA TYR C 48 27.43 22.45 45.09
C TYR C 48 27.21 23.34 46.31
N ASP C 49 28.29 23.62 47.03
CA ASP C 49 28.23 24.40 48.28
C ASP C 49 27.14 23.88 49.21
N ASP C 50 27.15 22.58 49.45
CA ASP C 50 26.20 21.88 50.32
C ASP C 50 24.79 21.73 49.73
N SER C 51 24.24 22.81 49.20
CA SER C 51 22.80 22.84 48.90
C SER C 51 22.38 23.75 47.74
N ASP C 52 23.33 24.27 46.99
CA ASP C 52 23.00 25.08 45.82
C ASP C 52 22.87 24.24 44.55
N ARG C 53 21.96 24.63 43.68
CA ARG C 53 21.80 23.97 42.39
C ARG C 53 22.26 24.87 41.24
N PRO C 54 23.04 24.30 40.31
CA PRO C 54 23.36 25.01 39.07
C PRO C 54 22.09 25.24 38.26
N SER C 55 22.11 26.20 37.35
CA SER C 55 20.97 26.40 36.44
C SER C 55 20.77 25.17 35.59
N GLY C 56 19.52 24.78 35.37
CA GLY C 56 19.21 23.61 34.56
C GLY C 56 19.10 22.31 35.34
N ILE C 57 19.47 22.36 36.61
CA ILE C 57 19.30 21.20 37.50
C ILE C 57 17.94 21.27 38.20
N PRO C 58 17.12 20.22 38.02
CA PRO C 58 15.78 20.12 38.61
C PRO C 58 15.79 20.30 40.13
N GLU C 59 14.72 20.87 40.69
CA GLU C 59 14.60 21.06 42.13
C GLU C 59 14.53 19.75 42.91
N ARG C 60 14.32 18.64 42.19
CA ARG C 60 14.27 17.32 42.81
C ARG C 60 15.60 17.00 43.50
N PHE C 61 16.66 17.64 43.03
CA PHE C 61 17.98 17.52 43.64
C PHE C 61 18.17 18.57 44.75
N SER C 62 18.46 18.10 45.95
CA SER C 62 18.75 19.00 47.06
C SER C 62 19.90 18.43 47.86
N GLY C 63 20.56 19.27 48.65
CA GLY C 63 21.67 18.83 49.46
C GLY C 63 21.63 19.33 50.88
N SER C 64 22.28 18.58 51.77
CA SER C 64 22.42 18.98 53.16
C SER C 64 23.74 18.46 53.68
N ASN C 65 24.35 19.19 54.60
CA ASN C 65 25.64 18.79 55.16
C ASN C 65 25.72 19.15 56.64
N SER C 66 26.03 18.15 57.47
CA SER C 66 26.08 18.35 58.92
C SER C 66 26.88 17.27 59.64
N GLY C 67 27.58 17.66 60.69
CA GLY C 67 28.34 16.73 61.53
C GLY C 67 29.38 15.93 60.76
N ASN C 68 29.12 14.64 60.62
CA ASN C 68 30.01 13.74 59.88
C ASN C 68 29.36 13.18 58.61
N THR C 69 28.31 13.84 58.13
CA THR C 69 27.53 13.31 57.01
C THR C 69 26.92 14.38 56.10
N ALA C 70 27.37 14.41 54.85
CA ALA C 70 26.70 15.20 53.81
C ALA C 70 25.70 14.29 53.09
N THR C 71 24.56 14.85 52.69
CA THR C 71 23.53 14.06 52.04
C THR C 71 23.00 14.70 50.76
N LEU C 72 23.08 13.95 49.66
CA LEU C 72 22.39 14.34 48.43
C LEU C 72 21.03 13.67 48.42
N THR C 73 19.98 14.45 48.16
CA THR C 73 18.63 13.92 48.15
C THR C 73 17.98 14.13 46.77
N ILE C 74 17.47 13.04 46.20
CA ILE C 74 16.79 13.08 44.91
C ILE C 74 15.34 12.63 45.09
N SER C 75 14.40 13.57 44.95
CA SER C 75 12.99 13.25 45.16
C SER C 75 12.33 12.90 43.83
N ARG C 76 11.23 12.16 43.90
CA ARG C 76 10.48 11.73 42.71
C ARG C 76 11.43 11.16 41.66
N VAL C 77 12.14 10.10 42.02
CA VAL C 77 13.15 9.52 41.14
C VAL C 77 12.53 8.91 39.88
N GLU C 78 13.18 9.15 38.74
CA GLU C 78 12.80 8.54 37.47
C GLU C 78 14.02 7.83 36.87
N ALA C 79 13.81 7.08 35.79
CA ALA C 79 14.88 6.29 35.19
C ALA C 79 16.10 7.12 34.80
N GLY C 80 15.87 8.36 34.41
CA GLY C 80 16.96 9.26 34.02
C GLY C 80 17.91 9.56 35.17
N ASP C 81 17.49 9.28 36.40
CA ASP C 81 18.34 9.51 37.55
C ASP C 81 19.34 8.36 37.81
N GLU C 82 19.17 7.25 37.10
CA GLU C 82 20.10 6.12 37.24
C GLU C 82 21.50 6.55 36.84
N ALA C 83 22.45 6.45 37.76
CA ALA C 83 23.80 6.95 37.57
C ALA C 83 24.67 6.64 38.77
N ASP C 84 25.95 6.98 38.66
CA ASP C 84 26.83 6.99 39.81
C ASP C 84 26.92 8.41 40.34
N TYR C 85 26.82 8.56 41.65
CA TYR C 85 26.89 9.88 42.27
C TYR C 85 28.14 10.01 43.15
N TYR C 86 28.91 11.07 42.92
CA TYR C 86 30.14 11.30 43.66
C TYR C 86 30.10 12.59 44.47
N CYS C 87 30.45 12.53 45.74
CA CYS C 87 30.61 13.73 46.55
C CYS C 87 32.05 14.23 46.40
N GLN C 88 32.26 15.51 46.69
CA GLN C 88 33.57 16.12 46.47
C GLN C 88 33.81 17.31 47.39
N VAL C 89 35.04 17.42 47.91
CA VAL C 89 35.47 18.58 48.68
C VAL C 89 36.80 19.08 48.13
N TRP C 90 37.13 20.33 48.42
CA TRP C 90 38.47 20.83 48.10
C TRP C 90 39.22 21.16 49.38
N ASP C 91 40.34 20.49 49.58
CA ASP C 91 41.15 20.68 50.78
C ASP C 91 42.15 21.82 50.59
N ASP C 92 41.86 22.97 51.20
CA ASP C 92 42.72 24.15 51.12
C ASP C 92 44.04 23.93 51.84
N SER C 93 44.03 23.04 52.83
CA SER C 93 45.23 22.69 53.58
C SER C 93 46.32 22.14 52.66
N ILE C 94 45.94 21.17 51.84
CA ILE C 94 46.89 20.46 51.00
C ILE C 94 46.72 20.74 49.52
N ASN C 95 45.85 21.71 49.20
CA ASN C 95 45.58 22.10 47.82
C ASN C 95 45.20 20.93 46.91
N ALA C 96 44.20 20.16 47.31
CA ALA C 96 43.84 18.96 46.56
C ALA C 96 42.34 18.68 46.56
N TYR C 97 41.82 18.23 45.42
CA TYR C 97 40.43 17.78 45.33
C TYR C 97 40.27 16.37 45.88
N VAL C 98 39.19 16.13 46.60
CA VAL C 98 38.91 14.81 47.15
C VAL C 98 37.52 14.35 46.74
N PHE C 99 37.43 13.21 46.05
CA PHE C 99 36.14 12.64 45.67
C PHE C 99 35.74 11.53 46.65
N GLY C 100 34.44 11.25 46.72
CA GLY C 100 33.95 10.10 47.47
C GLY C 100 34.11 8.83 46.67
N THR C 101 33.71 7.70 47.23
CA THR C 101 33.84 6.41 46.57
C THR C 101 32.81 6.17 45.47
N GLY C 102 31.72 6.91 45.53
CA GLY C 102 30.67 6.82 44.52
C GLY C 102 29.53 5.92 44.94
N THR C 103 28.32 6.27 44.48
CA THR C 103 27.12 5.54 44.84
C THR C 103 26.29 5.33 43.59
N LYS C 104 26.02 4.08 43.23
CA LYS C 104 25.15 3.82 42.08
C LYS C 104 23.69 3.83 42.51
N VAL C 105 22.90 4.64 41.84
CA VAL C 105 21.46 4.68 42.08
C VAL C 105 20.75 3.74 41.11
N THR C 106 20.05 2.76 41.67
CA THR C 106 19.30 1.78 40.88
C THR C 106 17.80 1.97 41.11
N VAL C 107 17.03 2.01 40.02
CA VAL C 107 15.60 2.23 40.13
C VAL C 107 14.84 0.93 40.02
N LEU C 108 13.97 0.66 40.99
CA LEU C 108 13.08 -0.50 40.93
C LEU C 108 12.02 -0.24 39.87
N ARG C 109 11.48 -1.31 39.29
CA ARG C 109 10.38 -1.19 38.36
C ARG C 109 9.65 -2.53 38.36
N THR C 110 8.53 -2.61 37.64
CA THR C 110 7.79 -3.85 37.53
C THR C 110 8.63 -4.94 36.87
N VAL C 111 8.22 -6.19 37.06
CA VAL C 111 8.86 -7.32 36.40
C VAL C 111 8.63 -7.23 34.90
N ALA C 112 9.69 -7.41 34.12
CA ALA C 112 9.59 -7.39 32.66
C ALA C 112 10.24 -8.63 32.08
N ALA C 113 9.46 -9.48 31.44
CA ALA C 113 9.99 -10.65 30.76
C ALA C 113 10.82 -10.23 29.55
N PRO C 114 11.97 -10.90 29.35
CA PRO C 114 12.82 -10.59 28.19
C PRO C 114 12.23 -11.05 26.87
N SER C 115 12.56 -10.35 25.79
CA SER C 115 12.37 -10.90 24.46
C SER C 115 13.67 -11.66 24.17
N VAL C 116 13.56 -12.85 23.59
CA VAL C 116 14.74 -13.66 23.33
C VAL C 116 15.02 -13.81 21.84
N PHE C 117 16.30 -13.73 21.49
CA PHE C 117 16.71 -13.83 20.10
C PHE C 117 17.99 -14.65 20.00
N ILE C 118 18.12 -15.42 18.93
CA ILE C 118 19.30 -16.24 18.71
C ILE C 118 19.92 -15.91 17.36
N PHE C 119 21.24 -15.89 17.30
CA PHE C 119 21.94 -15.53 16.07
C PHE C 119 22.98 -16.58 15.70
N PRO C 120 22.82 -17.19 14.51
CA PRO C 120 23.82 -18.14 14.01
C PRO C 120 25.08 -17.38 13.65
N PRO C 121 26.24 -18.05 13.65
CA PRO C 121 27.46 -17.37 13.22
C PRO C 121 27.37 -17.02 11.74
N SER C 122 28.05 -15.95 11.33
CA SER C 122 28.05 -15.56 9.92
C SER C 122 28.97 -16.48 9.10
N ASP C 123 28.76 -16.51 7.78
CA ASP C 123 29.61 -17.30 6.89
C ASP C 123 31.02 -16.71 6.84
N SER C 124 31.11 -15.39 6.92
CA SER C 124 32.40 -14.70 6.96
C SER C 124 33.24 -15.14 8.16
N GLN C 125 32.57 -15.43 9.27
CA GLN C 125 33.26 -15.88 10.49
C GLN C 125 33.66 -17.35 10.43
N LEU C 126 32.78 -18.19 9.87
CA LEU C 126 33.09 -19.60 9.67
C LEU C 126 34.30 -19.76 8.76
N LYS C 127 34.37 -18.91 7.75
CA LYS C 127 35.50 -18.86 6.82
C LYS C 127 36.83 -18.66 7.55
N SER C 128 36.75 -18.17 8.79
CA SER C 128 37.93 -17.94 9.62
C SER C 128 38.21 -19.08 10.60
N GLY C 129 37.33 -20.09 10.62
CA GLY C 129 37.54 -21.26 11.45
C GLY C 129 37.08 -21.14 12.89
N THR C 130 36.29 -20.12 13.18
CA THR C 130 35.70 -19.95 14.51
C THR C 130 34.21 -19.67 14.37
N ALA C 131 33.41 -20.22 15.28
CA ALA C 131 31.96 -20.00 15.26
C ALA C 131 31.46 -19.37 16.55
N SER C 132 30.78 -18.23 16.43
CA SER C 132 30.14 -17.60 17.58
C SER C 132 28.63 -17.61 17.45
N VAL C 133 27.96 -18.16 18.45
CA VAL C 133 26.50 -18.15 18.49
C VAL C 133 26.06 -17.19 19.60
N VAL C 134 25.10 -16.33 19.32
CA VAL C 134 24.71 -15.29 20.26
C VAL C 134 23.24 -15.38 20.64
N CYS C 135 22.98 -15.40 21.95
CA CYS C 135 21.63 -15.36 22.46
C CYS C 135 21.39 -13.99 23.07
N LEU C 136 20.30 -13.35 22.67
CA LEU C 136 19.99 -12.00 23.13
C LEU C 136 18.78 -11.98 24.06
N LEU C 137 18.97 -11.45 25.27
CA LEU C 137 17.86 -11.20 26.18
C LEU C 137 17.58 -9.70 26.20
N ASN C 138 16.42 -9.29 25.71
CA ASN C 138 16.17 -7.86 25.51
C ASN C 138 15.19 -7.23 26.49
N ASN C 139 15.65 -6.18 27.18
CA ASN C 139 14.81 -5.34 28.03
C ASN C 139 14.01 -6.08 29.09
N PHE C 140 14.70 -6.63 30.09
CA PHE C 140 14.04 -7.39 31.15
C PHE C 140 14.33 -6.82 32.55
N TYR C 141 13.48 -7.20 33.51
CA TYR C 141 13.68 -6.86 34.92
C TYR C 141 13.01 -7.92 35.78
N PRO C 142 13.70 -8.37 36.84
CA PRO C 142 15.02 -7.86 37.23
C PRO C 142 16.18 -8.51 36.48
N ARG C 143 17.38 -8.12 36.88
CA ARG C 143 18.65 -8.44 36.22
C ARG C 143 18.96 -9.93 36.20
N GLU C 144 18.45 -10.66 37.18
CA GLU C 144 18.79 -12.07 37.32
C GLU C 144 18.08 -12.92 36.27
N ALA C 145 18.87 -13.69 35.52
CA ALA C 145 18.33 -14.54 34.46
C ALA C 145 19.23 -15.75 34.23
N LYS C 146 18.63 -16.84 33.75
CA LYS C 146 19.39 -18.06 33.49
C LYS C 146 19.41 -18.36 32.00
N VAL C 147 20.61 -18.44 31.43
CA VAL C 147 20.78 -18.79 30.02
C VAL C 147 21.59 -20.07 29.92
N GLN C 148 21.04 -21.08 29.25
CA GLN C 148 21.77 -22.31 29.03
C GLN C 148 21.78 -22.70 27.55
N TRP C 149 22.93 -23.17 27.07
CA TRP C 149 23.06 -23.59 25.69
C TRP C 149 22.89 -25.10 25.53
N LYS C 150 22.11 -25.50 24.54
CA LYS C 150 21.95 -26.91 24.20
C LYS C 150 22.43 -27.15 22.76
N VAL C 151 23.53 -27.88 22.62
CA VAL C 151 24.04 -28.24 21.29
C VAL C 151 23.68 -29.69 20.97
N ASP C 152 22.75 -29.86 20.02
CA ASP C 152 22.14 -31.16 19.74
C ASP C 152 21.62 -31.79 21.03
N ASN C 153 20.88 -30.99 21.79
CA ASN C 153 20.28 -31.39 23.06
C ASN C 153 21.30 -31.67 24.19
N ALA C 154 22.58 -31.57 23.88
CA ALA C 154 23.61 -31.67 24.92
C ALA C 154 23.78 -30.32 25.62
N LEU C 155 23.79 -30.34 26.95
CA LEU C 155 24.01 -29.12 27.73
C LEU C 155 25.43 -28.61 27.47
N GLN C 156 25.70 -27.36 27.82
CA GLN C 156 27.02 -26.78 27.58
C GLN C 156 27.62 -26.17 28.84
N SER C 157 28.94 -26.19 28.93
CA SER C 157 29.65 -25.63 30.07
C SER C 157 31.01 -25.08 29.64
N GLY C 158 31.47 -24.05 30.34
CA GLY C 158 32.81 -23.52 30.15
C GLY C 158 33.11 -22.83 28.83
N ASN C 159 32.15 -22.82 27.91
CA ASN C 159 32.40 -22.25 26.57
C ASN C 159 31.44 -21.12 26.18
N SER C 160 31.01 -20.32 27.14
CA SER C 160 30.16 -19.17 26.83
C SER C 160 30.45 -17.99 27.77
N GLN C 161 30.24 -16.77 27.26
CA GLN C 161 30.41 -15.57 28.07
C GLN C 161 29.17 -14.69 28.02
N GLU C 162 28.91 -14.01 29.13
CA GLU C 162 27.76 -13.12 29.22
C GLU C 162 28.20 -11.68 29.38
N SER C 163 27.41 -10.77 28.82
CA SER C 163 27.59 -9.34 29.04
C SER C 163 26.24 -8.73 29.35
N VAL C 164 26.21 -7.81 30.31
CA VAL C 164 24.96 -7.16 30.70
C VAL C 164 25.11 -5.64 30.58
N THR C 165 24.09 -5.00 30.01
CA THR C 165 24.06 -3.54 29.91
C THR C 165 23.81 -2.92 31.29
N GLU C 166 24.16 -1.64 31.42
CA GLU C 166 23.75 -0.86 32.59
C GLU C 166 22.25 -0.71 32.56
N GLN C 167 21.65 -0.26 33.65
CA GLN C 167 20.21 -0.03 33.67
C GLN C 167 19.84 1.01 32.61
N ASP C 168 18.79 0.72 31.83
CA ASP C 168 18.37 1.62 30.76
C ASP C 168 17.81 2.93 31.31
N SER C 169 18.28 4.05 30.76
CA SER C 169 17.96 5.37 31.31
C SER C 169 16.51 5.83 31.07
N LYS C 170 15.69 5.01 30.43
CA LYS C 170 14.29 5.36 30.17
C LYS C 170 13.28 4.37 30.75
N ASP C 171 13.55 3.08 30.61
CA ASP C 171 12.59 2.06 31.04
C ASP C 171 13.09 1.19 32.22
N SER C 172 14.31 1.47 32.66
CA SER C 172 14.90 0.84 33.84
C SER C 172 15.10 -0.68 33.71
N THR C 173 15.11 -1.20 32.48
CA THR C 173 15.37 -2.62 32.28
C THR C 173 16.85 -2.90 32.03
N TYR C 174 17.18 -4.18 31.92
CA TYR C 174 18.52 -4.61 31.57
C TYR C 174 18.45 -5.42 30.29
N SER C 175 19.59 -5.55 29.61
CA SER C 175 19.69 -6.43 28.46
C SER C 175 20.93 -7.29 28.60
N LEU C 176 20.87 -8.51 28.05
CA LEU C 176 21.95 -9.47 28.22
C LEU C 176 22.25 -10.21 26.91
N SER C 177 23.54 -10.41 26.65
CA SER C 177 23.96 -11.24 25.54
C SER C 177 24.78 -12.41 26.07
N SER C 178 24.52 -13.60 25.54
CA SER C 178 25.32 -14.78 25.85
C SER C 178 25.93 -15.27 24.55
N THR C 179 27.24 -15.49 24.55
CA THR C 179 27.93 -15.89 23.33
C THR C 179 28.61 -17.24 23.44
N LEU C 180 28.15 -18.18 22.63
CA LEU C 180 28.74 -19.53 22.57
C LEU C 180 29.81 -19.56 21.49
N THR C 181 31.05 -19.85 21.89
CA THR C 181 32.17 -19.85 20.95
C THR C 181 32.69 -21.27 20.66
N LEU C 182 32.44 -21.74 19.45
CA LEU C 182 32.90 -23.06 19.03
C LEU C 182 33.93 -22.94 17.91
N SER C 183 34.59 -24.05 17.59
CA SER C 183 35.45 -24.12 16.42
C SER C 183 34.58 -24.38 15.19
N LYS C 184 35.11 -24.10 14.01
CA LYS C 184 34.42 -24.46 12.77
C LYS C 184 34.19 -25.95 12.76
N ALA C 185 35.18 -26.70 13.25
CA ALA C 185 35.08 -28.15 13.37
C ALA C 185 33.83 -28.58 14.15
N ASP C 186 33.83 -28.31 15.45
CA ASP C 186 32.74 -28.72 16.33
C ASP C 186 31.38 -28.18 15.91
N TYR C 187 31.36 -26.93 15.45
CA TYR C 187 30.11 -26.33 14.96
C TYR C 187 29.53 -27.11 13.79
N GLU C 188 30.39 -27.45 12.82
CA GLU C 188 29.93 -28.11 11.59
C GLU C 188 29.38 -29.51 11.81
N LYS C 189 29.84 -30.18 12.88
CA LYS C 189 29.36 -31.51 13.22
C LYS C 189 27.89 -31.45 13.63
N HIS C 190 27.64 -30.78 14.74
CA HIS C 190 26.32 -30.75 15.34
C HIS C 190 25.27 -30.00 14.52
N LYS C 191 24.00 -30.20 14.86
CA LYS C 191 22.89 -29.74 14.04
C LYS C 191 21.98 -28.75 14.77
N VAL C 192 21.70 -29.03 16.04
CA VAL C 192 20.76 -28.21 16.79
C VAL C 192 21.44 -27.27 17.79
N TYR C 193 21.11 -25.99 17.67
CA TYR C 193 21.65 -24.98 18.57
C TYR C 193 20.50 -24.23 19.22
N ALA C 194 20.54 -24.15 20.55
CA ALA C 194 19.41 -23.60 21.30
C ALA C 194 19.86 -22.92 22.59
N CYS C 195 19.31 -21.74 22.84
CA CYS C 195 19.47 -21.11 24.14
C CYS C 195 18.16 -21.18 24.91
N GLU C 196 18.25 -21.56 26.18
CA GLU C 196 17.09 -21.71 27.03
C GLU C 196 17.14 -20.65 28.12
N VAL C 197 16.12 -19.81 28.16
CA VAL C 197 16.11 -18.68 29.09
C VAL C 197 15.11 -18.87 30.21
N THR C 198 15.60 -18.80 31.45
CA THR C 198 14.72 -18.82 32.62
C THR C 198 14.71 -17.44 33.27
N HIS C 199 13.54 -16.82 33.33
CA HIS C 199 13.40 -15.53 34.01
C HIS C 199 12.09 -15.49 34.77
N GLN C 200 12.10 -14.80 35.91
CA GLN C 200 10.92 -14.63 36.74
C GLN C 200 9.70 -14.13 35.96
N GLY C 201 9.95 -13.36 34.91
CA GLY C 201 8.88 -12.82 34.08
C GLY C 201 8.28 -13.85 33.14
N LEU C 202 8.90 -15.02 33.07
CA LEU C 202 8.39 -16.11 32.23
C LEU C 202 7.76 -17.21 33.09
N SER C 203 6.58 -17.67 32.69
CA SER C 203 5.91 -18.77 33.37
C SER C 203 6.77 -20.03 33.32
N SER C 204 7.22 -20.39 32.12
CA SER C 204 8.11 -21.51 31.93
C SER C 204 9.21 -21.09 30.96
N PRO C 205 10.42 -21.66 31.11
CA PRO C 205 11.60 -21.31 30.30
C PRO C 205 11.31 -21.16 28.82
N VAL C 206 11.91 -20.14 28.21
CA VAL C 206 11.76 -19.89 26.78
C VAL C 206 12.98 -20.43 26.05
N THR C 207 12.76 -21.15 24.95
CA THR C 207 13.87 -21.68 24.16
C THR C 207 13.83 -21.10 22.75
N LYS C 208 14.96 -20.56 22.33
CA LYS C 208 15.14 -20.10 20.95
C LYS C 208 16.17 -21.00 20.30
N SER C 209 15.92 -21.40 19.06
CA SER C 209 16.78 -22.38 18.41
C SER C 209 16.86 -22.27 16.90
N PHE C 210 17.97 -22.74 16.35
CA PHE C 210 18.15 -22.87 14.90
C PHE C 210 18.83 -24.19 14.56
N ASN C 211 18.91 -24.49 13.26
CA ASN C 211 19.49 -25.75 12.78
C ASN C 211 20.80 -25.55 12.01
N ARG C 212 20.68 -25.30 10.71
CA ARG C 212 21.85 -25.12 9.86
C ARG C 212 21.42 -24.66 8.46
N GLY C 213 20.11 -24.67 8.24
CA GLY C 213 19.55 -24.29 6.95
C GLY C 213 18.27 -23.49 7.07
N ALA D 1 32.23 24.25 -45.88
CA ALA D 1 31.32 23.20 -45.43
C ALA D 1 32.08 21.99 -44.90
N ARG D 2 31.55 21.39 -43.85
CA ARG D 2 32.12 20.17 -43.29
C ARG D 2 31.25 18.98 -43.71
N THR D 3 31.35 18.62 -44.99
CA THR D 3 30.57 17.53 -45.56
C THR D 3 31.41 16.28 -45.74
N LYS D 4 30.75 15.13 -45.81
CA LYS D 4 31.44 13.87 -46.07
C LYS D 4 31.82 13.76 -47.54
N GLN D 5 33.08 13.39 -47.79
CA GLN D 5 33.47 12.98 -49.12
C GLN D 5 33.64 11.48 -49.10
N THR D 6 33.57 10.87 -50.27
CA THR D 6 33.73 9.41 -50.42
C THR D 6 35.01 8.92 -49.75
N ALA D 7 34.95 7.74 -49.14
CA ALA D 7 36.12 7.12 -48.56
C ALA D 7 37.02 6.52 -49.65
N ARG D 8 36.57 6.64 -50.90
CA ARG D 8 37.33 6.21 -52.07
C ARG D 8 37.76 4.75 -52.01
N M3L D 9 36.93 3.93 -51.36
CA M3L D 9 37.19 2.48 -51.24
CB M3L D 9 36.50 1.91 -49.95
CG M3L D 9 37.57 1.68 -48.86
CD M3L D 9 37.03 2.08 -47.46
CE M3L D 9 36.13 0.98 -46.91
NZ M3L D 9 36.57 0.51 -45.57
C M3L D 9 36.79 1.78 -52.53
O M3L D 9 37.24 0.62 -52.79
CM1 M3L D 9 37.95 0.12 -45.61
CM2 M3L D 9 36.39 1.54 -44.56
CM3 M3L D 9 35.78 -0.60 -45.22
N SER D 10 35.97 2.44 -53.33
CA SER D 10 35.43 1.81 -54.54
C SER D 10 35.55 2.70 -55.78
N THR D 11 36.35 2.23 -56.75
CA THR D 11 36.47 2.88 -58.06
C THR D 11 37.23 1.99 -59.05
N GLU E 1 43.63 -20.96 -31.52
CA GLU E 1 43.02 -20.75 -32.84
C GLU E 1 42.69 -19.29 -33.09
N VAL E 2 42.18 -19.01 -34.29
CA VAL E 2 41.81 -17.64 -34.68
C VAL E 2 40.48 -17.26 -34.05
N GLN E 3 40.49 -16.26 -33.16
CA GLN E 3 39.26 -15.86 -32.48
C GLN E 3 39.23 -14.40 -32.02
N LEU E 4 38.03 -13.91 -31.79
CA LEU E 4 37.81 -12.58 -31.21
C LEU E 4 36.97 -12.78 -29.95
N VAL E 5 37.34 -12.11 -28.86
CA VAL E 5 36.58 -12.24 -27.62
C VAL E 5 36.21 -10.88 -27.06
N GLU E 6 34.91 -10.55 -27.13
CA GLU E 6 34.43 -9.27 -26.60
C GLU E 6 34.19 -9.39 -25.09
N THR E 7 34.43 -8.30 -24.36
CA THR E 7 34.14 -8.24 -22.93
C THR E 7 33.65 -6.84 -22.57
N GLY E 8 33.10 -6.70 -21.36
CA GLY E 8 32.72 -5.39 -20.86
C GLY E 8 31.24 -5.10 -20.97
N GLY E 9 30.49 -6.05 -21.52
CA GLY E 9 29.06 -5.88 -21.65
C GLY E 9 28.36 -5.97 -20.31
N GLY E 10 27.08 -5.61 -20.28
CA GLY E 10 26.31 -5.65 -19.05
C GLY E 10 25.21 -4.62 -19.06
N VAL E 11 24.74 -4.26 -17.87
CA VAL E 11 23.63 -3.31 -17.73
C VAL E 11 24.14 -1.91 -17.44
N VAL E 12 23.64 -0.95 -18.20
CA VAL E 12 24.02 0.45 -18.04
C VAL E 12 22.77 1.34 -18.02
N GLN E 13 22.71 2.26 -17.07
CA GLN E 13 21.58 3.18 -17.00
C GLN E 13 21.63 4.21 -18.12
N PRO E 14 20.45 4.62 -18.62
CA PRO E 14 20.34 5.62 -19.70
C PRO E 14 21.16 6.87 -19.39
N GLY E 15 21.89 7.38 -20.37
CA GLY E 15 22.72 8.55 -20.17
C GLY E 15 24.14 8.21 -19.74
N ARG E 16 24.33 7.03 -19.17
CA ARG E 16 25.66 6.63 -18.67
C ARG E 16 26.59 6.08 -19.75
N SER E 17 27.78 5.67 -19.31
CA SER E 17 28.86 5.26 -20.21
C SER E 17 29.21 3.79 -20.10
N LEU E 18 29.77 3.23 -21.17
CA LEU E 18 30.25 1.86 -21.16
C LEU E 18 31.43 1.69 -22.12
N ARG E 19 32.43 0.91 -21.70
CA ARG E 19 33.57 0.63 -22.57
C ARG E 19 33.70 -0.85 -22.87
N LEU E 20 33.65 -1.20 -24.15
CA LEU E 20 33.81 -2.58 -24.56
C LEU E 20 35.26 -2.85 -24.98
N SER E 21 35.70 -4.07 -24.77
CA SER E 21 37.01 -4.51 -25.26
C SER E 21 36.84 -5.72 -26.16
N CYS E 22 37.77 -5.87 -27.09
CA CYS E 22 37.84 -7.07 -27.92
C CYS E 22 39.28 -7.55 -27.96
N THR E 23 39.51 -8.81 -27.59
CA THR E 23 40.85 -9.37 -27.63
C THR E 23 40.99 -10.33 -28.80
N ALA E 24 41.98 -10.07 -29.65
CA ALA E 24 42.23 -10.93 -30.81
C ALA E 24 43.29 -11.98 -30.50
N SER E 25 43.13 -13.18 -31.06
CA SER E 25 44.10 -14.26 -30.92
C SER E 25 44.28 -15.01 -32.23
N GLY E 26 45.45 -15.61 -32.42
CA GLY E 26 45.69 -16.49 -33.56
C GLY E 26 45.94 -15.84 -34.91
N PHE E 27 46.02 -14.51 -34.95
CA PHE E 27 46.34 -13.82 -36.21
C PHE E 27 47.07 -12.49 -35.97
N THR E 28 47.68 -11.95 -37.02
CA THR E 28 48.40 -10.68 -36.91
C THR E 28 47.43 -9.50 -36.89
N PHE E 29 47.07 -9.07 -35.68
CA PHE E 29 46.04 -8.07 -35.44
C PHE E 29 46.29 -6.72 -36.12
N ARG E 30 47.54 -6.31 -36.16
CA ARG E 30 47.89 -4.99 -36.71
C ARG E 30 47.78 -4.88 -38.23
N ASP E 31 47.51 -6.00 -38.89
CA ASP E 31 47.37 -6.00 -40.34
C ASP E 31 45.93 -5.69 -40.80
N TYR E 32 44.99 -5.65 -39.86
CA TYR E 32 43.59 -5.59 -40.23
C TYR E 32 42.80 -4.35 -39.77
N TRP E 33 41.87 -3.94 -40.63
CA TRP E 33 40.77 -3.09 -40.19
C TRP E 33 39.91 -3.90 -39.23
N MET E 34 39.45 -3.27 -38.15
CA MET E 34 38.60 -3.94 -37.18
C MET E 34 37.31 -3.14 -36.96
N SER E 35 36.20 -3.85 -36.84
CA SER E 35 34.89 -3.21 -36.70
C SER E 35 34.15 -3.62 -35.43
N TRP E 36 33.19 -2.79 -35.06
CA TRP E 36 32.15 -3.19 -34.11
C TRP E 36 30.84 -3.27 -34.89
N VAL E 37 30.13 -4.38 -34.73
CA VAL E 37 28.80 -4.54 -35.31
C VAL E 37 27.83 -4.91 -34.18
N ARG E 38 26.62 -4.36 -34.23
CA ARG E 38 25.64 -4.62 -33.18
C ARG E 38 24.31 -5.18 -33.71
N GLN E 39 23.56 -5.84 -32.83
CA GLN E 39 22.28 -6.41 -33.18
C GLN E 39 21.31 -6.29 -32.00
N ALA E 40 20.31 -5.42 -32.13
CA ALA E 40 19.26 -5.34 -31.12
C ALA E 40 18.50 -6.65 -31.12
N PRO E 41 18.08 -7.10 -29.93
CA PRO E 41 17.34 -8.36 -29.77
C PRO E 41 16.15 -8.50 -30.73
N GLY E 42 16.16 -9.56 -31.54
CA GLY E 42 15.08 -9.80 -32.48
C GLY E 42 15.11 -8.91 -33.71
N LYS E 43 16.19 -8.17 -33.88
CA LYS E 43 16.32 -7.24 -34.98
C LYS E 43 17.49 -7.60 -35.89
N GLY E 44 17.81 -6.72 -36.85
CA GLY E 44 18.85 -7.00 -37.81
C GLY E 44 20.25 -6.55 -37.40
N LEU E 45 21.20 -6.71 -38.32
CA LEU E 45 22.59 -6.33 -38.07
C LEU E 45 22.82 -4.85 -38.34
N GLU E 46 23.56 -4.19 -37.46
CA GLU E 46 23.93 -2.80 -37.69
C GLU E 46 25.42 -2.57 -37.40
N TRP E 47 26.17 -2.22 -38.44
CA TRP E 47 27.56 -1.81 -38.29
C TRP E 47 27.64 -0.52 -37.49
N VAL E 48 28.63 -0.41 -36.62
CA VAL E 48 28.73 0.75 -35.72
C VAL E 48 29.92 1.65 -36.04
N ALA E 49 31.11 1.06 -36.04
CA ALA E 49 32.34 1.82 -36.21
C ALA E 49 33.45 0.91 -36.69
N ASP E 50 34.44 1.48 -37.36
CA ASP E 50 35.66 0.73 -37.66
C ASP E 50 36.91 1.60 -37.59
N ILE E 51 38.06 0.96 -37.49
CA ILE E 51 39.32 1.67 -37.33
C ILE E 51 40.38 0.97 -38.17
N ASN E 52 41.23 1.77 -38.81
CA ASN E 52 42.26 1.26 -39.71
C ASN E 52 43.43 0.68 -38.90
N PRO E 53 44.27 -0.17 -39.53
CA PRO E 53 45.34 -0.86 -38.80
C PRO E 53 46.25 0.06 -37.97
N ASP E 54 46.51 1.27 -38.47
CA ASP E 54 47.37 2.21 -37.77
C ASP E 54 46.64 2.95 -36.64
N GLY E 55 45.31 2.95 -36.69
CA GLY E 55 44.52 3.55 -35.63
C GLY E 55 44.19 5.02 -35.86
N ILE E 56 44.47 5.52 -37.07
CA ILE E 56 44.25 6.94 -37.37
C ILE E 56 43.03 7.23 -38.28
N THR E 57 42.62 6.26 -39.09
CA THR E 57 41.42 6.43 -39.91
C THR E 57 40.24 5.70 -39.26
N ARG E 58 39.12 6.41 -39.08
CA ARG E 58 37.96 5.86 -38.39
C ARG E 58 36.63 6.26 -39.05
N TYR E 59 35.68 5.35 -39.07
CA TYR E 59 34.34 5.66 -39.57
C TYR E 59 33.26 5.28 -38.57
N TYR E 60 32.19 6.08 -38.53
CA TYR E 60 31.06 5.84 -37.65
C TYR E 60 29.76 6.02 -38.41
N ILE E 61 28.71 5.33 -37.98
CA ILE E 61 27.37 5.64 -38.46
C ILE E 61 26.90 6.90 -37.74
N ASP E 62 25.95 7.62 -38.35
CA ASP E 62 25.44 8.86 -37.77
C ASP E 62 24.82 8.67 -36.38
N ALA E 63 24.20 7.52 -36.15
CA ALA E 63 23.48 7.25 -34.90
C ALA E 63 24.37 7.26 -33.65
N VAL E 64 25.67 7.11 -33.84
CA VAL E 64 26.60 7.06 -32.70
C VAL E 64 27.66 8.18 -32.77
N LYS E 65 27.48 9.08 -33.72
CA LYS E 65 28.34 10.25 -33.90
C LYS E 65 28.47 11.08 -32.62
N GLY E 66 29.71 11.32 -32.19
CA GLY E 66 29.95 12.16 -31.01
C GLY E 66 29.73 11.47 -29.68
N ARG E 67 29.18 10.26 -29.73
CA ARG E 67 28.93 9.50 -28.52
C ARG E 67 29.89 8.31 -28.39
N PHE E 68 30.15 7.66 -29.52
CA PHE E 68 31.02 6.49 -29.54
C PHE E 68 32.40 6.82 -30.09
N THR E 69 33.42 6.25 -29.46
CA THR E 69 34.79 6.42 -29.92
C THR E 69 35.43 5.04 -30.01
N ILE E 70 35.94 4.72 -31.19
CA ILE E 70 36.63 3.45 -31.39
C ILE E 70 38.15 3.65 -31.34
N SER E 71 38.86 2.70 -30.76
CA SER E 71 40.32 2.77 -30.67
C SER E 71 40.92 1.36 -30.65
N ARG E 72 42.24 1.27 -30.79
CA ARG E 72 42.91 -0.03 -30.76
C ARG E 72 44.29 0.01 -30.10
N ASP E 73 44.72 -1.12 -29.55
CA ASP E 73 46.04 -1.27 -28.96
C ASP E 73 46.69 -2.48 -29.62
N ASN E 74 47.49 -2.23 -30.66
CA ASN E 74 48.07 -3.30 -31.46
C ASN E 74 49.03 -4.22 -30.70
N ALA E 75 49.71 -3.66 -29.70
CA ALA E 75 50.60 -4.46 -28.86
C ALA E 75 49.82 -5.43 -27.97
N LYS E 76 48.56 -5.10 -27.69
CA LYS E 76 47.72 -5.97 -26.87
C LYS E 76 46.72 -6.73 -27.74
N SER E 77 46.82 -6.55 -29.05
CA SER E 77 45.90 -7.18 -30.01
C SER E 77 44.46 -6.91 -29.60
N SER E 78 44.19 -5.65 -29.26
CA SER E 78 42.91 -5.31 -28.66
C SER E 78 42.19 -4.17 -29.35
N LEU E 79 40.86 -4.28 -29.39
CA LEU E 79 39.99 -3.25 -29.95
C LEU E 79 39.11 -2.69 -28.83
N TYR E 80 38.79 -1.41 -28.89
CA TYR E 80 37.95 -0.81 -27.86
C TYR E 80 36.79 0.01 -28.44
N LEU E 81 35.68 0.03 -27.71
CA LEU E 81 34.57 0.91 -28.04
C LEU E 81 34.14 1.65 -26.78
N GLN E 82 34.38 2.96 -26.76
CA GLN E 82 33.92 3.81 -25.67
C GLN E 82 32.54 4.35 -26.01
N MET E 83 31.54 3.98 -25.22
CA MET E 83 30.16 4.36 -25.51
C MET E 83 29.59 5.32 -24.46
N ASN E 84 29.33 6.56 -24.87
CA ASN E 84 28.77 7.57 -23.96
C ASN E 84 27.33 7.95 -24.33
N SER E 85 26.60 8.49 -23.34
CA SER E 85 25.24 8.95 -23.56
C SER E 85 24.34 7.85 -24.15
N LEU E 86 24.40 6.68 -23.54
CA LEU E 86 23.64 5.54 -24.03
C LEU E 86 22.13 5.70 -23.86
N GLY E 87 21.38 5.16 -24.82
CA GLY E 87 19.93 5.13 -24.76
C GLY E 87 19.40 3.75 -25.11
N ALA E 88 18.08 3.57 -25.09
CA ALA E 88 17.47 2.27 -25.36
C ALA E 88 17.77 1.77 -26.77
N GLU E 89 17.97 2.69 -27.71
CA GLU E 89 18.28 2.33 -29.09
C GLU E 89 19.66 1.71 -29.20
N ASP E 90 20.42 1.72 -28.10
CA ASP E 90 21.77 1.18 -28.08
C ASP E 90 21.81 -0.23 -27.48
N THR E 91 20.72 -0.64 -26.84
CA THR E 91 20.62 -2.00 -26.31
C THR E 91 20.77 -3.00 -27.45
N ALA E 92 21.77 -3.88 -27.32
CA ALA E 92 22.13 -4.81 -28.39
C ALA E 92 23.22 -5.77 -27.95
N VAL E 93 23.44 -6.81 -28.76
CA VAL E 93 24.65 -7.61 -28.64
C VAL E 93 25.69 -6.87 -29.47
N TYR E 94 26.89 -6.68 -28.92
CA TYR E 94 27.95 -6.01 -29.67
C TYR E 94 29.02 -6.98 -30.12
N TYR E 95 29.27 -7.01 -31.43
CA TYR E 95 30.23 -7.93 -32.03
C TYR E 95 31.52 -7.23 -32.44
N CYS E 96 32.64 -7.88 -32.14
CA CYS E 96 33.92 -7.49 -32.71
C CYS E 96 34.04 -8.22 -34.05
N ALA E 97 34.45 -7.52 -35.09
CA ALA E 97 34.57 -8.15 -36.42
C ALA E 97 35.80 -7.70 -37.20
N ARG E 98 36.47 -8.66 -37.84
CA ARG E 98 37.62 -8.37 -38.68
C ARG E 98 37.19 -8.11 -40.12
N GLU E 99 37.85 -7.15 -40.78
CA GLU E 99 37.50 -6.82 -42.16
C GLU E 99 38.43 -7.49 -43.16
N PHE E 100 37.86 -7.94 -44.27
CA PHE E 100 38.61 -8.59 -45.33
C PHE E 100 38.50 -7.80 -46.62
N HIS E 101 39.63 -7.62 -47.30
CA HIS E 101 39.66 -6.99 -48.61
C HIS E 101 40.59 -7.77 -49.51
N SER E 102 40.14 -8.06 -50.74
CA SER E 102 41.01 -8.74 -51.70
C SER E 102 40.88 -8.15 -53.11
N GLY E 103 40.92 -6.83 -53.19
CA GLY E 103 40.96 -6.14 -54.47
C GLY E 103 39.61 -5.98 -55.15
N LEU E 104 38.54 -6.27 -54.42
CA LEU E 104 37.22 -6.27 -55.01
C LEU E 104 36.17 -5.62 -54.09
N GLY E 105 36.18 -6.03 -52.82
CA GLY E 105 35.20 -5.53 -51.88
C GLY E 105 35.58 -5.77 -50.42
N TRP E 106 34.74 -5.27 -49.51
CA TRP E 106 34.99 -5.38 -48.08
C TRP E 106 33.88 -6.13 -47.37
N HIS E 107 34.24 -7.16 -46.61
CA HIS E 107 33.27 -7.93 -45.83
C HIS E 107 33.90 -8.39 -44.52
N PHE E 108 33.08 -8.91 -43.61
CA PHE E 108 33.57 -9.40 -42.32
C PHE E 108 33.84 -10.90 -42.36
N ASP E 109 35.09 -11.30 -42.16
CA ASP E 109 35.50 -12.69 -42.27
C ASP E 109 35.75 -13.35 -40.92
N LEU E 110 35.50 -12.62 -39.83
CA LEU E 110 35.71 -13.14 -38.48
C LEU E 110 34.86 -12.39 -37.45
N TRP E 111 34.22 -13.14 -36.55
CA TRP E 111 33.36 -12.55 -35.52
C TRP E 111 33.62 -13.16 -34.16
N GLY E 112 33.35 -12.39 -33.11
CA GLY E 112 33.33 -12.95 -31.77
C GLY E 112 31.91 -13.42 -31.48
N ARG E 113 31.68 -13.95 -30.28
CA ARG E 113 30.35 -14.41 -29.92
C ARG E 113 29.47 -13.23 -29.54
N GLY E 114 30.08 -12.07 -29.32
CA GLY E 114 29.36 -10.86 -28.96
C GLY E 114 29.17 -10.69 -27.47
N THR E 115 29.00 -9.45 -27.02
CA THR E 115 28.72 -9.18 -25.61
C THR E 115 27.44 -8.35 -25.49
N LEU E 116 26.56 -8.72 -24.56
CA LEU E 116 25.24 -8.08 -24.47
C LEU E 116 25.26 -6.79 -23.67
N VAL E 117 24.72 -5.72 -24.27
CA VAL E 117 24.62 -4.42 -23.61
C VAL E 117 23.17 -4.02 -23.43
N THR E 118 22.74 -3.93 -22.17
CA THR E 118 21.35 -3.58 -21.86
C THR E 118 21.27 -2.18 -21.25
N VAL E 119 20.59 -1.27 -21.93
CA VAL E 119 20.42 0.09 -21.43
C VAL E 119 19.09 0.22 -20.72
N SER E 120 19.10 0.08 -19.40
CA SER E 120 17.87 0.10 -18.62
C SER E 120 18.13 0.57 -17.20
N SER E 121 17.12 1.19 -16.59
CA SER E 121 17.21 1.63 -15.21
C SER E 121 16.73 0.54 -14.26
N ALA E 122 16.29 -0.58 -14.84
CA ALA E 122 15.81 -1.71 -14.05
C ALA E 122 16.92 -2.29 -13.17
N SER E 123 16.57 -2.76 -11.99
CA SER E 123 17.55 -3.35 -11.08
C SER E 123 17.67 -4.85 -11.34
N THR E 124 18.89 -5.37 -11.22
CA THR E 124 19.12 -6.81 -11.33
C THR E 124 18.20 -7.58 -10.38
N LYS E 125 17.39 -8.47 -10.94
CA LYS E 125 16.43 -9.25 -10.15
C LYS E 125 16.40 -10.70 -10.62
N GLY E 126 16.45 -11.63 -9.66
CA GLY E 126 16.33 -13.04 -9.99
C GLY E 126 14.91 -13.42 -10.33
N PRO E 127 14.74 -14.50 -11.12
CA PRO E 127 13.41 -14.96 -11.54
C PRO E 127 12.67 -15.70 -10.44
N SER E 128 11.34 -15.59 -10.43
CA SER E 128 10.50 -16.46 -9.62
C SER E 128 10.03 -17.62 -10.50
N VAL E 129 10.20 -18.86 -10.01
CA VAL E 129 9.88 -20.03 -10.82
C VAL E 129 8.57 -20.72 -10.39
N PHE E 130 7.63 -20.83 -11.32
CA PHE E 130 6.33 -21.44 -11.02
C PHE E 130 6.06 -22.65 -11.90
N PRO E 131 5.43 -23.69 -11.33
CA PRO E 131 5.19 -24.95 -12.05
C PRO E 131 4.02 -24.84 -13.02
N LEU E 132 4.21 -25.35 -14.23
CA LEU E 132 3.10 -25.59 -15.14
C LEU E 132 2.69 -27.05 -14.96
N ALA E 133 1.70 -27.27 -14.10
CA ALA E 133 1.36 -28.61 -13.63
C ALA E 133 0.64 -29.49 -14.65
N PRO E 134 1.01 -30.78 -14.70
CA PRO E 134 0.37 -31.77 -15.57
C PRO E 134 -1.13 -31.86 -15.29
N SER E 135 -1.93 -31.81 -16.36
CA SER E 135 -3.38 -31.97 -16.23
C SER E 135 -3.72 -33.34 -15.70
N SER E 136 -4.66 -33.40 -14.75
CA SER E 136 -5.13 -34.66 -14.21
C SER E 136 -6.02 -35.39 -15.23
N LYS E 137 -6.69 -34.61 -16.07
CA LYS E 137 -7.60 -35.14 -17.08
C LYS E 137 -6.89 -35.33 -18.43
N GLY E 142 -0.30 -42.02 -22.55
CA GLY E 142 -0.58 -40.91 -23.45
C GLY E 142 0.52 -39.86 -23.44
N THR E 143 0.20 -38.66 -23.93
CA THR E 143 1.16 -37.56 -23.93
C THR E 143 0.72 -36.46 -22.96
N ALA E 144 1.53 -36.22 -21.93
CA ALA E 144 1.28 -35.13 -20.99
C ALA E 144 2.29 -34.01 -21.17
N ALA E 145 1.83 -32.77 -20.98
CA ALA E 145 2.73 -31.62 -21.02
C ALA E 145 2.85 -30.95 -19.65
N LEU E 146 4.08 -30.63 -19.27
CA LEU E 146 4.31 -29.86 -18.04
C LEU E 146 5.46 -28.88 -18.28
N GLY E 147 5.68 -27.98 -17.33
CA GLY E 147 6.76 -27.03 -17.49
C GLY E 147 7.00 -26.08 -16.33
N CYS E 148 7.79 -25.05 -16.60
CA CYS E 148 8.13 -24.04 -15.61
C CYS E 148 7.94 -22.63 -16.17
N LEU E 149 7.24 -21.80 -15.41
CA LEU E 149 7.14 -20.38 -15.72
C LEU E 149 8.28 -19.65 -15.03
N VAL E 150 9.13 -19.00 -15.82
CA VAL E 150 10.28 -18.26 -15.29
C VAL E 150 9.99 -16.77 -15.41
N LYS E 151 9.58 -16.15 -14.30
CA LYS E 151 8.90 -14.87 -14.34
C LYS E 151 9.65 -13.72 -13.64
N ASP E 152 9.58 -12.54 -14.25
CA ASP E 152 10.06 -11.31 -13.63
C ASP E 152 11.54 -11.32 -13.24
N TYR E 153 12.42 -11.50 -14.23
CA TYR E 153 13.85 -11.41 -13.99
C TYR E 153 14.46 -10.27 -14.81
N PHE E 154 15.66 -9.85 -14.42
CA PHE E 154 16.42 -8.86 -15.17
C PHE E 154 17.89 -8.90 -14.75
N PRO E 155 18.80 -8.81 -15.73
CA PRO E 155 18.50 -8.75 -17.16
C PRO E 155 18.59 -10.14 -17.79
N GLU E 156 18.54 -10.20 -19.11
CA GLU E 156 18.89 -11.40 -19.85
C GLU E 156 20.37 -11.75 -19.59
N PRO E 157 20.74 -13.04 -19.75
CA PRO E 157 19.92 -14.17 -20.15
C PRO E 157 19.63 -15.09 -18.97
N VAL E 158 18.87 -16.14 -19.25
CA VAL E 158 18.59 -17.17 -18.26
C VAL E 158 18.61 -18.52 -18.99
N THR E 159 19.14 -19.56 -18.33
CA THR E 159 19.16 -20.88 -18.93
C THR E 159 18.18 -21.79 -18.19
N VAL E 160 17.56 -22.69 -18.95
CA VAL E 160 16.69 -23.70 -18.35
C VAL E 160 17.12 -25.08 -18.85
N SER E 161 17.22 -26.02 -17.93
CA SER E 161 17.46 -27.42 -18.28
C SER E 161 16.47 -28.25 -17.49
N TRP E 162 16.28 -29.50 -17.89
CA TRP E 162 15.40 -30.40 -17.15
C TRP E 162 16.20 -31.59 -16.62
N ASN E 163 15.91 -31.95 -15.37
CA ASN E 163 16.58 -33.07 -14.70
C ASN E 163 18.11 -33.03 -14.85
N SER E 164 18.67 -31.84 -14.68
CA SER E 164 20.12 -31.62 -14.75
C SER E 164 20.73 -32.03 -16.09
N GLY E 165 19.96 -31.88 -17.17
CA GLY E 165 20.45 -32.18 -18.50
C GLY E 165 20.08 -33.56 -19.01
N ALA E 166 19.48 -34.37 -18.14
CA ALA E 166 19.14 -35.75 -18.48
C ALA E 166 17.87 -35.82 -19.33
N LEU E 167 17.12 -34.72 -19.37
CA LEU E 167 15.89 -34.64 -20.14
C LEU E 167 15.95 -33.50 -21.16
N THR E 168 16.07 -33.86 -22.44
CA THR E 168 16.23 -32.87 -23.50
C THR E 168 15.23 -33.08 -24.64
N SER E 169 14.67 -34.29 -24.73
CA SER E 169 13.73 -34.60 -25.81
C SER E 169 12.31 -34.14 -25.53
N GLY E 170 11.75 -33.36 -26.45
CA GLY E 170 10.41 -32.83 -26.29
C GLY E 170 10.40 -31.52 -25.52
N VAL E 171 11.58 -31.04 -25.18
CA VAL E 171 11.72 -29.79 -24.42
C VAL E 171 11.67 -28.56 -25.31
N HIS E 172 10.75 -27.64 -24.98
CA HIS E 172 10.72 -26.35 -25.64
C HIS E 172 10.87 -25.25 -24.61
N THR E 173 12.02 -24.56 -24.63
CA THR E 173 12.22 -23.38 -23.81
C THR E 173 11.98 -22.14 -24.66
N PHE E 174 10.92 -21.40 -24.35
CA PHE E 174 10.52 -20.25 -25.14
C PHE E 174 11.43 -19.04 -24.96
N PRO E 175 11.57 -18.23 -26.02
CA PRO E 175 12.29 -16.95 -25.95
C PRO E 175 11.60 -16.01 -24.97
N ALA E 176 12.39 -15.25 -24.22
CA ALA E 176 11.85 -14.33 -23.23
C ALA E 176 11.07 -13.19 -23.89
N VAL E 177 10.08 -12.65 -23.19
CA VAL E 177 9.46 -11.40 -23.62
C VAL E 177 9.72 -10.28 -22.60
N LEU E 178 10.01 -9.09 -23.09
CA LEU E 178 10.19 -7.95 -22.20
C LEU E 178 8.82 -7.42 -21.83
N GLN E 179 8.53 -7.36 -20.53
CA GLN E 179 7.23 -6.88 -20.08
C GLN E 179 7.25 -5.38 -19.84
N SER E 180 6.06 -4.78 -19.74
CA SER E 180 5.92 -3.34 -19.48
C SER E 180 6.65 -2.94 -18.19
N SER E 181 6.71 -3.87 -17.25
CA SER E 181 7.42 -3.68 -15.99
C SER E 181 8.92 -3.44 -16.20
N GLY E 182 9.42 -3.80 -17.38
CA GLY E 182 10.85 -3.75 -17.64
C GLY E 182 11.54 -5.04 -17.25
N LEU E 183 10.75 -6.03 -16.85
CA LEU E 183 11.27 -7.35 -16.49
C LEU E 183 11.01 -8.39 -17.58
N TYR E 184 11.77 -9.47 -17.55
CA TYR E 184 11.65 -10.53 -18.55
C TYR E 184 10.89 -11.72 -18.01
N SER E 185 10.34 -12.52 -18.92
CA SER E 185 9.52 -13.67 -18.55
C SER E 185 9.52 -14.71 -19.65
N LEU E 186 9.59 -15.99 -19.27
CA LEU E 186 9.52 -17.09 -20.23
C LEU E 186 8.98 -18.37 -19.60
N SER E 187 8.62 -19.33 -20.46
CA SER E 187 8.23 -20.66 -20.01
C SER E 187 9.08 -21.72 -20.67
N SER E 188 9.32 -22.81 -19.95
CA SER E 188 9.96 -23.99 -20.52
C SER E 188 8.99 -25.14 -20.37
N VAL E 189 8.67 -25.81 -21.47
CA VAL E 189 7.74 -26.94 -21.44
C VAL E 189 8.39 -28.22 -21.92
N VAL E 190 7.79 -29.35 -21.54
CA VAL E 190 8.25 -30.64 -22.03
C VAL E 190 7.05 -31.58 -22.11
N THR E 191 6.99 -32.36 -23.19
CA THR E 191 5.99 -33.41 -23.32
C THR E 191 6.59 -34.74 -22.88
N VAL E 192 5.86 -35.46 -22.04
CA VAL E 192 6.30 -36.75 -21.51
C VAL E 192 5.13 -37.74 -21.55
N PRO E 193 5.40 -39.03 -21.34
CA PRO E 193 4.28 -39.99 -21.29
C PRO E 193 3.37 -39.78 -20.08
N SER E 194 2.06 -39.81 -20.29
CA SER E 194 1.08 -39.73 -19.21
C SER E 194 1.29 -40.91 -18.26
N SER E 195 1.78 -42.02 -18.81
CA SER E 195 2.05 -43.25 -18.07
C SER E 195 2.92 -43.00 -16.86
N SER E 196 3.98 -42.21 -17.04
CA SER E 196 4.86 -41.81 -15.95
C SER E 196 4.12 -40.93 -14.92
N LEU E 197 4.44 -39.65 -14.89
CA LEU E 197 3.81 -38.69 -13.98
C LEU E 197 3.87 -39.13 -12.51
N GLY E 198 3.16 -40.19 -12.18
CA GLY E 198 3.19 -40.76 -10.85
C GLY E 198 4.55 -41.31 -10.47
N THR E 199 5.25 -41.86 -11.45
CA THR E 199 6.57 -42.45 -11.21
C THR E 199 7.71 -41.45 -11.39
N GLN E 200 7.89 -40.97 -12.62
CA GLN E 200 9.07 -40.14 -12.93
C GLN E 200 9.03 -38.73 -12.32
N THR E 201 10.15 -38.34 -11.73
CA THR E 201 10.31 -37.01 -11.15
C THR E 201 10.80 -36.00 -12.21
N TYR E 202 10.18 -34.82 -12.23
CA TYR E 202 10.54 -33.78 -13.18
C TYR E 202 10.94 -32.48 -12.49
N ILE E 203 12.18 -32.06 -12.73
CA ILE E 203 12.70 -30.84 -12.14
C ILE E 203 13.27 -29.90 -13.21
N CYS E 204 12.74 -28.69 -13.27
CA CYS E 204 13.36 -27.67 -14.13
C CYS E 204 14.49 -27.00 -13.37
N ASN E 205 15.61 -26.81 -14.05
CA ASN E 205 16.76 -26.15 -13.46
C ASN E 205 16.93 -24.77 -14.08
N VAL E 206 16.55 -23.76 -13.32
CA VAL E 206 16.61 -22.38 -13.81
C VAL E 206 17.82 -21.69 -13.24
N ASN E 207 18.65 -21.15 -14.13
CA ASN E 207 19.88 -20.48 -13.74
C ASN E 207 19.97 -19.05 -14.29
N HIS E 208 20.16 -18.09 -13.41
CA HIS E 208 20.23 -16.68 -13.80
C HIS E 208 21.53 -16.04 -13.30
N LYS E 209 22.57 -16.13 -14.12
CA LYS E 209 23.91 -15.66 -13.76
C LYS E 209 24.04 -14.20 -13.30
N PRO E 210 23.38 -13.24 -13.98
CA PRO E 210 23.52 -11.85 -13.53
C PRO E 210 23.10 -11.59 -12.07
N SER E 211 22.29 -12.46 -11.50
CA SER E 211 21.88 -12.29 -10.10
C SER E 211 22.42 -13.40 -9.21
N ASN E 212 23.24 -14.26 -9.79
CA ASN E 212 23.73 -15.46 -9.10
C ASN E 212 22.59 -16.20 -8.42
N THR E 213 21.60 -16.57 -9.23
CA THR E 213 20.39 -17.21 -8.74
C THR E 213 20.18 -18.52 -9.49
N LYS E 214 20.18 -19.61 -8.74
CA LYS E 214 19.82 -20.91 -9.28
C LYS E 214 18.57 -21.39 -8.58
N VAL E 215 17.63 -21.92 -9.35
CA VAL E 215 16.42 -22.48 -8.77
C VAL E 215 16.12 -23.84 -9.38
N ASP E 216 15.96 -24.84 -8.51
CA ASP E 216 15.45 -26.12 -8.94
C ASP E 216 14.01 -26.22 -8.48
N LYS E 217 13.13 -26.62 -9.40
CA LYS E 217 11.70 -26.63 -9.12
C LYS E 217 11.06 -27.94 -9.55
N LYS E 218 10.53 -28.68 -8.59
CA LYS E 218 9.85 -29.93 -8.88
C LYS E 218 8.45 -29.65 -9.41
N VAL E 219 8.14 -30.19 -10.58
CA VAL E 219 6.82 -30.01 -11.19
C VAL E 219 5.96 -31.26 -11.02
N GLU E 220 4.79 -31.10 -10.41
CA GLU E 220 3.93 -32.21 -10.04
C GLU E 220 2.48 -32.02 -10.49
N PRO E 221 1.73 -33.14 -10.65
CA PRO E 221 0.31 -33.15 -11.02
C PRO E 221 -0.59 -32.35 -10.06
N LYS E 222 -0.31 -32.40 -8.76
CA LYS E 222 -0.95 -31.56 -7.75
C LYS E 222 -2.42 -31.85 -7.39
N SER E 223 -2.80 -31.45 -6.18
CA SER E 223 -4.20 -31.26 -5.79
C SER E 223 -4.30 -30.08 -4.82
N SER F 1 21.89 7.42 -47.36
CA SER F 1 22.30 6.07 -46.96
C SER F 1 21.68 5.00 -47.87
N TYR F 2 22.53 4.24 -48.56
CA TYR F 2 22.10 3.27 -49.58
C TYR F 2 21.15 2.22 -49.02
N VAL F 3 20.15 1.85 -49.83
CA VAL F 3 19.09 0.94 -49.39
C VAL F 3 19.20 -0.47 -50.00
N LEU F 4 19.22 -1.49 -49.14
CA LEU F 4 19.10 -2.87 -49.57
C LEU F 4 17.76 -3.43 -49.11
N THR F 5 16.97 -3.94 -50.05
CA THR F 5 15.67 -4.52 -49.70
C THR F 5 15.71 -6.05 -49.79
N GLN F 6 15.40 -6.72 -48.69
CA GLN F 6 15.34 -8.17 -48.66
C GLN F 6 13.92 -8.63 -48.35
N PRO F 7 13.52 -9.77 -48.93
CA PRO F 7 12.25 -10.37 -48.52
C PRO F 7 12.37 -10.89 -47.10
N PRO F 8 11.34 -10.68 -46.26
CA PRO F 8 11.39 -11.13 -44.87
C PRO F 8 11.46 -12.64 -44.74
N SER F 9 10.85 -13.35 -45.70
CA SER F 9 10.76 -14.80 -45.62
C SER F 9 10.93 -15.44 -46.98
N VAL F 10 11.53 -16.63 -46.99
CA VAL F 10 11.61 -17.46 -48.18
C VAL F 10 11.34 -18.91 -47.78
N SER F 11 10.34 -19.53 -48.41
CA SER F 11 9.97 -20.90 -48.08
C SER F 11 10.56 -21.87 -49.09
N VAL F 12 10.98 -23.04 -48.61
CA VAL F 12 11.62 -24.02 -49.47
C VAL F 12 11.42 -25.44 -48.91
N ALA F 13 11.07 -26.37 -49.79
CA ALA F 13 10.97 -27.78 -49.39
C ALA F 13 12.36 -28.39 -49.38
N PRO F 14 12.61 -29.34 -48.47
CA PRO F 14 13.92 -29.98 -48.35
C PRO F 14 14.42 -30.58 -49.67
N GLY F 15 15.70 -30.43 -49.98
CA GLY F 15 16.26 -30.93 -51.23
C GLY F 15 16.09 -29.97 -52.39
N GLN F 16 15.22 -28.99 -52.21
CA GLN F 16 14.96 -27.99 -53.26
C GLN F 16 15.87 -26.78 -53.10
N THR F 17 15.66 -25.77 -53.94
CA THR F 17 16.55 -24.63 -54.01
C THR F 17 15.92 -23.33 -53.50
N ALA F 18 16.62 -22.66 -52.59
CA ALA F 18 16.17 -21.38 -52.06
C ALA F 18 16.85 -20.22 -52.77
N ARG F 19 16.11 -19.14 -53.01
CA ARG F 19 16.67 -17.94 -53.60
C ARG F 19 16.34 -16.69 -52.80
N ILE F 20 17.39 -16.03 -52.31
CA ILE F 20 17.23 -14.83 -51.49
C ILE F 20 17.78 -13.63 -52.23
N THR F 21 16.95 -12.61 -52.43
CA THR F 21 17.33 -11.45 -53.23
C THR F 21 17.70 -10.24 -52.38
N CYS F 22 18.62 -9.44 -52.92
CA CYS F 22 19.02 -8.18 -52.30
C CYS F 22 18.88 -7.12 -53.38
N GLY F 23 17.97 -6.17 -53.15
CA GLY F 23 17.67 -5.16 -54.17
C GLY F 23 18.24 -3.79 -53.87
N GLY F 24 18.75 -3.15 -54.91
CA GLY F 24 19.31 -1.81 -54.80
C GLY F 24 19.53 -1.20 -56.18
N THR F 25 19.39 0.12 -56.27
CA THR F 25 19.57 0.82 -57.54
C THR F 25 20.99 0.61 -58.08
N ASN F 26 21.09 -0.08 -59.20
CA ASN F 26 22.38 -0.45 -59.80
C ASN F 26 23.32 -1.16 -58.82
N ILE F 27 22.75 -2.02 -57.98
CA ILE F 27 23.52 -2.82 -57.03
C ILE F 27 24.49 -3.79 -57.72
N GLY F 28 24.32 -3.93 -59.03
CA GLY F 28 25.24 -4.74 -59.82
C GLY F 28 26.59 -4.06 -59.97
N ASP F 29 26.62 -2.74 -59.81
CA ASP F 29 27.84 -1.97 -59.94
C ASP F 29 28.75 -2.11 -58.72
N ILE F 30 28.19 -2.59 -57.62
CA ILE F 30 28.94 -2.70 -56.36
C ILE F 30 28.96 -4.13 -55.85
N SER F 31 29.90 -4.44 -54.96
CA SER F 31 30.06 -5.81 -54.46
C SER F 31 29.09 -6.13 -53.32
N VAL F 32 28.58 -7.35 -53.30
CA VAL F 32 27.61 -7.78 -52.31
C VAL F 32 28.13 -9.02 -51.61
N HIS F 33 27.90 -9.10 -50.29
CA HIS F 33 28.33 -10.25 -49.51
C HIS F 33 27.14 -10.81 -48.72
N TRP F 34 27.20 -12.09 -48.37
CA TRP F 34 26.07 -12.73 -47.70
C TRP F 34 26.50 -13.43 -46.42
N TYR F 35 25.67 -13.29 -45.40
CA TYR F 35 25.93 -13.89 -44.10
C TYR F 35 24.79 -14.79 -43.71
N GLN F 36 25.12 -15.93 -43.10
CA GLN F 36 24.13 -16.79 -42.49
C GLN F 36 24.20 -16.60 -40.97
N GLN F 37 23.07 -16.36 -40.34
CA GLN F 37 23.04 -16.30 -38.89
C GLN F 37 22.02 -17.30 -38.32
N ARG F 38 22.51 -18.23 -37.52
CA ARG F 38 21.63 -19.18 -36.83
C ARG F 38 21.28 -18.67 -35.44
N PRO F 39 20.12 -19.10 -34.90
CA PRO F 39 19.66 -18.72 -33.56
C PRO F 39 20.75 -18.80 -32.50
N GLY F 40 20.99 -17.69 -31.81
CA GLY F 40 21.98 -17.64 -30.74
C GLY F 40 23.43 -17.57 -31.18
N GLN F 41 23.67 -17.65 -32.49
CA GLN F 41 25.03 -17.65 -33.01
C GLN F 41 25.43 -16.34 -33.69
N ALA F 42 26.73 -16.16 -33.87
CA ALA F 42 27.26 -15.01 -34.59
C ALA F 42 27.14 -15.23 -36.09
N PRO F 43 26.97 -14.13 -36.86
CA PRO F 43 26.90 -14.21 -38.33
C PRO F 43 28.12 -14.90 -38.94
N LEU F 44 27.92 -15.58 -40.06
CA LEU F 44 28.98 -16.28 -40.76
C LEU F 44 28.87 -16.00 -42.25
N VAL F 45 29.95 -15.52 -42.88
CA VAL F 45 29.92 -15.25 -44.31
C VAL F 45 29.86 -16.56 -45.11
N VAL F 46 28.93 -16.62 -46.07
CA VAL F 46 28.78 -17.80 -46.92
C VAL F 46 29.11 -17.47 -48.37
N VAL F 47 28.96 -16.20 -48.72
CA VAL F 47 29.27 -15.70 -50.05
C VAL F 47 29.80 -14.26 -49.93
N TYR F 48 30.91 -13.95 -50.60
CA TYR F 48 31.44 -12.59 -50.63
C TYR F 48 31.91 -12.22 -52.03
N ASP F 49 32.15 -10.93 -52.26
CA ASP F 49 32.55 -10.41 -53.57
C ASP F 49 31.60 -10.90 -54.66
N ASP F 50 30.32 -10.62 -54.47
CA ASP F 50 29.25 -11.01 -55.40
C ASP F 50 29.02 -12.53 -55.49
N SER F 51 30.08 -13.29 -55.73
CA SER F 51 29.91 -14.69 -56.08
C SER F 51 31.02 -15.64 -55.62
N ASP F 52 31.90 -15.16 -54.74
CA ASP F 52 32.97 -16.01 -54.23
C ASP F 52 32.59 -16.72 -52.92
N ARG F 53 33.21 -17.86 -52.68
CA ARG F 53 32.84 -18.72 -51.57
C ARG F 53 34.02 -18.97 -50.63
N PRO F 54 33.84 -18.61 -49.35
CA PRO F 54 34.86 -18.85 -48.31
C PRO F 54 35.19 -20.33 -48.19
N SER F 55 36.38 -20.63 -47.69
CA SER F 55 36.77 -22.01 -47.42
C SER F 55 35.87 -22.54 -46.32
N GLY F 56 35.48 -23.81 -46.42
CA GLY F 56 34.61 -24.41 -45.42
C GLY F 56 33.13 -24.22 -45.69
N ILE F 57 32.80 -23.36 -46.66
CA ILE F 57 31.42 -23.14 -47.04
C ILE F 57 31.03 -24.08 -48.18
N PRO F 58 29.97 -24.88 -47.98
CA PRO F 58 29.50 -25.90 -48.94
C PRO F 58 29.16 -25.30 -50.31
N GLU F 59 29.35 -26.08 -51.38
CA GLU F 59 29.13 -25.59 -52.73
C GLU F 59 27.67 -25.21 -53.01
N ARG F 60 26.77 -25.68 -52.15
CA ARG F 60 25.34 -25.43 -52.30
C ARG F 60 25.02 -23.93 -52.24
N PHE F 61 25.90 -23.16 -51.63
CA PHE F 61 25.76 -21.71 -51.59
C PHE F 61 26.51 -21.09 -52.76
N SER F 62 25.83 -20.21 -53.48
CA SER F 62 26.45 -19.48 -54.59
C SER F 62 25.77 -18.14 -54.68
N GLY F 63 26.43 -17.17 -55.30
CA GLY F 63 25.87 -15.84 -55.41
C GLY F 63 25.93 -15.32 -56.82
N SER F 64 25.11 -14.32 -57.11
CA SER F 64 25.14 -13.63 -58.38
C SER F 64 24.73 -12.19 -58.12
N ASN F 65 25.25 -11.27 -58.92
CA ASN F 65 24.85 -9.87 -58.80
C ASN F 65 24.77 -9.24 -60.18
N SER F 66 23.61 -8.67 -60.51
CA SER F 66 23.40 -8.05 -61.81
C SER F 66 22.28 -7.01 -61.72
N GLY F 67 22.44 -5.92 -62.47
CA GLY F 67 21.41 -4.89 -62.57
C GLY F 67 20.98 -4.29 -61.26
N ASN F 68 19.77 -4.65 -60.82
CA ASN F 68 19.20 -4.13 -59.59
C ASN F 68 18.99 -5.19 -58.52
N THR F 69 19.61 -6.36 -58.70
CA THR F 69 19.39 -7.47 -57.78
C THR F 69 20.59 -8.41 -57.61
N ALA F 70 20.95 -8.67 -56.36
CA ALA F 70 21.90 -9.72 -56.04
C ALA F 70 21.13 -10.89 -55.43
N THR F 71 21.57 -12.11 -55.70
CA THR F 71 20.83 -13.29 -55.28
C THR F 71 21.72 -14.29 -54.57
N LEU F 72 21.30 -14.69 -53.38
CA LEU F 72 21.91 -15.84 -52.71
C LEU F 72 21.12 -17.09 -53.06
N THR F 73 21.78 -18.04 -53.72
CA THR F 73 21.14 -19.30 -54.08
C THR F 73 21.64 -20.44 -53.19
N ILE F 74 20.70 -21.13 -52.54
CA ILE F 74 21.01 -22.28 -51.71
C ILE F 74 20.42 -23.55 -52.33
N SER F 75 21.27 -24.42 -52.87
CA SER F 75 20.84 -25.66 -53.48
C SER F 75 20.71 -26.80 -52.46
N ARG F 76 19.81 -27.73 -52.74
CA ARG F 76 19.68 -28.97 -51.95
C ARG F 76 19.60 -28.71 -50.44
N VAL F 77 18.62 -27.91 -50.05
CA VAL F 77 18.46 -27.44 -48.68
C VAL F 77 18.41 -28.56 -47.62
N GLU F 78 19.28 -28.44 -46.61
CA GLU F 78 19.27 -29.32 -45.45
C GLU F 78 18.67 -28.61 -44.24
N ALA F 79 18.64 -29.28 -43.09
CA ALA F 79 18.05 -28.70 -41.89
C ALA F 79 18.89 -27.58 -41.28
N GLY F 80 20.21 -27.68 -41.41
CA GLY F 80 21.11 -26.67 -40.89
C GLY F 80 21.11 -25.37 -41.67
N ASP F 81 20.31 -25.33 -42.74
CA ASP F 81 20.20 -24.14 -43.58
C ASP F 81 19.08 -23.20 -43.12
N GLU F 82 18.24 -23.68 -42.21
CA GLU F 82 17.22 -22.82 -41.60
C GLU F 82 17.90 -21.72 -40.81
N ALA F 83 17.84 -20.49 -41.30
CA ALA F 83 18.57 -19.40 -40.67
C ALA F 83 18.11 -18.04 -41.18
N ASP F 84 18.72 -17.00 -40.64
CA ASP F 84 18.58 -15.67 -41.18
C ASP F 84 19.74 -15.42 -42.14
N TYR F 85 19.46 -14.75 -43.25
CA TYR F 85 20.50 -14.43 -44.22
C TYR F 85 20.50 -12.94 -44.49
N TYR F 86 21.69 -12.34 -44.41
CA TYR F 86 21.81 -10.89 -44.58
C TYR F 86 22.73 -10.57 -45.75
N CYS F 87 22.28 -9.69 -46.63
CA CYS F 87 23.16 -9.14 -47.65
C CYS F 87 23.85 -7.91 -47.07
N GLN F 88 25.01 -7.57 -47.62
CA GLN F 88 25.82 -6.49 -47.08
C GLN F 88 26.63 -5.80 -48.18
N VAL F 89 26.69 -4.47 -48.12
CA VAL F 89 27.55 -3.70 -49.02
C VAL F 89 28.33 -2.63 -48.24
N TRP F 90 29.36 -2.09 -48.87
CA TRP F 90 30.00 -0.89 -48.33
C TRP F 90 29.49 0.32 -49.12
N ASP F 91 28.86 1.25 -48.41
CA ASP F 91 28.40 2.49 -49.03
C ASP F 91 29.57 3.49 -49.07
N ASP F 92 30.13 3.71 -50.26
CA ASP F 92 31.29 4.59 -50.41
C ASP F 92 30.91 6.06 -50.61
N SER F 93 29.65 6.41 -50.34
CA SER F 93 29.22 7.81 -50.43
C SER F 93 29.07 8.44 -49.04
N ILE F 94 28.38 7.73 -48.15
CA ILE F 94 28.23 8.19 -46.77
C ILE F 94 29.15 7.38 -45.85
N ASN F 95 29.93 6.49 -46.46
CA ASN F 95 30.97 5.76 -45.77
C ASN F 95 30.50 4.93 -44.58
N ALA F 96 29.67 3.94 -44.87
CA ALA F 96 29.21 2.99 -43.87
C ALA F 96 28.96 1.61 -44.46
N TYR F 97 29.22 0.58 -43.67
CA TYR F 97 28.75 -0.74 -44.03
C TYR F 97 27.22 -0.74 -43.95
N VAL F 98 26.56 -1.35 -44.94
CA VAL F 98 25.10 -1.41 -44.93
C VAL F 98 24.61 -2.86 -45.05
N PHE F 99 23.73 -3.25 -44.14
CA PHE F 99 23.10 -4.56 -44.18
C PHE F 99 21.67 -4.48 -44.68
N GLY F 100 21.22 -5.54 -45.35
CA GLY F 100 19.81 -5.67 -45.68
C GLY F 100 19.03 -5.99 -44.42
N THR F 101 17.70 -5.96 -44.52
CA THR F 101 16.84 -6.20 -43.36
C THR F 101 16.88 -7.65 -42.88
N GLY F 102 17.32 -8.56 -43.75
CA GLY F 102 17.41 -9.96 -43.39
C GLY F 102 16.30 -10.82 -43.96
N THR F 103 16.63 -12.05 -44.32
CA THR F 103 15.65 -12.99 -44.86
C THR F 103 15.72 -14.29 -44.10
N LYS F 104 14.58 -14.73 -43.56
CA LYS F 104 14.53 -16.02 -42.88
C LYS F 104 14.14 -17.16 -43.81
N VAL F 105 14.99 -18.18 -43.88
CA VAL F 105 14.66 -19.37 -44.66
C VAL F 105 13.78 -20.30 -43.84
N THR F 106 12.59 -20.59 -44.37
CA THR F 106 11.63 -21.48 -43.73
C THR F 106 11.54 -22.78 -44.51
N VAL F 107 11.60 -23.91 -43.82
CA VAL F 107 11.46 -25.20 -44.47
C VAL F 107 9.97 -25.57 -44.63
N LEU F 108 9.57 -25.86 -45.86
CA LEU F 108 8.20 -26.29 -46.14
C LEU F 108 7.98 -27.73 -45.71
N ARG F 109 6.84 -27.98 -45.06
CA ARG F 109 6.44 -29.34 -44.72
C ARG F 109 4.91 -29.40 -44.66
N THR F 110 4.38 -30.61 -44.44
CA THR F 110 2.94 -30.80 -44.37
C THR F 110 2.36 -30.17 -43.12
N VAL F 111 1.14 -29.67 -43.27
CA VAL F 111 0.32 -29.21 -42.15
C VAL F 111 0.35 -30.21 -40.99
N ALA F 112 0.46 -29.70 -39.77
CA ALA F 112 0.45 -30.53 -38.57
C ALA F 112 -0.34 -29.84 -37.48
N ALA F 113 -1.29 -30.53 -36.88
CA ALA F 113 -2.14 -29.94 -35.85
C ALA F 113 -1.40 -29.84 -34.52
N PRO F 114 -1.65 -28.74 -33.78
CA PRO F 114 -1.06 -28.59 -32.45
C PRO F 114 -1.73 -29.48 -31.42
N SER F 115 -0.95 -30.05 -30.50
CA SER F 115 -1.52 -30.53 -29.26
C SER F 115 -1.72 -29.28 -28.40
N VAL F 116 -2.88 -29.15 -27.77
CA VAL F 116 -3.17 -27.94 -27.01
C VAL F 116 -3.30 -28.24 -25.52
N PHE F 117 -2.57 -27.48 -24.71
CA PHE F 117 -2.62 -27.65 -23.26
C PHE F 117 -2.90 -26.31 -22.58
N ILE F 118 -3.73 -26.33 -21.55
CA ILE F 118 -3.98 -25.13 -20.75
C ILE F 118 -3.46 -25.30 -19.33
N PHE F 119 -2.76 -24.29 -18.81
CA PHE F 119 -2.18 -24.36 -17.47
C PHE F 119 -2.76 -23.29 -16.56
N PRO F 120 -3.38 -23.71 -15.45
CA PRO F 120 -3.89 -22.75 -14.47
C PRO F 120 -2.70 -22.20 -13.67
N PRO F 121 -2.83 -20.98 -13.14
CA PRO F 121 -1.79 -20.43 -12.27
C PRO F 121 -1.59 -21.30 -11.03
N SER F 122 -0.34 -21.55 -10.66
CA SER F 122 -0.04 -22.32 -9.45
C SER F 122 -0.47 -21.54 -8.22
N ASP F 123 -0.56 -22.21 -7.08
CA ASP F 123 -0.93 -21.53 -5.84
C ASP F 123 0.17 -20.58 -5.36
N SER F 124 1.43 -20.99 -5.53
CA SER F 124 2.56 -20.16 -5.12
C SER F 124 2.61 -18.81 -5.83
N GLN F 125 2.25 -18.80 -7.11
CA GLN F 125 2.20 -17.55 -7.86
C GLN F 125 1.07 -16.65 -7.32
N LEU F 126 -0.03 -17.25 -6.92
CA LEU F 126 -1.16 -16.50 -6.35
C LEU F 126 -0.79 -15.81 -5.03
N LYS F 127 0.16 -16.39 -4.31
CA LYS F 127 0.68 -15.76 -3.10
C LYS F 127 1.32 -14.41 -3.42
N SER F 128 1.93 -14.32 -4.61
CA SER F 128 2.61 -13.10 -5.03
C SER F 128 1.66 -12.03 -5.57
N GLY F 129 0.38 -12.39 -5.72
CA GLY F 129 -0.62 -11.43 -6.16
C GLY F 129 -0.80 -11.32 -7.66
N THR F 130 -0.21 -12.25 -8.40
CA THR F 130 -0.37 -12.29 -9.86
C THR F 130 -0.79 -13.70 -10.30
N ALA F 131 -1.59 -13.76 -11.36
CA ALA F 131 -2.00 -15.03 -11.94
C ALA F 131 -1.67 -15.07 -13.42
N SER F 132 -0.69 -15.90 -13.79
CA SER F 132 -0.38 -16.13 -15.19
C SER F 132 -1.05 -17.43 -15.65
N VAL F 133 -1.84 -17.34 -16.70
CA VAL F 133 -2.46 -18.51 -17.31
C VAL F 133 -1.76 -18.79 -18.63
N VAL F 134 -1.36 -20.04 -18.84
CA VAL F 134 -0.57 -20.37 -20.03
C VAL F 134 -1.25 -21.37 -20.94
N CYS F 135 -1.31 -21.05 -22.23
CA CYS F 135 -1.78 -22.00 -23.22
C CYS F 135 -0.63 -22.45 -24.11
N LEU F 136 -0.42 -23.77 -24.19
CA LEU F 136 0.65 -24.35 -24.99
C LEU F 136 0.13 -24.97 -26.28
N LEU F 137 0.64 -24.50 -27.41
CA LEU F 137 0.43 -25.15 -28.69
C LEU F 137 1.71 -25.90 -29.03
N ASN F 138 1.66 -27.22 -29.05
CA ASN F 138 2.87 -28.02 -29.23
C ASN F 138 3.01 -28.66 -30.61
N ASN F 139 4.16 -28.45 -31.24
CA ASN F 139 4.54 -29.12 -32.48
C ASN F 139 3.52 -29.06 -33.60
N PHE F 140 3.36 -27.88 -34.19
CA PHE F 140 2.38 -27.67 -35.24
C PHE F 140 3.01 -27.00 -36.46
N TYR F 141 2.27 -27.03 -37.57
CA TYR F 141 2.68 -26.39 -38.81
C TYR F 141 1.44 -26.09 -39.63
N PRO F 142 1.37 -24.89 -40.23
CA PRO F 142 2.39 -23.83 -40.25
C PRO F 142 2.39 -22.97 -38.99
N ARG F 143 3.21 -21.91 -39.01
CA ARG F 143 3.43 -21.05 -37.85
C ARG F 143 2.20 -20.21 -37.53
N GLU F 144 1.57 -19.68 -38.58
CA GLU F 144 0.35 -18.88 -38.41
C GLU F 144 -0.68 -19.62 -37.58
N ALA F 145 -1.11 -19.00 -36.49
CA ALA F 145 -2.12 -19.58 -35.60
C ALA F 145 -2.94 -18.46 -34.98
N LYS F 146 -4.16 -18.80 -34.57
CA LYS F 146 -5.02 -17.84 -33.90
C LYS F 146 -5.37 -18.38 -32.53
N VAL F 147 -4.81 -17.77 -31.49
CA VAL F 147 -5.04 -18.20 -30.12
C VAL F 147 -5.85 -17.15 -29.40
N GLN F 148 -7.08 -17.51 -29.02
CA GLN F 148 -7.97 -16.54 -28.39
C GLN F 148 -8.34 -16.91 -26.95
N TRP F 149 -8.12 -15.96 -26.04
CA TRP F 149 -8.49 -16.13 -24.66
C TRP F 149 -9.93 -15.74 -24.39
N LYS F 150 -10.67 -16.63 -23.75
CA LYS F 150 -12.03 -16.32 -23.32
C LYS F 150 -12.13 -16.53 -21.82
N VAL F 151 -12.37 -15.43 -21.10
CA VAL F 151 -12.62 -15.49 -19.67
C VAL F 151 -14.11 -15.30 -19.46
N ASP F 152 -14.76 -16.34 -18.93
CA ASP F 152 -16.23 -16.38 -18.84
C ASP F 152 -16.86 -16.01 -20.19
N ASN F 153 -16.38 -16.64 -21.25
CA ASN F 153 -16.86 -16.41 -22.62
C ASN F 153 -16.66 -14.99 -23.15
N ALA F 154 -15.88 -14.17 -22.44
CA ALA F 154 -15.56 -12.83 -22.91
C ALA F 154 -14.20 -12.82 -23.60
N LEU F 155 -14.19 -12.51 -24.90
CA LEU F 155 -12.93 -12.39 -25.65
C LEU F 155 -12.03 -11.35 -25.01
N GLN F 156 -10.81 -11.76 -24.67
CA GLN F 156 -9.85 -10.89 -24.04
C GLN F 156 -9.01 -10.13 -25.07
N SER F 157 -8.52 -8.97 -24.67
CA SER F 157 -7.64 -8.18 -25.53
C SER F 157 -6.63 -7.41 -24.68
N GLY F 158 -5.41 -7.25 -25.20
CA GLY F 158 -4.39 -6.44 -24.55
C GLY F 158 -3.72 -7.04 -23.32
N ASN F 159 -4.21 -8.19 -22.87
CA ASN F 159 -3.68 -8.81 -21.65
C ASN F 159 -3.01 -10.17 -21.86
N SER F 160 -2.56 -10.45 -23.08
CA SER F 160 -1.89 -11.71 -23.37
C SER F 160 -0.66 -11.54 -24.25
N GLN F 161 0.37 -12.35 -23.98
CA GLN F 161 1.60 -12.31 -24.77
C GLN F 161 1.85 -13.66 -25.42
N GLU F 162 2.31 -13.63 -26.68
CA GLU F 162 2.66 -14.85 -27.39
C GLU F 162 4.17 -14.96 -27.55
N SER F 163 4.67 -16.19 -27.46
CA SER F 163 6.07 -16.48 -27.73
C SER F 163 6.15 -17.78 -28.55
N VAL F 164 7.04 -17.81 -29.53
CA VAL F 164 7.11 -18.96 -30.42
C VAL F 164 8.54 -19.47 -30.62
N THR F 165 8.74 -20.78 -30.54
CA THR F 165 10.06 -21.36 -30.79
C THR F 165 10.44 -21.22 -32.26
N GLU F 166 11.72 -21.41 -32.55
CA GLU F 166 12.19 -21.48 -33.93
C GLU F 166 11.78 -22.83 -34.50
N GLN F 167 11.77 -22.93 -35.82
CA GLN F 167 11.45 -24.18 -36.49
C GLN F 167 12.35 -25.32 -35.98
N ASP F 168 11.74 -26.44 -35.60
CA ASP F 168 12.50 -27.57 -35.08
C ASP F 168 13.43 -28.16 -36.13
N SER F 169 14.64 -28.52 -35.69
CA SER F 169 15.66 -29.04 -36.60
C SER F 169 15.29 -30.42 -37.15
N LYS F 170 14.45 -31.16 -36.42
CA LYS F 170 14.11 -32.53 -36.80
C LYS F 170 12.77 -32.70 -37.54
N ASP F 171 11.71 -32.04 -37.05
CA ASP F 171 10.40 -32.16 -37.68
C ASP F 171 9.86 -30.87 -38.29
N SER F 172 10.64 -29.79 -38.17
CA SER F 172 10.29 -28.50 -38.79
C SER F 172 8.95 -27.93 -38.32
N THR F 173 8.50 -28.30 -37.12
CA THR F 173 7.28 -27.74 -36.55
C THR F 173 7.60 -26.56 -35.62
N TYR F 174 6.54 -25.86 -35.18
CA TYR F 174 6.71 -24.80 -34.20
C TYR F 174 5.98 -25.15 -32.91
N SER F 175 6.34 -24.47 -31.83
CA SER F 175 5.58 -24.55 -30.59
C SER F 175 5.32 -23.13 -30.10
N LEU F 176 4.15 -22.93 -29.51
CA LEU F 176 3.71 -21.58 -29.14
C LEU F 176 3.18 -21.55 -27.72
N SER F 177 3.56 -20.50 -26.99
CA SER F 177 2.96 -20.23 -25.70
C SER F 177 2.16 -18.94 -25.81
N SER F 178 0.96 -18.94 -25.25
CA SER F 178 0.18 -17.71 -25.09
C SER F 178 -0.04 -17.57 -23.60
N THR F 179 0.33 -16.42 -23.06
CA THR F 179 0.23 -16.23 -21.61
C THR F 179 -0.75 -15.12 -21.25
N LEU F 180 -1.80 -15.48 -20.52
CA LEU F 180 -2.79 -14.50 -20.07
C LEU F 180 -2.42 -14.05 -18.67
N THR F 181 -2.09 -12.77 -18.53
CA THR F 181 -1.57 -12.24 -17.27
C THR F 181 -2.58 -11.33 -16.58
N LEU F 182 -3.02 -11.73 -15.40
CA LEU F 182 -3.95 -10.93 -14.61
C LEU F 182 -3.40 -10.71 -13.21
N SER F 183 -3.90 -9.68 -12.54
CA SER F 183 -3.73 -9.57 -11.10
C SER F 183 -4.52 -10.72 -10.48
N LYS F 184 -4.14 -11.13 -9.27
CA LYS F 184 -4.87 -12.17 -8.55
C LYS F 184 -6.33 -11.75 -8.37
N ALA F 185 -6.54 -10.46 -8.17
CA ALA F 185 -7.89 -9.93 -7.99
C ALA F 185 -8.74 -10.15 -9.24
N ASP F 186 -8.29 -9.63 -10.37
CA ASP F 186 -8.99 -9.82 -11.64
C ASP F 186 -9.21 -11.30 -11.95
N TYR F 187 -8.25 -12.14 -11.54
CA TYR F 187 -8.33 -13.58 -11.76
C TYR F 187 -9.53 -14.20 -11.06
N GLU F 188 -9.76 -13.80 -9.80
CA GLU F 188 -10.83 -14.38 -9.01
C GLU F 188 -12.17 -13.65 -9.18
N LYS F 189 -12.20 -12.69 -10.10
CA LYS F 189 -13.46 -12.07 -10.55
C LYS F 189 -14.15 -13.00 -11.54
N HIS F 190 -13.51 -14.11 -11.87
CA HIS F 190 -14.01 -14.98 -12.92
C HIS F 190 -13.83 -16.46 -12.57
N LYS F 191 -14.31 -17.33 -13.46
CA LYS F 191 -14.37 -18.77 -13.17
C LYS F 191 -13.96 -19.63 -14.36
N VAL F 192 -14.37 -19.22 -15.56
CA VAL F 192 -14.05 -20.00 -16.76
C VAL F 192 -12.89 -19.39 -17.56
N TYR F 193 -11.84 -20.18 -17.72
CA TYR F 193 -10.67 -19.76 -18.50
C TYR F 193 -10.44 -20.70 -19.67
N ALA F 194 -10.59 -20.16 -20.88
CA ALA F 194 -10.55 -20.99 -22.08
C ALA F 194 -9.52 -20.51 -23.09
N CYS F 195 -8.71 -21.45 -23.55
CA CYS F 195 -7.83 -21.18 -24.68
C CYS F 195 -8.49 -21.75 -25.92
N GLU F 196 -8.75 -20.90 -26.92
CA GLU F 196 -9.32 -21.37 -28.18
C GLU F 196 -8.29 -21.30 -29.29
N VAL F 197 -8.02 -22.46 -29.92
CA VAL F 197 -7.01 -22.53 -30.97
C VAL F 197 -7.66 -22.72 -32.34
N THR F 198 -7.31 -21.83 -33.27
CA THR F 198 -7.76 -21.93 -34.65
C THR F 198 -6.54 -22.10 -35.56
N HIS F 199 -6.50 -23.23 -36.28
CA HIS F 199 -5.31 -23.58 -37.06
C HIS F 199 -5.65 -24.34 -38.34
N GLN F 200 -4.76 -24.27 -39.33
CA GLN F 200 -4.95 -24.94 -40.61
C GLN F 200 -4.99 -26.46 -40.46
N GLY F 201 -4.45 -26.96 -39.36
CA GLY F 201 -4.41 -28.39 -39.11
C GLY F 201 -5.63 -28.94 -38.41
N LEU F 202 -6.59 -28.06 -38.11
CA LEU F 202 -7.80 -28.46 -37.41
C LEU F 202 -9.03 -28.22 -38.28
N SER F 203 -9.93 -29.21 -38.33
CA SER F 203 -11.18 -29.07 -39.08
C SER F 203 -12.07 -28.01 -38.42
N SER F 204 -12.19 -28.08 -37.09
CA SER F 204 -12.87 -27.05 -36.31
C SER F 204 -11.96 -26.57 -35.18
N PRO F 205 -12.10 -25.29 -34.76
CA PRO F 205 -11.30 -24.73 -33.66
C PRO F 205 -11.33 -25.61 -32.40
N VAL F 206 -10.19 -25.70 -31.70
CA VAL F 206 -10.07 -26.52 -30.50
C VAL F 206 -10.00 -25.64 -29.25
N THR F 207 -10.72 -26.04 -28.21
CA THR F 207 -10.74 -25.29 -26.96
C THR F 207 -10.38 -26.15 -25.75
N LYS F 208 -9.37 -25.70 -25.01
CA LYS F 208 -9.02 -26.32 -23.73
C LYS F 208 -9.33 -25.29 -22.64
N SER F 209 -9.79 -25.76 -21.48
CA SER F 209 -10.29 -24.84 -20.47
C SER F 209 -10.26 -25.43 -19.07
N PHE F 210 -10.38 -24.58 -18.06
CA PHE F 210 -10.49 -25.02 -16.68
C PHE F 210 -11.39 -24.09 -15.87
N ASN F 211 -11.84 -24.57 -14.72
CA ASN F 211 -12.64 -23.76 -13.81
C ASN F 211 -11.84 -23.34 -12.58
N ARG F 212 -11.95 -24.12 -11.51
CA ARG F 212 -11.20 -23.91 -10.28
C ARG F 212 -11.12 -25.24 -9.53
N GLY F 213 -11.07 -26.35 -10.28
CA GLY F 213 -11.11 -27.68 -9.70
C GLY F 213 -9.79 -28.17 -9.14
N GLU G 1 12.00 32.10 5.71
CA GLU G 1 11.58 30.87 5.03
C GLU G 1 10.38 31.10 4.11
N VAL G 2 10.44 30.50 2.91
CA VAL G 2 9.43 30.67 1.87
C VAL G 2 8.21 29.78 2.13
N GLN G 3 7.04 30.39 2.33
CA GLN G 3 5.84 29.63 2.66
C GLN G 3 4.53 30.39 2.44
N LEU G 4 3.45 29.62 2.24
CA LEU G 4 2.10 30.16 2.12
C LEU G 4 1.22 29.54 3.20
N VAL G 5 0.38 30.35 3.83
CA VAL G 5 -0.51 29.86 4.88
C VAL G 5 -1.97 30.21 4.62
N GLU G 6 -2.81 29.21 4.39
CA GLU G 6 -4.26 29.44 4.19
C GLU G 6 -5.02 29.46 5.52
N THR G 7 -5.98 30.37 5.64
CA THR G 7 -6.86 30.44 6.81
C THR G 7 -8.29 30.74 6.37
N GLY G 8 -9.25 30.51 7.27
CA GLY G 8 -10.63 30.86 6.98
C GLY G 8 -11.52 29.67 6.65
N GLY G 9 -10.92 28.50 6.51
CA GLY G 9 -11.67 27.30 6.21
C GLY G 9 -12.59 26.90 7.35
N GLY G 10 -13.57 26.06 7.06
CA GLY G 10 -14.50 25.59 8.07
C GLY G 10 -15.85 25.17 7.51
N VAL G 11 -16.86 25.17 8.38
CA VAL G 11 -18.22 24.82 7.97
C VAL G 11 -18.98 26.04 7.48
N VAL G 12 -19.74 25.86 6.42
CA VAL G 12 -20.53 26.94 5.84
C VAL G 12 -21.82 26.35 5.29
N GLN G 13 -22.93 27.06 5.50
CA GLN G 13 -24.23 26.57 5.04
C GLN G 13 -24.44 26.85 3.56
N PRO G 14 -25.18 25.95 2.88
CA PRO G 14 -25.44 26.12 1.44
C PRO G 14 -26.06 27.47 1.14
N GLY G 15 -25.57 28.14 0.10
CA GLY G 15 -26.07 29.45 -0.27
C GLY G 15 -25.42 30.59 0.48
N ARG G 16 -24.68 30.27 1.54
CA ARG G 16 -23.97 31.29 2.29
C ARG G 16 -22.58 31.58 1.74
N SER G 17 -21.85 32.46 2.43
CA SER G 17 -20.59 32.98 1.92
C SER G 17 -19.41 32.67 2.83
N LEU G 18 -18.21 32.70 2.25
CA LEU G 18 -16.99 32.38 2.99
C LEU G 18 -15.77 33.06 2.38
N ARG G 19 -14.89 33.57 3.23
CA ARG G 19 -13.70 34.26 2.75
C ARG G 19 -12.42 33.54 3.18
N LEU G 20 -11.64 33.11 2.19
CA LEU G 20 -10.36 32.46 2.45
C LEU G 20 -9.20 33.46 2.38
N SER G 21 -8.22 33.28 3.25
CA SER G 21 -7.02 34.12 3.20
C SER G 21 -5.77 33.26 3.06
N CYS G 22 -4.85 33.73 2.23
CA CYS G 22 -3.53 33.13 2.16
C CYS G 22 -2.49 34.18 2.51
N THR G 23 -1.63 33.88 3.47
CA THR G 23 -0.59 34.81 3.89
C THR G 23 0.78 34.33 3.40
N ALA G 24 1.40 35.11 2.52
CA ALA G 24 2.70 34.75 1.97
C ALA G 24 3.82 35.34 2.81
N SER G 25 4.94 34.63 2.91
CA SER G 25 6.14 35.13 3.57
C SER G 25 7.40 34.51 2.97
N GLY G 26 8.49 35.27 2.99
CA GLY G 26 9.77 34.76 2.52
C GLY G 26 10.13 35.11 1.09
N PHE G 27 9.22 35.77 0.38
CA PHE G 27 9.47 36.15 -1.02
C PHE G 27 8.76 37.43 -1.44
N THR G 28 9.17 37.99 -2.58
CA THR G 28 8.57 39.20 -3.11
C THR G 28 7.19 38.90 -3.68
N PHE G 29 6.19 38.85 -2.79
CA PHE G 29 4.83 38.44 -3.12
C PHE G 29 4.21 39.18 -4.30
N ARG G 30 4.43 40.50 -4.36
CA ARG G 30 3.80 41.34 -5.37
C ARG G 30 4.28 41.08 -6.80
N ASP G 31 5.23 40.17 -6.96
CA ASP G 31 5.84 39.91 -8.26
C ASP G 31 5.25 38.70 -8.98
N TYR G 32 4.33 38.00 -8.32
CA TYR G 32 3.87 36.71 -8.84
C TYR G 32 2.37 36.59 -9.09
N TRP G 33 2.02 35.87 -10.15
CA TRP G 33 0.67 35.35 -10.31
C TRP G 33 0.40 34.37 -9.18
N MET G 34 -0.77 34.48 -8.56
CA MET G 34 -1.17 33.57 -7.49
C MET G 34 -2.45 32.83 -7.86
N SER G 35 -2.52 31.55 -7.51
CA SER G 35 -3.70 30.73 -7.82
C SER G 35 -4.37 30.17 -6.57
N TRP G 36 -5.65 29.85 -6.70
CA TRP G 36 -6.31 28.98 -5.75
C TRP G 36 -6.55 27.65 -6.45
N VAL G 37 -6.13 26.56 -5.80
CA VAL G 37 -6.34 25.22 -6.31
C VAL G 37 -7.09 24.42 -5.26
N ARG G 38 -8.15 23.73 -5.66
CA ARG G 38 -8.94 22.99 -4.70
C ARG G 38 -8.96 21.49 -4.97
N GLN G 39 -9.18 20.71 -3.92
CA GLN G 39 -9.22 19.25 -4.03
C GLN G 39 -10.37 18.71 -3.18
N ALA G 40 -11.39 18.18 -3.84
CA ALA G 40 -12.47 17.50 -3.14
C ALA G 40 -11.92 16.22 -2.52
N PRO G 41 -12.41 15.85 -1.32
CA PRO G 41 -11.94 14.68 -0.60
C PRO G 41 -11.93 13.41 -1.46
N GLY G 42 -10.78 12.73 -1.53
CA GLY G 42 -10.65 11.53 -2.33
C GLY G 42 -10.55 11.77 -3.83
N LYS G 43 -10.67 13.04 -4.23
CA LYS G 43 -10.64 13.40 -5.65
C LYS G 43 -9.32 14.09 -6.02
N GLY G 44 -9.24 14.57 -7.26
CA GLY G 44 -8.01 15.15 -7.78
C GLY G 44 -7.95 16.66 -7.69
N LEU G 45 -6.88 17.23 -8.24
CA LEU G 45 -6.67 18.68 -8.21
C LEU G 45 -7.52 19.41 -9.25
N GLU G 46 -8.16 20.50 -8.83
CA GLU G 46 -8.91 21.34 -9.75
C GLU G 46 -8.48 22.79 -9.58
N TRP G 47 -7.84 23.36 -10.60
CA TRP G 47 -7.49 24.76 -10.57
C TRP G 47 -8.77 25.61 -10.57
N VAL G 48 -8.81 26.62 -9.70
CA VAL G 48 -10.03 27.41 -9.52
C VAL G 48 -9.95 28.79 -10.17
N ALA G 49 -9.00 29.59 -9.69
CA ALA G 49 -8.85 30.96 -10.16
C ALA G 49 -7.42 31.42 -9.97
N ASP G 50 -7.03 32.49 -10.69
CA ASP G 50 -5.74 33.13 -10.45
C ASP G 50 -5.78 34.64 -10.67
N ILE G 51 -4.76 35.34 -10.17
CA ILE G 51 -4.70 36.78 -10.27
C ILE G 51 -3.29 37.26 -10.59
N ASN G 52 -3.19 38.25 -11.47
CA ASN G 52 -1.90 38.81 -11.84
C ASN G 52 -1.27 39.61 -10.69
N PRO G 53 0.05 39.92 -10.79
CA PRO G 53 0.75 40.62 -9.71
C PRO G 53 0.13 41.93 -9.21
N ASP G 54 -0.25 42.86 -10.10
CA ASP G 54 -0.81 44.13 -9.64
C ASP G 54 -2.33 44.09 -9.40
N GLY G 55 -2.89 42.88 -9.48
CA GLY G 55 -4.27 42.64 -9.06
C GLY G 55 -5.36 43.12 -10.00
N ILE G 56 -5.05 43.18 -11.29
CA ILE G 56 -5.96 43.74 -12.27
C ILE G 56 -6.58 42.68 -13.19
N THR G 57 -5.81 41.62 -13.46
CA THR G 57 -6.31 40.54 -14.29
C THR G 57 -6.65 39.31 -13.44
N ARG G 58 -7.84 38.76 -13.67
CA ARG G 58 -8.31 37.58 -12.94
C ARG G 58 -8.93 36.57 -13.89
N TYR G 59 -8.68 35.30 -13.64
CA TYR G 59 -9.35 34.24 -14.40
C TYR G 59 -10.05 33.30 -13.44
N TYR G 60 -11.17 32.74 -13.87
CA TYR G 60 -11.93 31.80 -13.06
C TYR G 60 -12.40 30.66 -13.96
N ILE G 61 -12.56 29.47 -13.38
CA ILE G 61 -13.25 28.39 -14.09
C ILE G 61 -14.74 28.77 -14.21
N ASP G 62 -15.43 28.14 -15.16
CA ASP G 62 -16.84 28.45 -15.41
C ASP G 62 -17.76 28.15 -14.21
N ALA G 63 -17.34 27.25 -13.34
CA ALA G 63 -18.20 26.79 -12.25
C ALA G 63 -18.25 27.75 -11.06
N VAL G 64 -17.28 28.65 -10.99
CA VAL G 64 -17.21 29.62 -9.89
C VAL G 64 -17.41 31.04 -10.39
N LYS G 65 -17.50 31.19 -11.71
CA LYS G 65 -17.67 32.49 -12.33
C LYS G 65 -18.96 33.17 -11.86
N GLY G 66 -18.82 34.35 -11.26
CA GLY G 66 -19.96 35.07 -10.74
C GLY G 66 -20.13 34.87 -9.25
N ARG G 67 -19.67 33.73 -8.74
CA ARG G 67 -19.78 33.40 -7.33
C ARG G 67 -18.49 33.73 -6.58
N PHE G 68 -17.35 33.37 -7.18
CA PHE G 68 -16.06 33.56 -6.53
C PHE G 68 -15.39 34.85 -6.96
N THR G 69 -14.60 35.44 -6.07
CA THR G 69 -13.88 36.66 -6.38
C THR G 69 -12.50 36.62 -5.73
N ILE G 70 -11.48 36.45 -6.56
CA ILE G 70 -10.09 36.41 -6.08
C ILE G 70 -9.53 37.83 -6.02
N SER G 71 -8.82 38.14 -4.93
CA SER G 71 -8.21 39.44 -4.78
C SER G 71 -6.90 39.29 -4.00
N ARG G 72 -6.12 40.37 -3.94
CA ARG G 72 -4.86 40.35 -3.21
C ARG G 72 -4.56 41.71 -2.60
N ASP G 73 -3.81 41.72 -1.50
CA ASP G 73 -3.24 42.95 -0.98
C ASP G 73 -1.74 42.78 -0.90
N ASN G 74 -1.03 43.37 -1.86
CA ASN G 74 0.42 43.21 -1.96
C ASN G 74 1.15 43.86 -0.80
N ALA G 75 0.56 44.91 -0.24
CA ALA G 75 1.12 45.55 0.96
C ALA G 75 1.12 44.57 2.12
N LYS G 76 0.11 43.71 2.18
CA LYS G 76 -0.01 42.71 3.25
C LYS G 76 0.54 41.34 2.87
N SER G 77 0.99 41.20 1.63
CA SER G 77 1.42 39.91 1.09
C SER G 77 0.33 38.85 1.28
N SER G 78 -0.91 39.24 0.98
CA SER G 78 -2.04 38.35 1.23
C SER G 78 -2.90 38.12 0.00
N LEU G 79 -3.39 36.88 -0.13
CA LEU G 79 -4.27 36.50 -1.22
C LEU G 79 -5.65 36.18 -0.67
N TYR G 80 -6.70 36.50 -1.42
CA TYR G 80 -8.05 36.26 -0.93
C TYR G 80 -8.95 35.55 -1.91
N LEU G 81 -9.86 34.74 -1.38
CA LEU G 81 -10.92 34.14 -2.16
C LEU G 81 -12.24 34.39 -1.45
N GLN G 82 -13.12 35.18 -2.09
CA GLN G 82 -14.45 35.43 -1.58
C GLN G 82 -15.42 34.47 -2.25
N MET G 83 -15.97 33.54 -1.49
CA MET G 83 -16.81 32.48 -2.04
C MET G 83 -18.28 32.65 -1.67
N ASN G 84 -19.10 33.06 -2.63
CA ASN G 84 -20.53 33.25 -2.39
C ASN G 84 -21.38 32.11 -2.95
N SER G 85 -22.61 32.00 -2.45
CA SER G 85 -23.58 31.01 -2.95
C SER G 85 -23.00 29.61 -2.96
N LEU G 86 -22.39 29.20 -1.86
CA LEU G 86 -21.71 27.91 -1.78
C LEU G 86 -22.67 26.74 -1.89
N GLY G 87 -22.24 25.70 -2.61
CA GLY G 87 -22.99 24.47 -2.72
C GLY G 87 -22.09 23.29 -2.37
N ALA G 88 -22.64 22.08 -2.38
CA ALA G 88 -21.87 20.88 -2.03
C ALA G 88 -20.72 20.62 -3.00
N GLU G 89 -20.82 21.16 -4.21
CA GLU G 89 -19.76 21.01 -5.21
C GLU G 89 -18.51 21.82 -4.88
N ASP G 90 -18.62 22.68 -3.87
CA ASP G 90 -17.50 23.54 -3.48
C ASP G 90 -16.76 22.99 -2.26
N THR G 91 -17.29 21.91 -1.68
CA THR G 91 -16.63 21.25 -0.56
C THR G 91 -15.30 20.66 -1.02
N ALA G 92 -14.21 21.17 -0.45
CA ALA G 92 -12.86 20.77 -0.86
C ALA G 92 -11.80 21.36 0.06
N VAL G 93 -10.59 20.81 -0.02
CA VAL G 93 -9.42 21.49 0.54
C VAL G 93 -9.03 22.56 -0.47
N TYR G 94 -8.78 23.78 0.01
CA TYR G 94 -8.37 24.88 -0.88
C TYR G 94 -6.92 25.27 -0.68
N TYR G 95 -6.13 25.13 -1.74
CA TYR G 95 -4.71 25.46 -1.71
C TYR G 95 -4.42 26.85 -2.26
N CYS G 96 -3.52 27.55 -1.57
CA CYS G 96 -2.89 28.76 -2.12
C CYS G 96 -1.65 28.29 -2.88
N ALA G 97 -1.46 28.78 -4.10
CA ALA G 97 -0.32 28.33 -4.91
C ALA G 97 0.34 29.46 -5.72
N ARG G 98 1.68 29.48 -5.71
CA ARG G 98 2.43 30.47 -6.49
C ARG G 98 2.78 29.94 -7.88
N GLU G 99 2.60 30.78 -8.90
CA GLU G 99 2.89 30.38 -10.27
C GLU G 99 4.32 30.75 -10.65
N PHE G 100 4.96 29.86 -11.41
CA PHE G 100 6.34 30.08 -11.86
C PHE G 100 6.45 29.93 -13.38
N HIS G 101 7.18 30.87 -13.99
CA HIS G 101 7.49 30.80 -15.42
C HIS G 101 8.98 30.56 -15.62
N SER G 102 9.31 29.48 -16.32
CA SER G 102 10.71 29.11 -16.55
C SER G 102 11.24 29.75 -17.83
N GLY G 103 10.36 30.41 -18.58
CA GLY G 103 10.71 30.88 -19.90
C GLY G 103 10.10 29.96 -20.94
N LEU G 104 9.76 28.75 -20.50
CA LEU G 104 9.01 27.81 -21.32
C LEU G 104 7.56 27.77 -20.85
N GLY G 105 7.26 26.89 -19.90
CA GLY G 105 5.90 26.70 -19.43
C GLY G 105 5.59 27.29 -18.07
N TRP G 106 4.36 27.07 -17.62
CA TRP G 106 3.91 27.57 -16.32
C TRP G 106 3.53 26.43 -15.39
N HIS G 107 3.98 26.49 -14.14
CA HIS G 107 3.65 25.49 -13.15
C HIS G 107 3.71 26.07 -11.74
N PHE G 108 3.24 25.31 -10.76
CA PHE G 108 3.20 25.79 -9.39
C PHE G 108 4.44 25.33 -8.61
N ASP G 109 5.23 26.31 -8.13
CA ASP G 109 6.47 26.00 -7.43
C ASP G 109 6.39 26.20 -5.92
N LEU G 110 5.22 26.64 -5.45
CA LEU G 110 5.00 26.88 -4.01
C LEU G 110 3.53 26.68 -3.63
N TRP G 111 3.29 25.90 -2.57
CA TRP G 111 1.94 25.62 -2.10
C TRP G 111 1.83 25.85 -0.60
N GLY G 112 0.60 26.03 -0.12
CA GLY G 112 0.33 25.99 1.30
C GLY G 112 -0.16 24.61 1.70
N ARG G 113 -0.42 24.42 2.99
CA ARG G 113 -0.95 23.15 3.49
C ARG G 113 -2.39 22.93 3.00
N GLY G 114 -3.05 24.04 2.69
CA GLY G 114 -4.45 24.01 2.29
C GLY G 114 -5.39 24.15 3.47
N THR G 115 -6.62 24.57 3.21
CA THR G 115 -7.65 24.66 4.26
C THR G 115 -8.96 24.06 3.78
N LEU G 116 -9.63 23.31 4.66
CA LEU G 116 -10.83 22.57 4.29
C LEU G 116 -12.11 23.41 4.38
N VAL G 117 -12.86 23.46 3.28
CA VAL G 117 -14.15 24.13 3.28
C VAL G 117 -15.25 23.08 3.12
N THR G 118 -16.12 22.98 4.13
CA THR G 118 -17.20 22.01 4.13
C THR G 118 -18.56 22.71 4.05
N VAL G 119 -19.30 22.41 2.98
CA VAL G 119 -20.63 23.00 2.80
C VAL G 119 -21.70 22.05 3.34
N SER G 120 -22.20 22.35 4.54
CA SER G 120 -23.20 21.50 5.18
C SER G 120 -24.26 22.32 5.91
N SER G 121 -25.47 21.76 5.98
CA SER G 121 -26.55 22.36 6.75
C SER G 121 -26.40 21.97 8.22
N ALA G 122 -25.60 20.93 8.46
CA ALA G 122 -25.48 20.32 9.78
C ALA G 122 -24.70 21.15 10.79
N SER G 123 -24.89 20.87 12.07
CA SER G 123 -24.21 21.58 13.14
C SER G 123 -22.82 21.03 13.38
N THR G 124 -21.93 21.88 13.87
CA THR G 124 -20.59 21.45 14.27
C THR G 124 -20.67 20.66 15.58
N LYS G 125 -20.05 19.48 15.62
CA LYS G 125 -20.01 18.69 16.86
C LYS G 125 -18.59 18.24 17.20
N GLY G 126 -18.17 18.53 18.43
CA GLY G 126 -16.85 18.13 18.88
C GLY G 126 -16.79 16.67 19.27
N PRO G 127 -15.58 16.08 19.23
CA PRO G 127 -15.43 14.65 19.49
C PRO G 127 -15.30 14.34 20.98
N SER G 128 -15.61 13.10 21.35
CA SER G 128 -15.28 12.58 22.66
C SER G 128 -14.03 11.73 22.49
N VAL G 129 -13.12 11.79 23.46
CA VAL G 129 -11.85 11.07 23.34
C VAL G 129 -11.74 9.95 24.39
N PHE G 130 -11.48 8.73 23.95
CA PHE G 130 -11.37 7.59 24.85
C PHE G 130 -10.04 6.86 24.66
N PRO G 131 -9.45 6.38 25.76
CA PRO G 131 -8.18 5.66 25.68
C PRO G 131 -8.35 4.25 25.15
N LEU G 132 -7.43 3.85 24.27
CA LEU G 132 -7.27 2.45 23.92
C LEU G 132 -6.11 1.95 24.77
N ALA G 133 -6.44 1.26 25.87
CA ALA G 133 -5.44 0.90 26.88
C ALA G 133 -4.71 -0.41 26.59
N PRO G 134 -3.38 -0.43 26.82
CA PRO G 134 -2.53 -1.60 26.58
C PRO G 134 -3.00 -2.81 27.40
N SER G 135 -2.60 -4.00 26.98
CA SER G 135 -3.15 -5.26 27.50
C SER G 135 -2.48 -5.77 28.78
N SER G 136 -1.81 -6.91 28.66
CA SER G 136 -1.17 -7.58 29.78
C SER G 136 -0.06 -8.50 29.29
N GLY G 141 4.01 -9.78 22.75
CA GLY G 141 5.19 -10.05 23.57
C GLY G 141 6.44 -9.35 23.04
N GLY G 142 6.93 -8.37 23.79
CA GLY G 142 8.07 -7.59 23.36
C GLY G 142 7.64 -6.22 22.84
N THR G 143 6.44 -6.17 22.26
CA THR G 143 5.88 -4.94 21.72
C THR G 143 4.41 -4.81 22.14
N ALA G 144 4.01 -3.60 22.51
CA ALA G 144 2.62 -3.33 22.90
C ALA G 144 1.98 -2.25 22.03
N ALA G 145 0.65 -2.21 22.03
CA ALA G 145 -0.08 -1.20 21.28
C ALA G 145 -1.02 -0.43 22.21
N LEU G 146 -1.16 0.86 21.96
CA LEU G 146 -2.11 1.69 22.71
C LEU G 146 -2.55 2.82 21.81
N GLY G 147 -3.63 3.51 22.18
CA GLY G 147 -4.10 4.60 21.35
C GLY G 147 -5.23 5.42 21.93
N CYS G 148 -5.82 6.25 21.07
CA CYS G 148 -6.96 7.07 21.45
C CYS G 148 -8.06 6.89 20.42
N LEU G 149 -9.30 6.78 20.90
CA LEU G 149 -10.45 6.75 20.01
C LEU G 149 -11.07 8.13 19.96
N VAL G 150 -11.16 8.71 18.77
CA VAL G 150 -11.69 10.06 18.60
C VAL G 150 -13.05 9.97 17.91
N LYS G 151 -14.12 10.08 18.70
CA LYS G 151 -15.44 9.62 18.28
C LYS G 151 -16.51 10.72 18.17
N ASP G 152 -17.36 10.58 17.16
CA ASP G 152 -18.55 11.42 16.97
C ASP G 152 -18.22 12.89 16.77
N TYR G 153 -17.64 13.24 15.63
CA TYR G 153 -17.35 14.64 15.33
C TYR G 153 -17.77 15.07 13.92
N PHE G 154 -18.00 16.36 13.77
CA PHE G 154 -18.29 16.96 12.47
C PHE G 154 -17.95 18.45 12.54
N PRO G 155 -17.27 18.97 11.52
CA PRO G 155 -16.80 18.18 10.37
C PRO G 155 -15.34 17.82 10.52
N GLU G 156 -14.76 17.28 9.46
CA GLU G 156 -13.31 17.10 9.36
C GLU G 156 -12.67 18.50 9.38
N PRO G 157 -11.38 18.59 9.77
CA PRO G 157 -10.53 17.47 10.17
C PRO G 157 -10.26 17.43 11.66
N VAL G 158 -9.60 16.35 12.07
CA VAL G 158 -9.10 16.20 13.43
C VAL G 158 -7.63 15.87 13.35
N THR G 159 -6.80 16.57 14.12
CA THR G 159 -5.38 16.23 14.18
C THR G 159 -5.08 15.50 15.47
N VAL G 160 -4.17 14.53 15.41
CA VAL G 160 -3.73 13.79 16.59
C VAL G 160 -2.21 13.73 16.60
N SER G 161 -1.60 14.15 17.69
CA SER G 161 -0.16 13.96 17.86
C SER G 161 0.06 13.13 19.10
N TRP G 162 1.27 12.60 19.27
CA TRP G 162 1.60 11.85 20.48
C TRP G 162 2.76 12.51 21.23
N ASN G 163 2.56 12.71 22.53
CA ASN G 163 3.51 13.43 23.37
C ASN G 163 4.00 14.73 22.71
N SER G 164 3.06 15.55 22.29
CA SER G 164 3.33 16.87 21.71
C SER G 164 4.25 16.85 20.48
N GLY G 165 4.23 15.74 19.75
CA GLY G 165 5.01 15.64 18.52
C GLY G 165 6.34 14.95 18.72
N ALA G 166 6.62 14.53 19.95
CA ALA G 166 7.87 13.83 20.25
C ALA G 166 7.84 12.37 19.83
N LEU G 167 6.64 11.79 19.77
CA LEU G 167 6.48 10.40 19.34
C LEU G 167 5.84 10.33 17.95
N THR G 168 6.60 9.84 16.98
CA THR G 168 6.10 9.74 15.60
C THR G 168 6.25 8.33 15.03
N SER G 169 7.30 7.63 15.44
CA SER G 169 7.54 6.26 14.98
C SER G 169 6.47 5.29 15.46
N GLY G 170 6.02 4.42 14.56
CA GLY G 170 5.01 3.42 14.90
C GLY G 170 3.60 3.94 15.03
N VAL G 171 3.40 5.24 14.82
CA VAL G 171 2.09 5.85 14.96
C VAL G 171 1.24 5.63 13.71
N HIS G 172 -0.03 5.25 13.91
CA HIS G 172 -0.99 5.18 12.81
C HIS G 172 -2.24 5.94 13.20
N THR G 173 -2.44 7.11 12.61
CA THR G 173 -3.71 7.82 12.79
C THR G 173 -4.61 7.46 11.61
N PHE G 174 -5.59 6.61 11.88
CA PHE G 174 -6.46 6.10 10.83
C PHE G 174 -7.33 7.18 10.22
N PRO G 175 -7.53 7.12 8.89
CA PRO G 175 -8.46 8.01 8.21
C PRO G 175 -9.85 7.88 8.83
N ALA G 176 -10.55 9.01 8.98
CA ALA G 176 -11.88 9.01 9.56
C ALA G 176 -12.86 8.19 8.71
N VAL G 177 -13.74 7.44 9.38
CA VAL G 177 -14.84 6.77 8.69
C VAL G 177 -16.17 7.40 9.07
N LEU G 178 -17.11 7.43 8.14
CA LEU G 178 -18.45 7.89 8.46
C LEU G 178 -19.21 6.78 9.17
N GLN G 179 -19.68 7.09 10.38
CA GLN G 179 -20.53 6.16 11.11
C GLN G 179 -21.96 6.31 10.58
N SER G 180 -22.85 5.41 11.00
CA SER G 180 -24.25 5.48 10.56
C SER G 180 -24.93 6.78 11.00
N SER G 181 -24.41 7.40 12.06
CA SER G 181 -24.94 8.66 12.57
C SER G 181 -24.64 9.83 11.62
N GLY G 182 -23.73 9.62 10.69
CA GLY G 182 -23.29 10.69 9.81
C GLY G 182 -22.18 11.51 10.45
N LEU G 183 -21.68 11.03 11.58
CA LEU G 183 -20.55 11.65 12.27
C LEU G 183 -19.27 10.83 12.05
N TYR G 184 -18.14 11.51 12.04
CA TYR G 184 -16.85 10.83 11.85
C TYR G 184 -16.35 10.19 13.14
N SER G 185 -15.48 9.21 12.97
CA SER G 185 -14.77 8.58 14.08
C SER G 185 -13.46 8.03 13.53
N LEU G 186 -12.40 8.13 14.34
CA LEU G 186 -11.12 7.53 13.98
C LEU G 186 -10.39 7.07 15.23
N SER G 187 -9.41 6.20 15.04
CA SER G 187 -8.49 5.87 16.11
C SER G 187 -7.08 6.27 15.70
N SER G 188 -6.30 6.71 16.67
CA SER G 188 -4.86 6.85 16.48
C SER G 188 -4.20 5.85 17.39
N VAL G 189 -3.27 5.07 16.84
CA VAL G 189 -2.57 4.05 17.62
C VAL G 189 -1.06 4.15 17.42
N VAL G 190 -0.32 3.61 18.37
CA VAL G 190 1.13 3.57 18.30
C VAL G 190 1.60 2.27 18.93
N THR G 191 2.60 1.63 18.32
CA THR G 191 3.22 0.46 18.92
C THR G 191 4.48 0.90 19.66
N VAL G 192 4.64 0.43 20.90
CA VAL G 192 5.74 0.82 21.74
C VAL G 192 6.34 -0.41 22.40
N PRO G 193 7.60 -0.32 22.87
CA PRO G 193 8.17 -1.45 23.62
C PRO G 193 7.33 -1.72 24.87
N SER G 194 7.04 -2.98 25.16
CA SER G 194 6.21 -3.32 26.31
C SER G 194 6.87 -2.89 27.61
N SER G 195 8.20 -2.95 27.65
CA SER G 195 8.97 -2.54 28.82
C SER G 195 8.80 -1.05 29.14
N SER G 196 8.33 -0.28 28.16
CA SER G 196 8.17 1.17 28.34
C SER G 196 6.86 1.50 29.03
N LEU G 197 5.92 0.56 29.02
CA LEU G 197 4.66 0.73 29.75
C LEU G 197 4.91 0.96 31.23
N GLY G 198 4.26 1.98 31.78
CA GLY G 198 4.41 2.30 33.20
C GLY G 198 5.61 3.16 33.52
N THR G 199 6.58 3.22 32.61
CA THR G 199 7.77 4.04 32.81
C THR G 199 7.76 5.26 31.90
N GLN G 200 7.27 5.09 30.67
CA GLN G 200 7.12 6.19 29.74
C GLN G 200 5.67 6.70 29.80
N THR G 201 5.48 8.01 29.65
CA THR G 201 4.13 8.55 29.60
C THR G 201 3.67 8.71 28.14
N TYR G 202 2.43 8.30 27.88
CA TYR G 202 1.87 8.40 26.54
C TYR G 202 0.61 9.25 26.53
N ILE G 203 0.68 10.38 25.84
CA ILE G 203 -0.44 11.32 25.77
C ILE G 203 -0.84 11.57 24.32
N CYS G 204 -2.10 11.33 24.01
CA CYS G 204 -2.61 11.67 22.68
C CYS G 204 -3.14 13.10 22.70
N ASN G 205 -2.67 13.91 21.76
CA ASN G 205 -3.09 15.30 21.67
C ASN G 205 -4.09 15.47 20.55
N VAL G 206 -5.36 15.59 20.91
CA VAL G 206 -6.43 15.69 19.93
C VAL G 206 -6.93 17.12 19.78
N ASN G 207 -6.97 17.59 18.54
CA ASN G 207 -7.48 18.93 18.27
C ASN G 207 -8.54 18.95 17.17
N HIS G 208 -9.72 19.45 17.51
CA HIS G 208 -10.77 19.66 16.53
C HIS G 208 -11.17 21.13 16.51
N LYS G 209 -10.52 21.88 15.63
CA LYS G 209 -10.71 23.33 15.55
C LYS G 209 -12.15 23.85 15.32
N PRO G 210 -12.92 23.19 14.43
CA PRO G 210 -14.28 23.72 14.20
C PRO G 210 -15.14 23.77 15.46
N SER G 211 -14.82 22.94 16.46
CA SER G 211 -15.56 22.92 17.70
C SER G 211 -14.73 23.51 18.84
N ASN G 212 -13.54 24.02 18.51
CA ASN G 212 -12.58 24.47 19.52
C ASN G 212 -12.39 23.40 20.60
N THR G 213 -12.40 22.15 20.18
CA THR G 213 -12.17 21.03 21.09
C THR G 213 -10.69 20.70 21.10
N LYS G 214 -10.10 20.71 22.29
CA LYS G 214 -8.71 20.33 22.45
C LYS G 214 -8.57 19.43 23.67
N VAL G 215 -8.00 18.24 23.46
CA VAL G 215 -7.90 17.23 24.50
C VAL G 215 -6.50 16.60 24.54
N ASP G 216 -5.90 16.62 25.72
CA ASP G 216 -4.65 15.89 25.93
C ASP G 216 -4.93 14.75 26.91
N LYS G 217 -4.96 13.53 26.39
CA LYS G 217 -5.34 12.36 27.19
C LYS G 217 -4.17 11.42 27.45
N LYS G 218 -3.85 11.22 28.71
CA LYS G 218 -2.81 10.29 29.10
C LYS G 218 -3.35 8.87 28.99
N VAL G 219 -2.61 7.99 28.32
CA VAL G 219 -3.07 6.62 28.11
C VAL G 219 -2.21 5.64 28.91
N GLU G 220 -2.86 4.88 29.79
CA GLU G 220 -2.17 3.97 30.69
C GLU G 220 -2.96 2.66 30.79
N PRO G 221 -2.26 1.56 31.08
CA PRO G 221 -2.94 0.27 31.23
C PRO G 221 -3.99 0.29 32.34
N LYS G 222 -5.08 -0.44 32.11
CA LYS G 222 -6.19 -0.52 33.05
C LYS G 222 -5.82 -1.40 34.24
N SER G 223 -6.36 -1.07 35.41
CA SER G 223 -6.14 -1.87 36.61
C SER G 223 -7.45 -2.03 37.39
N GLU H 1 -38.52 -9.86 -28.25
CA GLU H 1 -37.77 -9.63 -27.00
C GLU H 1 -38.21 -10.58 -25.89
N VAL H 2 -37.25 -11.05 -25.11
CA VAL H 2 -37.50 -11.99 -24.01
C VAL H 2 -38.20 -11.28 -22.85
N GLN H 3 -39.47 -11.60 -22.63
CA GLN H 3 -40.21 -10.98 -21.54
C GLN H 3 -41.36 -11.84 -21.01
N LEU H 4 -41.82 -11.50 -19.81
CA LEU H 4 -42.97 -12.12 -19.20
C LEU H 4 -43.96 -11.00 -18.85
N VAL H 5 -45.24 -11.22 -19.14
CA VAL H 5 -46.24 -10.21 -18.85
C VAL H 5 -47.38 -10.79 -18.02
N GLU H 6 -47.40 -10.48 -16.72
CA GLU H 6 -48.48 -10.92 -15.85
C GLU H 6 -49.72 -10.06 -16.12
N THR H 7 -50.90 -10.66 -15.96
CA THR H 7 -52.16 -9.93 -16.10
C THR H 7 -53.27 -10.60 -15.28
N GLY H 8 -54.35 -9.86 -15.03
CA GLY H 8 -55.47 -10.41 -14.31
C GLY H 8 -55.53 -10.00 -12.85
N GLY H 9 -54.64 -9.08 -12.47
CA GLY H 9 -54.58 -8.63 -11.10
C GLY H 9 -55.63 -7.58 -10.79
N GLY H 10 -55.76 -7.23 -9.52
CA GLY H 10 -56.75 -6.23 -9.11
C GLY H 10 -57.30 -6.49 -7.73
N VAL H 11 -58.51 -5.99 -7.48
CA VAL H 11 -59.14 -6.10 -6.17
C VAL H 11 -60.09 -7.30 -6.11
N VAL H 12 -59.95 -8.08 -5.05
CA VAL H 12 -60.79 -9.25 -4.84
C VAL H 12 -61.22 -9.27 -3.37
N GLN H 13 -62.49 -9.59 -3.12
CA GLN H 13 -62.99 -9.66 -1.75
C GLN H 13 -62.54 -10.95 -1.06
N PRO H 14 -62.33 -10.88 0.26
CA PRO H 14 -61.91 -12.05 1.06
C PRO H 14 -62.83 -13.24 0.81
N GLY H 15 -62.24 -14.43 0.66
CA GLY H 15 -63.01 -15.64 0.40
C GLY H 15 -63.23 -15.91 -1.08
N ARG H 16 -63.02 -14.88 -1.90
CA ARG H 16 -63.26 -15.01 -3.34
C ARG H 16 -62.07 -15.49 -4.14
N SER H 17 -62.27 -15.58 -5.46
CA SER H 17 -61.30 -16.17 -6.37
C SER H 17 -60.71 -15.17 -7.35
N LEU H 18 -59.50 -15.48 -7.82
CA LEU H 18 -58.85 -14.70 -8.87
C LEU H 18 -57.96 -15.61 -9.70
N ARG H 19 -57.92 -15.37 -11.01
CA ARG H 19 -57.02 -16.12 -11.88
C ARG H 19 -56.02 -15.20 -12.56
N LEU H 20 -54.73 -15.50 -12.39
CA LEU H 20 -53.67 -14.73 -13.01
C LEU H 20 -53.18 -15.44 -14.27
N SER H 21 -52.77 -14.65 -15.26
CA SER H 21 -52.17 -15.18 -16.47
C SER H 21 -50.79 -14.57 -16.65
N CYS H 22 -49.88 -15.36 -17.23
CA CYS H 22 -48.56 -14.85 -17.62
C CYS H 22 -48.32 -15.21 -19.07
N THR H 23 -48.03 -14.20 -19.90
CA THR H 23 -47.74 -14.45 -21.30
C THR H 23 -46.25 -14.31 -21.58
N ALA H 24 -45.63 -15.39 -22.05
CA ALA H 24 -44.21 -15.38 -22.39
C ALA H 24 -44.01 -15.12 -23.88
N SER H 25 -42.91 -14.46 -24.21
CA SER H 25 -42.56 -14.22 -25.62
C SER H 25 -41.05 -14.02 -25.75
N GLY H 26 -40.51 -14.36 -26.91
CA GLY H 26 -39.09 -14.16 -27.18
C GLY H 26 -38.20 -15.34 -26.83
N PHE H 27 -38.81 -16.40 -26.29
CA PHE H 27 -38.06 -17.62 -25.97
C PHE H 27 -38.94 -18.87 -26.10
N THR H 28 -38.32 -20.03 -26.07
CA THR H 28 -39.06 -21.29 -26.17
C THR H 28 -39.66 -21.71 -24.82
N PHE H 29 -40.91 -21.30 -24.62
CA PHE H 29 -41.62 -21.43 -23.34
C PHE H 29 -41.75 -22.87 -22.82
N ARG H 30 -41.93 -23.82 -23.74
CA ARG H 30 -42.16 -25.22 -23.35
C ARG H 30 -40.90 -25.91 -22.84
N ASP H 31 -39.76 -25.23 -22.90
CA ASP H 31 -38.50 -25.81 -22.46
C ASP H 31 -38.21 -25.56 -20.97
N TYR H 32 -38.97 -24.66 -20.34
CA TYR H 32 -38.63 -24.20 -19.00
C TYR H 32 -39.63 -24.53 -17.89
N TRP H 33 -39.10 -24.75 -16.69
CA TRP H 33 -39.90 -24.64 -15.47
C TRP H 33 -40.32 -23.18 -15.31
N MET H 34 -41.57 -22.96 -14.90
CA MET H 34 -42.07 -21.62 -14.66
C MET H 34 -42.65 -21.49 -13.24
N SER H 35 -42.36 -20.36 -12.60
CA SER H 35 -42.82 -20.12 -11.22
C SER H 35 -43.68 -18.87 -11.08
N TRP H 36 -44.44 -18.85 -10.00
CA TRP H 36 -45.04 -17.61 -9.53
C TRP H 36 -44.34 -17.24 -8.23
N VAL H 37 -43.91 -15.98 -8.13
CA VAL H 37 -43.33 -15.45 -6.90
C VAL H 37 -44.12 -14.21 -6.49
N ARG H 38 -44.38 -14.05 -5.20
CA ARG H 38 -45.16 -12.90 -4.74
C ARG H 38 -44.40 -12.02 -3.74
N GLN H 39 -44.90 -10.80 -3.55
CA GLN H 39 -44.29 -9.85 -2.62
C GLN H 39 -45.35 -8.92 -2.02
N ALA H 40 -45.63 -9.10 -0.74
CA ALA H 40 -46.52 -8.19 -0.03
C ALA H 40 -45.85 -6.82 0.07
N PRO H 41 -46.65 -5.74 0.05
CA PRO H 41 -46.14 -4.36 0.11
C PRO H 41 -45.17 -4.14 1.26
N GLY H 42 -43.99 -3.61 0.95
CA GLY H 42 -42.97 -3.35 1.96
C GLY H 42 -42.42 -4.59 2.63
N LYS H 43 -42.60 -5.74 1.99
CA LYS H 43 -42.10 -6.99 2.56
C LYS H 43 -41.20 -7.74 1.59
N GLY H 44 -40.80 -8.95 1.98
CA GLY H 44 -39.83 -9.71 1.22
C GLY H 44 -40.41 -10.59 0.12
N LEU H 45 -39.53 -11.33 -0.56
CA LEU H 45 -39.94 -12.22 -1.64
C LEU H 45 -40.45 -13.55 -1.09
N GLU H 46 -41.54 -14.05 -1.68
CA GLU H 46 -42.03 -15.37 -1.33
C GLU H 46 -42.43 -16.16 -2.58
N TRP H 47 -41.72 -17.26 -2.83
CA TRP H 47 -42.07 -18.17 -3.91
C TRP H 47 -43.41 -18.82 -3.60
N VAL H 48 -44.26 -18.99 -4.63
CA VAL H 48 -45.61 -19.51 -4.43
C VAL H 48 -45.78 -20.94 -4.95
N ALA H 49 -45.52 -21.11 -6.24
CA ALA H 49 -45.73 -22.39 -6.91
C ALA H 49 -44.93 -22.47 -8.19
N ASP H 50 -44.67 -23.68 -8.67
CA ASP H 50 -44.07 -23.86 -9.98
C ASP H 50 -44.53 -25.12 -10.70
N ILE H 51 -44.26 -25.18 -12.00
CA ILE H 51 -44.75 -26.26 -12.84
C ILE H 51 -43.70 -26.64 -13.88
N ASN H 52 -43.54 -27.94 -14.10
CA ASN H 52 -42.53 -28.45 -15.03
C ASN H 52 -42.97 -28.26 -16.49
N PRO H 53 -42.04 -28.35 -17.44
CA PRO H 53 -42.34 -28.08 -18.86
C PRO H 53 -43.54 -28.84 -19.41
N ASP H 54 -43.72 -30.09 -18.98
CA ASP H 54 -44.82 -30.91 -19.48
C ASP H 54 -46.13 -30.63 -18.73
N GLY H 55 -46.04 -29.96 -17.60
CA GLY H 55 -47.23 -29.55 -16.87
C GLY H 55 -47.76 -30.59 -15.89
N ILE H 56 -46.99 -31.65 -15.66
CA ILE H 56 -47.43 -32.73 -14.76
C ILE H 56 -46.80 -32.71 -13.36
N THR H 57 -45.61 -32.14 -13.22
CA THR H 57 -44.98 -32.00 -11.91
C THR H 57 -45.18 -30.58 -11.37
N ARG H 58 -45.72 -30.47 -10.15
CA ARG H 58 -46.00 -29.16 -9.55
C ARG H 58 -45.65 -29.09 -8.07
N TYR H 59 -45.10 -27.96 -7.63
CA TYR H 59 -44.83 -27.75 -6.21
C TYR H 59 -45.50 -26.49 -5.69
N TYR H 60 -45.92 -26.53 -4.42
CA TYR H 60 -46.57 -25.39 -3.77
C TYR H 60 -45.98 -25.17 -2.38
N ILE H 61 -46.01 -23.93 -1.90
CA ILE H 61 -45.77 -23.68 -0.48
C ILE H 61 -47.02 -24.07 0.29
N ASP H 62 -46.85 -24.38 1.58
CA ASP H 62 -47.98 -24.81 2.41
C ASP H 62 -49.07 -23.75 2.55
N ALA H 63 -48.67 -22.48 2.53
CA ALA H 63 -49.61 -21.38 2.71
C ALA H 63 -50.72 -21.36 1.65
N VAL H 64 -50.46 -21.95 0.50
CA VAL H 64 -51.43 -21.91 -0.61
C VAL H 64 -51.94 -23.29 -1.02
N LYS H 65 -51.60 -24.31 -0.22
CA LYS H 65 -52.07 -25.67 -0.43
C LYS H 65 -53.60 -25.77 -0.48
N GLY H 66 -54.12 -26.38 -1.53
CA GLY H 66 -55.55 -26.59 -1.65
C GLY H 66 -56.33 -25.35 -2.03
N ARG H 67 -55.64 -24.22 -2.16
CA ARG H 67 -56.28 -22.97 -2.54
C ARG H 67 -55.81 -22.53 -3.92
N PHE H 68 -54.51 -22.67 -4.17
CA PHE H 68 -53.92 -22.25 -5.43
C PHE H 68 -53.64 -23.46 -6.33
N THR H 69 -53.86 -23.28 -7.62
CA THR H 69 -53.55 -24.30 -8.61
C THR H 69 -52.80 -23.63 -9.74
N ILE H 70 -51.63 -24.17 -10.07
CA ILE H 70 -50.84 -23.65 -11.18
C ILE H 70 -51.02 -24.55 -12.41
N SER H 71 -51.02 -23.95 -13.60
CA SER H 71 -51.16 -24.70 -14.84
C SER H 71 -50.45 -23.94 -15.97
N ARG H 72 -50.33 -24.57 -17.13
CA ARG H 72 -49.71 -23.91 -18.28
C ARG H 72 -50.30 -24.36 -19.62
N ASP H 73 -50.30 -23.45 -20.59
CA ASP H 73 -50.70 -23.76 -21.96
C ASP H 73 -49.48 -23.51 -22.84
N ASN H 74 -48.72 -24.57 -23.14
CA ASN H 74 -47.49 -24.43 -23.91
C ASN H 74 -47.69 -23.87 -25.32
N ALA H 75 -48.84 -24.16 -25.91
CA ALA H 75 -49.17 -23.62 -27.23
C ALA H 75 -49.41 -22.12 -27.19
N LYS H 76 -49.99 -21.64 -26.10
CA LYS H 76 -50.23 -20.21 -25.91
C LYS H 76 -49.04 -19.50 -25.25
N SER H 77 -48.00 -20.27 -24.92
CA SER H 77 -46.85 -19.75 -24.18
C SER H 77 -47.32 -19.03 -22.92
N SER H 78 -48.16 -19.71 -22.14
CA SER H 78 -48.84 -19.04 -21.05
C SER H 78 -48.83 -19.83 -19.75
N LEU H 79 -48.73 -19.08 -18.65
CA LEU H 79 -48.74 -19.65 -17.31
C LEU H 79 -49.98 -19.15 -16.59
N TYR H 80 -50.57 -19.96 -15.73
CA TYR H 80 -51.76 -19.54 -14.99
C TYR H 80 -51.66 -19.82 -13.50
N LEU H 81 -52.29 -18.96 -12.70
CA LEU H 81 -52.43 -19.20 -11.28
C LEU H 81 -53.88 -18.98 -10.85
N GLN H 82 -54.54 -20.07 -10.48
CA GLN H 82 -55.91 -20.03 -9.98
C GLN H 82 -55.90 -19.88 -8.47
N MET H 83 -56.36 -18.73 -7.98
CA MET H 83 -56.32 -18.46 -6.54
C MET H 83 -57.71 -18.46 -5.91
N ASN H 84 -57.98 -19.44 -5.05
CA ASN H 84 -59.26 -19.52 -4.34
C ASN H 84 -59.12 -19.20 -2.86
N SER H 85 -60.24 -18.81 -2.23
CA SER H 85 -60.27 -18.56 -0.79
C SER H 85 -59.20 -17.56 -0.35
N LEU H 86 -59.15 -16.41 -1.03
CA LEU H 86 -58.13 -15.41 -0.74
C LEU H 86 -58.36 -14.71 0.60
N GLY H 87 -57.26 -14.36 1.26
CA GLY H 87 -57.29 -13.54 2.46
C GLY H 87 -56.28 -12.42 2.37
N ALA H 88 -56.18 -11.60 3.40
CA ALA H 88 -55.27 -10.45 3.40
C ALA H 88 -53.81 -10.87 3.29
N GLU H 89 -53.51 -12.09 3.74
CA GLU H 89 -52.15 -12.61 3.68
C GLU H 89 -51.73 -12.93 2.24
N ASP H 90 -52.68 -12.83 1.32
CA ASP H 90 -52.42 -13.12 -0.08
C ASP H 90 -52.23 -11.83 -0.88
N THR H 91 -52.55 -10.70 -0.26
CA THR H 91 -52.33 -9.40 -0.89
C THR H 91 -50.86 -9.22 -1.19
N ALA H 92 -50.54 -9.01 -2.48
CA ALA H 92 -49.15 -8.96 -2.94
C ALA H 92 -49.06 -8.58 -4.40
N VAL H 93 -47.84 -8.26 -4.85
CA VAL H 93 -47.56 -8.20 -6.28
C VAL H 93 -47.18 -9.62 -6.68
N TYR H 94 -47.80 -10.14 -7.73
CA TYR H 94 -47.49 -11.48 -8.18
C TYR H 94 -46.62 -11.47 -9.42
N TYR H 95 -45.46 -12.13 -9.34
CA TYR H 95 -44.50 -12.17 -10.42
C TYR H 95 -44.50 -13.52 -11.13
N CYS H 96 -44.42 -13.47 -12.46
CA CYS H 96 -44.15 -14.65 -13.26
C CYS H 96 -42.64 -14.74 -13.40
N ALA H 97 -42.06 -15.90 -13.12
CA ALA H 97 -40.60 -16.06 -13.20
C ALA H 97 -40.18 -17.35 -13.89
N ARG H 98 -39.15 -17.27 -14.72
CA ARG H 98 -38.61 -18.44 -15.41
C ARG H 98 -37.49 -19.07 -14.58
N GLU H 99 -37.44 -20.39 -14.57
CA GLU H 99 -36.40 -21.08 -13.79
C GLU H 99 -35.21 -21.47 -14.66
N PHE H 100 -34.02 -21.40 -14.07
CA PHE H 100 -32.77 -21.72 -14.75
C PHE H 100 -32.05 -22.82 -13.99
N HIS H 101 -31.50 -23.78 -14.72
CA HIS H 101 -30.67 -24.83 -14.15
C HIS H 101 -29.51 -25.12 -15.07
N SER H 102 -28.30 -25.26 -14.50
CA SER H 102 -27.14 -25.60 -15.32
C SER H 102 -26.20 -26.58 -14.60
N GLY H 103 -26.77 -27.64 -14.05
CA GLY H 103 -25.99 -28.72 -13.47
C GLY H 103 -25.48 -28.46 -12.06
N LEU H 104 -25.95 -27.37 -11.46
CA LEU H 104 -25.48 -26.97 -10.14
C LEU H 104 -26.62 -26.58 -9.20
N GLY H 105 -27.52 -25.74 -9.70
CA GLY H 105 -28.59 -25.22 -8.87
C GLY H 105 -29.70 -24.56 -9.66
N TRP H 106 -30.73 -24.12 -8.95
CA TRP H 106 -31.92 -23.54 -9.56
C TRP H 106 -32.13 -22.11 -9.08
N HIS H 107 -32.27 -21.18 -10.02
CA HIS H 107 -32.60 -19.79 -9.69
C HIS H 107 -33.53 -19.19 -10.74
N PHE H 108 -34.01 -17.98 -10.49
CA PHE H 108 -34.88 -17.28 -11.44
C PHE H 108 -34.10 -16.30 -12.31
N ASP H 109 -34.12 -16.52 -13.63
CA ASP H 109 -33.31 -15.72 -14.56
C ASP H 109 -34.14 -14.77 -15.40
N LEU H 110 -35.44 -14.71 -15.12
CA LEU H 110 -36.35 -13.85 -15.88
C LEU H 110 -37.61 -13.53 -15.08
N TRP H 111 -37.99 -12.25 -15.03
CA TRP H 111 -39.16 -11.82 -14.26
C TRP H 111 -40.05 -10.91 -15.09
N GLY H 112 -41.35 -10.98 -14.85
CA GLY H 112 -42.28 -10.00 -15.39
C GLY H 112 -42.30 -8.81 -14.45
N ARG H 113 -43.07 -7.78 -14.80
CA ARG H 113 -43.15 -6.60 -13.96
C ARG H 113 -44.02 -6.87 -12.73
N GLY H 114 -44.86 -7.89 -12.82
CA GLY H 114 -45.75 -8.25 -11.73
C GLY H 114 -47.13 -7.63 -11.85
N THR H 115 -48.12 -8.29 -11.25
CA THR H 115 -49.48 -7.74 -11.20
C THR H 115 -49.94 -7.67 -9.75
N LEU H 116 -50.51 -6.51 -9.37
CA LEU H 116 -50.89 -6.28 -7.97
C LEU H 116 -52.24 -6.91 -7.62
N VAL H 117 -52.25 -7.71 -6.56
CA VAL H 117 -53.48 -8.35 -6.07
C VAL H 117 -53.85 -7.82 -4.69
N THR H 118 -55.00 -7.14 -4.61
CA THR H 118 -55.43 -6.54 -3.36
C THR H 118 -56.66 -7.26 -2.82
N VAL H 119 -56.48 -7.94 -1.67
CA VAL H 119 -57.60 -8.65 -1.04
C VAL H 119 -58.23 -7.77 0.03
N SER H 120 -59.33 -7.12 -0.32
CA SER H 120 -59.97 -6.17 0.58
C SER H 120 -61.44 -6.03 0.23
N SER H 121 -62.25 -5.66 1.21
CA SER H 121 -63.67 -5.43 1.00
C SER H 121 -63.93 -3.96 0.69
N ALA H 122 -62.86 -3.17 0.69
CA ALA H 122 -62.98 -1.73 0.39
C ALA H 122 -63.51 -1.52 -1.02
N SER H 123 -64.32 -0.48 -1.19
CA SER H 123 -64.81 -0.11 -2.52
C SER H 123 -63.83 0.81 -3.20
N THR H 124 -63.72 0.69 -4.52
CA THR H 124 -62.87 1.57 -5.30
C THR H 124 -63.28 3.02 -5.09
N LYS H 125 -62.33 3.87 -4.70
CA LYS H 125 -62.62 5.28 -4.42
C LYS H 125 -61.49 6.19 -4.87
N GLY H 126 -61.84 7.26 -5.59
CA GLY H 126 -60.85 8.22 -6.01
C GLY H 126 -60.38 9.08 -4.85
N PRO H 127 -59.17 9.63 -4.95
CA PRO H 127 -58.60 10.45 -3.88
C PRO H 127 -59.17 11.86 -3.83
N SER H 128 -59.24 12.44 -2.64
CA SER H 128 -59.51 13.87 -2.50
C SER H 128 -58.16 14.57 -2.42
N VAL H 129 -57.97 15.62 -3.20
CA VAL H 129 -56.67 16.30 -3.26
C VAL H 129 -56.68 17.66 -2.55
N PHE H 130 -55.82 17.81 -1.54
CA PHE H 130 -55.76 19.05 -0.76
C PHE H 130 -54.36 19.66 -0.86
N PRO H 131 -54.29 21.00 -0.88
CA PRO H 131 -53.00 21.66 -1.09
C PRO H 131 -52.24 21.82 0.21
N LEU H 132 -50.93 21.58 0.15
CA LEU H 132 -50.05 21.95 1.25
C LEU H 132 -49.46 23.31 0.89
N ALA H 133 -50.09 24.38 1.39
CA ALA H 133 -49.79 25.74 0.94
C ALA H 133 -48.50 26.31 1.50
N PRO H 134 -47.76 27.05 0.67
CA PRO H 134 -46.50 27.69 1.08
C PRO H 134 -46.71 28.70 2.21
N SER H 135 -45.91 28.58 3.26
CA SER H 135 -45.96 29.51 4.39
C SER H 135 -45.52 30.91 3.95
N SER H 136 -46.09 31.93 4.57
CA SER H 136 -45.68 33.31 4.31
C SER H 136 -44.52 33.70 5.22
N LYS H 137 -43.32 33.26 4.85
CA LYS H 137 -42.12 33.54 5.63
C LYS H 137 -40.96 33.93 4.73
N GLY H 142 -35.16 32.63 -0.93
CA GLY H 142 -34.88 31.39 -0.21
C GLY H 142 -35.67 30.22 -0.75
N THR H 143 -35.77 29.15 0.03
CA THR H 143 -36.52 27.97 -0.38
C THR H 143 -37.90 27.94 0.27
N ALA H 144 -38.93 27.71 -0.54
CA ALA H 144 -40.28 27.49 -0.02
C ALA H 144 -40.68 26.06 -0.30
N ALA H 145 -41.45 25.47 0.60
CA ALA H 145 -42.00 24.13 0.37
C ALA H 145 -43.50 24.20 0.16
N LEU H 146 -44.00 23.47 -0.83
CA LEU H 146 -45.44 23.32 -1.03
C LEU H 146 -45.72 21.89 -1.49
N GLY H 147 -47.00 21.54 -1.55
CA GLY H 147 -47.35 20.20 -1.97
C GLY H 147 -48.83 19.88 -2.03
N CYS H 148 -49.12 18.61 -2.28
CA CYS H 148 -50.50 18.13 -2.36
C CYS H 148 -50.72 16.93 -1.45
N LEU H 149 -51.81 16.99 -0.68
CA LEU H 149 -52.23 15.84 0.12
C LEU H 149 -53.20 15.00 -0.72
N VAL H 150 -52.83 13.76 -0.99
CA VAL H 150 -53.66 12.84 -1.77
C VAL H 150 -54.32 11.84 -0.81
N LYS H 151 -55.61 12.04 -0.56
CA LYS H 151 -56.28 11.47 0.61
C LYS H 151 -57.41 10.49 0.31
N ASP H 152 -57.43 9.39 1.06
CA ASP H 152 -58.57 8.47 1.06
C ASP H 152 -58.91 7.89 -0.31
N TYR H 153 -57.98 7.14 -0.90
CA TYR H 153 -58.24 6.45 -2.15
C TYR H 153 -58.07 4.95 -1.98
N PHE H 154 -58.64 4.19 -2.92
CA PHE H 154 -58.50 2.73 -2.96
C PHE H 154 -58.85 2.22 -4.35
N PRO H 155 -58.04 1.28 -4.86
CA PRO H 155 -56.84 0.77 -4.21
C PRO H 155 -55.61 1.51 -4.73
N GLU H 156 -54.43 0.98 -4.44
CA GLU H 156 -53.21 1.43 -5.10
C GLU H 156 -53.29 1.04 -6.58
N PRO H 157 -52.52 1.72 -7.45
CA PRO H 157 -51.59 2.81 -7.17
C PRO H 157 -52.16 4.15 -7.60
N VAL H 158 -51.38 5.20 -7.37
CA VAL H 158 -51.72 6.54 -7.80
C VAL H 158 -50.43 7.25 -8.20
N THR H 159 -50.47 8.04 -9.26
CA THR H 159 -49.28 8.78 -9.69
C THR H 159 -49.46 10.27 -9.44
N VAL H 160 -48.37 10.93 -9.11
CA VAL H 160 -48.38 12.39 -8.94
C VAL H 160 -47.27 12.99 -9.77
N SER H 161 -47.59 14.04 -10.52
CA SER H 161 -46.59 14.81 -11.25
C SER H 161 -46.83 16.28 -10.95
N TRP H 162 -45.86 17.12 -11.29
CA TRP H 162 -46.01 18.55 -11.10
C TRP H 162 -45.87 19.31 -12.41
N ASN H 163 -46.79 20.23 -12.66
CA ASN H 163 -46.80 21.03 -13.88
C ASN H 163 -46.73 20.15 -15.13
N SER H 164 -47.46 19.04 -15.10
CA SER H 164 -47.54 18.09 -16.20
C SER H 164 -46.19 17.50 -16.61
N GLY H 165 -45.27 17.44 -15.66
CA GLY H 165 -43.95 16.87 -15.91
C GLY H 165 -42.84 17.90 -16.04
N ALA H 166 -43.22 19.17 -16.07
CA ALA H 166 -42.27 20.26 -16.23
C ALA H 166 -41.38 20.44 -15.00
N LEU H 167 -41.92 20.07 -13.84
CA LEU H 167 -41.24 20.27 -12.56
C LEU H 167 -40.90 18.93 -11.90
N THR H 168 -39.61 18.62 -11.81
CA THR H 168 -39.16 17.34 -11.24
C THR H 168 -38.08 17.50 -10.17
N SER H 169 -37.32 18.58 -10.24
CA SER H 169 -36.23 18.83 -9.28
C SER H 169 -36.78 19.22 -7.91
N GLY H 170 -36.39 18.48 -6.88
CA GLY H 170 -36.81 18.78 -5.53
C GLY H 170 -38.17 18.21 -5.18
N VAL H 171 -38.71 17.38 -6.08
CA VAL H 171 -40.00 16.75 -5.86
C VAL H 171 -39.85 15.48 -5.01
N HIS H 172 -40.64 15.39 -3.94
CA HIS H 172 -40.71 14.16 -3.16
C HIS H 172 -42.16 13.70 -3.05
N THR H 173 -42.46 12.56 -3.68
CA THR H 173 -43.76 11.93 -3.53
C THR H 173 -43.62 10.75 -2.58
N PHE H 174 -44.22 10.88 -1.41
CA PHE H 174 -44.10 9.85 -0.37
C PHE H 174 -44.90 8.59 -0.68
N PRO H 175 -44.38 7.43 -0.24
CA PRO H 175 -45.10 6.16 -0.32
C PRO H 175 -46.40 6.24 0.47
N ALA H 176 -47.47 5.67 -0.07
CA ALA H 176 -48.77 5.70 0.59
C ALA H 176 -48.75 4.91 1.88
N VAL H 177 -49.54 5.33 2.86
CA VAL H 177 -49.79 4.49 4.02
C VAL H 177 -51.23 3.98 4.00
N LEU H 178 -51.42 2.73 4.41
CA LEU H 178 -52.76 2.19 4.51
C LEU H 178 -53.36 2.63 5.84
N GLN H 179 -54.55 3.21 5.79
CA GLN H 179 -55.18 3.70 7.01
C GLN H 179 -56.14 2.67 7.60
N SER H 180 -56.53 2.87 8.86
CA SER H 180 -57.48 1.99 9.54
C SER H 180 -58.81 1.93 8.79
N SER H 181 -59.12 3.00 8.06
CA SER H 181 -60.33 3.06 7.26
C SER H 181 -60.28 2.05 6.12
N GLY H 182 -59.09 1.57 5.80
CA GLY H 182 -58.90 0.68 4.66
C GLY H 182 -58.59 1.46 3.40
N LEU H 183 -58.41 2.78 3.55
CA LEU H 183 -58.11 3.65 2.42
C LEU H 183 -56.63 4.06 2.45
N TYR H 184 -56.12 4.50 1.31
CA TYR H 184 -54.72 4.92 1.21
C TYR H 184 -54.60 6.44 1.22
N SER H 185 -53.41 6.91 1.58
CA SER H 185 -53.16 8.34 1.68
C SER H 185 -51.67 8.64 1.51
N LEU H 186 -51.34 9.73 0.82
CA LEU H 186 -49.96 10.16 0.65
C LEU H 186 -49.86 11.66 0.44
N SER H 187 -48.63 12.19 0.51
CA SER H 187 -48.36 13.56 0.16
C SER H 187 -47.27 13.64 -0.91
N SER H 188 -47.34 14.68 -1.73
CA SER H 188 -46.28 14.98 -2.68
C SER H 188 -45.81 16.40 -2.39
N VAL H 189 -44.52 16.56 -2.08
CA VAL H 189 -43.97 17.87 -1.78
C VAL H 189 -42.92 18.32 -2.80
N VAL H 190 -42.62 19.61 -2.79
CA VAL H 190 -41.59 20.16 -3.65
C VAL H 190 -41.01 21.42 -2.99
N THR H 191 -39.70 21.60 -3.11
CA THR H 191 -39.05 22.83 -2.64
C THR H 191 -38.75 23.73 -3.84
N VAL H 192 -39.11 24.99 -3.72
CA VAL H 192 -38.98 25.97 -4.81
C VAL H 192 -38.43 27.28 -4.24
N PRO H 193 -37.99 28.20 -5.12
CA PRO H 193 -37.59 29.52 -4.62
C PRO H 193 -38.76 30.28 -4.01
N SER H 194 -38.53 30.94 -2.86
CA SER H 194 -39.56 31.74 -2.21
C SER H 194 -39.97 32.94 -3.07
N SER H 195 -39.16 33.24 -4.07
CA SER H 195 -39.39 34.35 -4.97
C SER H 195 -40.37 33.99 -6.09
N SER H 196 -40.39 32.71 -6.44
CA SER H 196 -41.25 32.21 -7.52
C SER H 196 -42.72 32.13 -7.12
N LEU H 197 -42.99 32.24 -5.82
CA LEU H 197 -44.34 32.06 -5.28
C LEU H 197 -45.39 32.98 -5.89
N GLY H 198 -45.09 34.27 -5.98
CA GLY H 198 -46.00 35.21 -6.60
C GLY H 198 -46.12 35.04 -8.10
N THR H 199 -45.02 34.57 -8.71
CA THR H 199 -44.93 34.45 -10.17
C THR H 199 -45.32 33.07 -10.71
N GLN H 200 -44.53 32.05 -10.34
CA GLN H 200 -44.69 30.71 -10.90
C GLN H 200 -45.92 29.96 -10.37
N THR H 201 -46.72 29.44 -11.30
CA THR H 201 -47.87 28.62 -10.96
C THR H 201 -47.45 27.17 -10.69
N TYR H 202 -47.99 26.61 -9.62
CA TYR H 202 -47.70 25.23 -9.25
C TYR H 202 -48.96 24.37 -9.21
N ILE H 203 -48.96 23.33 -10.03
CA ILE H 203 -50.11 22.42 -10.11
C ILE H 203 -49.68 20.97 -9.92
N CYS H 204 -50.24 20.31 -8.91
CA CYS H 204 -50.01 18.87 -8.78
C CYS H 204 -51.02 18.11 -9.63
N ASN H 205 -50.52 17.13 -10.37
CA ASN H 205 -51.38 16.30 -11.22
C ASN H 205 -51.50 14.92 -10.62
N VAL H 206 -52.70 14.58 -10.14
CA VAL H 206 -52.93 13.32 -9.48
C VAL H 206 -53.78 12.41 -10.36
N ASN H 207 -53.29 11.22 -10.63
CA ASN H 207 -54.02 10.25 -11.43
C ASN H 207 -54.27 8.94 -10.70
N HIS H 208 -55.54 8.56 -10.58
CA HIS H 208 -55.90 7.28 -9.97
C HIS H 208 -56.66 6.41 -10.98
N LYS H 209 -55.92 5.56 -11.69
CA LYS H 209 -56.49 4.71 -12.74
C LYS H 209 -57.61 3.72 -12.33
N PRO H 210 -57.50 3.08 -11.16
CA PRO H 210 -58.59 2.14 -10.83
C PRO H 210 -59.97 2.77 -10.71
N SER H 211 -60.03 4.09 -10.56
CA SER H 211 -61.32 4.78 -10.47
C SER H 211 -61.53 5.75 -11.63
N ASN H 212 -60.59 5.73 -12.59
CA ASN H 212 -60.55 6.72 -13.66
C ASN H 212 -60.74 8.13 -13.13
N THR H 213 -59.78 8.57 -12.32
CA THR H 213 -59.84 9.86 -11.66
C THR H 213 -58.55 10.63 -11.89
N LYS H 214 -58.67 11.76 -12.60
CA LYS H 214 -57.55 12.67 -12.76
C LYS H 214 -57.91 13.95 -12.00
N VAL H 215 -56.98 14.43 -11.19
CA VAL H 215 -57.19 15.70 -10.51
C VAL H 215 -55.98 16.61 -10.69
N ASP H 216 -56.24 17.79 -11.25
CA ASP H 216 -55.22 18.82 -11.30
C ASP H 216 -55.53 19.82 -10.20
N LYS H 217 -54.52 20.19 -9.43
CA LYS H 217 -54.74 21.01 -8.26
C LYS H 217 -53.72 22.14 -8.15
N LYS H 218 -54.23 23.38 -8.25
CA LYS H 218 -53.40 24.56 -8.11
C LYS H 218 -53.06 24.82 -6.65
N VAL H 219 -51.77 24.83 -6.34
CA VAL H 219 -51.31 25.09 -4.98
C VAL H 219 -50.71 26.49 -4.89
N GLU H 220 -51.33 27.34 -4.08
CA GLU H 220 -50.92 28.74 -3.94
C GLU H 220 -50.95 29.17 -2.49
N PRO H 221 -50.30 30.31 -2.16
CA PRO H 221 -50.26 30.73 -0.75
C PRO H 221 -51.63 31.13 -0.17
N LYS H 222 -51.70 31.18 1.16
CA LYS H 222 -52.89 31.56 1.94
C LYS H 222 -53.93 30.46 2.10
N SER I 1 -38.88 -26.02 7.23
CA SER I 1 -38.46 -25.15 6.12
C SER I 1 -37.14 -24.43 6.41
N TYR I 2 -36.12 -24.68 5.58
CA TYR I 2 -34.77 -24.14 5.74
C TYR I 2 -34.77 -22.64 5.98
N VAL I 3 -33.88 -22.19 6.88
CA VAL I 3 -33.85 -20.79 7.29
C VAL I 3 -32.62 -20.03 6.80
N LEU I 4 -32.86 -18.93 6.09
CA LEU I 4 -31.78 -18.03 5.67
C LEU I 4 -31.87 -16.73 6.48
N THR I 5 -30.80 -16.38 7.18
CA THR I 5 -30.79 -15.16 7.96
C THR I 5 -29.92 -14.10 7.29
N GLN I 6 -30.53 -12.97 6.95
CA GLN I 6 -29.82 -11.84 6.38
C GLN I 6 -29.85 -10.67 7.34
N PRO I 7 -28.77 -9.86 7.34
CA PRO I 7 -28.84 -8.62 8.12
C PRO I 7 -29.80 -7.67 7.43
N PRO I 8 -30.67 -6.99 8.20
CA PRO I 8 -31.64 -6.07 7.58
C PRO I 8 -30.99 -4.89 6.90
N SER I 9 -29.77 -4.55 7.31
CA SER I 9 -29.10 -3.37 6.75
C SER I 9 -27.58 -3.54 6.65
N VAL I 10 -27.00 -2.94 5.61
CA VAL I 10 -25.56 -2.88 5.42
C VAL I 10 -25.20 -1.48 4.94
N SER I 11 -24.27 -0.82 5.64
CA SER I 11 -23.88 0.54 5.30
C SER I 11 -22.51 0.56 4.63
N VAL I 12 -22.35 1.45 3.66
CA VAL I 12 -21.11 1.52 2.89
C VAL I 12 -20.91 2.92 2.31
N ALA I 13 -19.69 3.44 2.42
CA ALA I 13 -19.35 4.71 1.78
C ALA I 13 -19.14 4.48 0.30
N PRO I 14 -19.43 5.48 -0.53
CA PRO I 14 -19.23 5.36 -1.98
C PRO I 14 -17.80 4.94 -2.32
N GLY I 15 -17.64 4.03 -3.29
CA GLY I 15 -16.32 3.57 -3.67
C GLY I 15 -15.78 2.43 -2.81
N GLN I 16 -16.42 2.22 -1.66
CA GLN I 16 -16.01 1.16 -0.74
C GLN I 16 -16.72 -0.16 -1.06
N THR I 17 -16.46 -1.18 -0.24
CA THR I 17 -16.96 -2.52 -0.53
C THR I 17 -18.04 -2.99 0.43
N ALA I 18 -19.20 -3.38 -0.11
CA ALA I 18 -20.31 -3.87 0.70
C ALA I 18 -20.29 -5.39 0.81
N ARG I 19 -20.63 -5.90 1.99
CA ARG I 19 -20.72 -7.34 2.19
C ARG I 19 -22.05 -7.76 2.82
N ILE I 20 -22.79 -8.59 2.09
CA ILE I 20 -24.10 -9.02 2.53
C ILE I 20 -24.08 -10.51 2.86
N THR I 21 -24.55 -10.83 4.05
CA THR I 21 -24.45 -12.18 4.61
C THR I 21 -25.74 -12.99 4.49
N CYS I 22 -25.61 -14.26 4.12
CA CYS I 22 -26.73 -15.17 4.11
C CYS I 22 -26.34 -16.38 4.97
N GLY I 23 -27.01 -16.54 6.10
CA GLY I 23 -26.64 -17.56 7.06
C GLY I 23 -27.56 -18.76 7.10
N GLY I 24 -26.96 -19.94 7.05
CA GLY I 24 -27.69 -21.20 7.15
C GLY I 24 -26.79 -22.33 7.59
N THR I 25 -27.36 -23.29 8.31
CA THR I 25 -26.60 -24.45 8.76
C THR I 25 -26.13 -25.25 7.56
N ASN I 26 -24.81 -25.32 7.37
CA ASN I 26 -24.20 -26.00 6.23
C ASN I 26 -24.67 -25.48 4.87
N ILE I 27 -24.93 -24.17 4.81
CA ILE I 27 -25.35 -23.52 3.58
C ILE I 27 -24.27 -23.61 2.50
N GLY I 28 -23.05 -23.97 2.91
CA GLY I 28 -21.97 -24.20 1.97
C GLY I 28 -22.18 -25.44 1.11
N ASP I 29 -22.98 -26.37 1.63
CA ASP I 29 -23.28 -27.62 0.92
C ASP I 29 -24.30 -27.41 -0.21
N ILE I 30 -25.10 -26.35 -0.09
CA ILE I 30 -26.13 -26.09 -1.08
C ILE I 30 -25.81 -24.80 -1.87
N SER I 31 -26.45 -24.64 -3.02
CA SER I 31 -26.18 -23.48 -3.87
C SER I 31 -27.01 -22.27 -3.45
N VAL I 32 -26.41 -21.08 -3.57
CA VAL I 32 -27.05 -19.85 -3.14
C VAL I 32 -27.05 -18.86 -4.30
N HIS I 33 -28.14 -18.10 -4.44
CA HIS I 33 -28.27 -17.12 -5.51
C HIS I 33 -28.64 -15.77 -4.91
N TRP I 34 -28.30 -14.69 -5.61
CA TRP I 34 -28.51 -13.35 -5.09
C TRP I 34 -29.29 -12.48 -6.06
N TYR I 35 -30.25 -11.73 -5.52
CA TYR I 35 -31.06 -10.85 -6.34
C TYR I 35 -30.95 -9.41 -5.84
N GLN I 36 -30.86 -8.47 -6.78
CA GLN I 36 -30.96 -7.06 -6.45
C GLN I 36 -32.37 -6.59 -6.79
N GLN I 37 -33.01 -5.88 -5.86
CA GLN I 37 -34.30 -5.26 -6.16
C GLN I 37 -34.31 -3.78 -5.84
N ARG I 38 -34.41 -2.96 -6.88
CA ARG I 38 -34.59 -1.51 -6.73
C ARG I 38 -36.06 -1.19 -6.54
N PRO I 39 -36.35 -0.05 -5.89
CA PRO I 39 -37.73 0.43 -5.66
C PRO I 39 -38.62 0.38 -6.91
N GLY I 40 -39.81 -0.22 -6.78
CA GLY I 40 -40.77 -0.29 -7.86
C GLY I 40 -40.38 -1.23 -8.99
N GLN I 41 -39.33 -2.02 -8.78
CA GLN I 41 -38.78 -2.90 -9.81
C GLN I 41 -38.94 -4.39 -9.48
N ALA I 42 -38.91 -5.22 -10.52
CA ALA I 42 -38.82 -6.66 -10.33
C ALA I 42 -37.39 -7.03 -9.93
N PRO I 43 -37.23 -8.08 -9.12
CA PRO I 43 -35.90 -8.56 -8.70
C PRO I 43 -35.02 -8.92 -9.91
N LEU I 44 -33.71 -8.87 -9.73
CA LEU I 44 -32.75 -9.20 -10.78
C LEU I 44 -31.59 -9.98 -10.22
N VAL I 45 -31.32 -11.15 -10.79
CA VAL I 45 -30.20 -11.97 -10.32
C VAL I 45 -28.85 -11.31 -10.62
N VAL I 46 -27.99 -11.24 -9.61
CA VAL I 46 -26.66 -10.64 -9.76
C VAL I 46 -25.57 -11.69 -9.59
N VAL I 47 -25.87 -12.72 -8.79
CA VAL I 47 -24.98 -13.86 -8.59
C VAL I 47 -25.84 -15.12 -8.47
N TYR I 48 -25.44 -16.20 -9.16
CA TYR I 48 -26.12 -17.48 -9.03
C TYR I 48 -25.09 -18.60 -8.87
N ASP I 49 -25.56 -19.77 -8.41
CA ASP I 49 -24.69 -20.90 -8.15
C ASP I 49 -23.48 -20.51 -7.31
N ASP I 50 -23.75 -19.99 -6.11
CA ASP I 50 -22.72 -19.52 -5.19
C ASP I 50 -21.89 -18.33 -5.71
N SER I 51 -21.23 -18.50 -6.86
CA SER I 51 -20.22 -17.53 -7.28
C SER I 51 -20.29 -17.07 -8.74
N ASP I 52 -21.23 -17.61 -9.51
CA ASP I 52 -21.29 -17.26 -10.94
C ASP I 52 -22.05 -15.96 -11.21
N ARG I 53 -21.65 -15.28 -12.28
CA ARG I 53 -22.15 -13.95 -12.61
C ARG I 53 -22.90 -13.99 -13.95
N PRO I 54 -24.19 -13.63 -13.94
CA PRO I 54 -24.99 -13.52 -15.17
C PRO I 54 -24.36 -12.54 -16.14
N SER I 55 -24.61 -12.69 -17.44
CA SER I 55 -24.12 -11.73 -18.42
C SER I 55 -24.82 -10.40 -18.20
N GLY I 56 -24.08 -9.30 -18.41
CA GLY I 56 -24.64 -7.97 -18.19
C GLY I 56 -24.49 -7.47 -16.76
N ILE I 57 -24.12 -8.37 -15.85
CA ILE I 57 -23.89 -7.97 -14.45
C ILE I 57 -22.44 -7.57 -14.25
N PRO I 58 -22.23 -6.34 -13.73
CA PRO I 58 -20.89 -5.76 -13.49
C PRO I 58 -20.00 -6.66 -12.63
N GLU I 59 -18.70 -6.65 -12.88
CA GLU I 59 -17.77 -7.51 -12.16
C GLU I 59 -17.69 -7.22 -10.67
N ARG I 60 -18.16 -6.04 -10.28
CA ARG I 60 -18.16 -5.61 -8.88
C ARG I 60 -18.93 -6.57 -7.99
N PHE I 61 -19.94 -7.23 -8.55
CA PHE I 61 -20.68 -8.24 -7.82
C PHE I 61 -19.96 -9.58 -7.93
N SER I 62 -19.69 -10.19 -6.78
CA SER I 62 -19.07 -11.50 -6.72
C SER I 62 -19.72 -12.22 -5.57
N GLY I 63 -19.62 -13.54 -5.55
CA GLY I 63 -20.23 -14.30 -4.49
C GLY I 63 -19.32 -15.39 -3.97
N SER I 64 -19.59 -15.84 -2.76
CA SER I 64 -18.87 -16.95 -2.18
C SER I 64 -19.79 -17.66 -1.20
N ASN I 65 -19.51 -18.93 -0.94
CA ASN I 65 -20.29 -19.71 0.01
C ASN I 65 -19.40 -20.74 0.67
N SER I 66 -19.41 -20.76 1.99
CA SER I 66 -18.61 -21.71 2.75
C SER I 66 -19.18 -21.91 4.15
N GLY I 67 -19.00 -23.11 4.70
CA GLY I 67 -19.44 -23.42 6.04
C GLY I 67 -20.89 -23.10 6.32
N ASN I 68 -21.12 -22.06 7.11
CA ASN I 68 -22.47 -21.65 7.48
C ASN I 68 -22.84 -20.25 6.98
N THR I 69 -22.14 -19.76 5.97
CA THR I 69 -22.38 -18.41 5.49
C THR I 69 -22.06 -18.22 4.00
N ALA I 70 -23.04 -17.70 3.26
CA ALA I 70 -22.82 -17.25 1.89
C ALA I 70 -22.71 -15.74 1.91
N THR I 71 -21.90 -15.18 1.02
CA THR I 71 -21.61 -13.75 1.05
C THR I 71 -21.71 -13.11 -0.32
N LEU I 72 -22.56 -12.09 -0.43
CA LEU I 72 -22.58 -11.26 -1.63
C LEU I 72 -21.65 -10.06 -1.41
N THR I 73 -20.65 -9.92 -2.27
CA THR I 73 -19.70 -8.80 -2.17
C THR I 73 -19.89 -7.80 -3.30
N ILE I 74 -20.17 -6.56 -2.95
CA ILE I 74 -20.27 -5.46 -3.92
C ILE I 74 -19.08 -4.50 -3.72
N SER I 75 -18.16 -4.46 -4.69
CA SER I 75 -16.97 -3.62 -4.57
C SER I 75 -17.13 -2.30 -5.32
N ARG I 76 -16.29 -1.33 -5.00
CA ARG I 76 -16.46 0.08 -5.39
C ARG I 76 -17.91 0.48 -5.59
N VAL I 77 -18.69 0.42 -4.50
CA VAL I 77 -20.11 0.76 -4.51
C VAL I 77 -20.37 2.14 -5.13
N GLU I 78 -21.30 2.20 -6.08
CA GLU I 78 -21.61 3.45 -6.77
C GLU I 78 -23.11 3.72 -6.82
N ALA I 79 -23.48 4.79 -7.52
CA ALA I 79 -24.88 5.13 -7.74
C ALA I 79 -25.59 4.03 -8.53
N GLY I 80 -26.62 3.44 -7.94
CA GLY I 80 -27.35 2.36 -8.56
C GLY I 80 -27.30 1.08 -7.75
N ASP I 81 -26.36 1.00 -6.82
CA ASP I 81 -26.22 -0.17 -5.97
C ASP I 81 -27.11 -0.07 -4.73
N GLU I 82 -27.64 1.12 -4.47
CA GLU I 82 -28.57 1.31 -3.35
C GLU I 82 -29.85 0.51 -3.64
N ALA I 83 -30.01 -0.62 -2.95
CA ALA I 83 -31.15 -1.49 -3.22
C ALA I 83 -31.37 -2.55 -2.14
N ASP I 84 -32.39 -3.38 -2.34
CA ASP I 84 -32.59 -4.55 -1.50
C ASP I 84 -31.90 -5.76 -2.14
N TYR I 85 -31.32 -6.62 -1.31
CA TYR I 85 -30.62 -7.79 -1.82
C TYR I 85 -31.10 -9.06 -1.13
N TYR I 86 -31.50 -10.04 -1.94
CA TYR I 86 -32.09 -11.27 -1.41
C TYR I 86 -31.25 -12.49 -1.77
N CYS I 87 -30.92 -13.31 -0.77
CA CYS I 87 -30.31 -14.60 -1.03
C CYS I 87 -31.43 -15.63 -1.22
N GLN I 88 -31.13 -16.68 -1.99
CA GLN I 88 -32.15 -17.66 -2.33
C GLN I 88 -31.55 -19.06 -2.46
N VAL I 89 -32.27 -20.06 -1.95
CA VAL I 89 -31.89 -21.46 -2.14
C VAL I 89 -33.11 -22.27 -2.54
N TRP I 90 -32.87 -23.52 -2.96
CA TRP I 90 -33.95 -24.48 -3.11
C TRP I 90 -33.86 -25.50 -1.98
N ASP I 91 -34.89 -25.54 -1.13
CA ASP I 91 -34.95 -26.53 -0.07
C ASP I 91 -35.43 -27.85 -0.69
N ASP I 92 -34.55 -28.83 -0.77
CA ASP I 92 -34.87 -30.12 -1.38
C ASP I 92 -35.45 -31.12 -0.37
N SER I 93 -35.84 -30.65 0.81
CA SER I 93 -36.46 -31.50 1.82
C SER I 93 -37.96 -31.30 1.86
N ILE I 94 -38.39 -30.04 1.94
CA ILE I 94 -39.81 -29.71 1.91
C ILE I 94 -40.19 -29.16 0.55
N ASN I 95 -39.21 -29.13 -0.35
CA ASN I 95 -39.44 -28.80 -1.75
C ASN I 95 -40.06 -27.43 -1.98
N ALA I 96 -39.28 -26.39 -1.69
CA ALA I 96 -39.71 -25.01 -1.92
C ALA I 96 -38.50 -24.11 -2.14
N TYR I 97 -38.66 -23.11 -3.00
CA TYR I 97 -37.69 -22.03 -3.08
C TYR I 97 -37.76 -21.25 -1.78
N VAL I 98 -36.60 -20.92 -1.21
CA VAL I 98 -36.56 -20.14 0.01
C VAL I 98 -35.75 -18.86 -0.21
N PHE I 99 -36.31 -17.72 0.22
CA PHE I 99 -35.61 -16.45 0.15
C PHE I 99 -35.17 -16.00 1.54
N GLY I 100 -34.08 -15.23 1.59
CA GLY I 100 -33.71 -14.56 2.83
C GLY I 100 -34.68 -13.42 3.07
N THR I 101 -34.64 -12.85 4.28
CA THR I 101 -35.54 -11.75 4.63
C THR I 101 -35.18 -10.47 3.88
N GLY I 102 -33.95 -10.39 3.40
CA GLY I 102 -33.51 -9.24 2.62
C GLY I 102 -32.59 -8.28 3.36
N THR I 103 -31.69 -7.66 2.62
CA THR I 103 -30.75 -6.69 3.18
C THR I 103 -30.81 -5.41 2.36
N LYS I 104 -31.09 -4.28 3.01
CA LYS I 104 -31.05 -2.98 2.33
C LYS I 104 -29.64 -2.39 2.39
N VAL I 105 -29.08 -2.05 1.24
CA VAL I 105 -27.80 -1.37 1.19
C VAL I 105 -28.00 0.14 1.33
N THR I 106 -27.40 0.71 2.36
CA THR I 106 -27.48 2.14 2.61
C THR I 106 -26.12 2.78 2.29
N VAL I 107 -26.14 3.91 1.60
CA VAL I 107 -24.90 4.65 1.32
C VAL I 107 -24.58 5.60 2.47
N LEU I 108 -23.39 5.45 3.04
CA LEU I 108 -22.93 6.34 4.11
C LEU I 108 -22.59 7.72 3.55
N ARG I 109 -23.02 8.76 4.25
CA ARG I 109 -22.63 10.13 3.91
C ARG I 109 -22.61 10.97 5.17
N THR I 110 -22.26 12.25 5.03
CA THR I 110 -22.18 13.15 6.18
C THR I 110 -23.56 13.50 6.68
N VAL I 111 -23.65 13.68 8.01
CA VAL I 111 -24.84 14.22 8.64
C VAL I 111 -25.35 15.45 7.89
N ALA I 112 -26.65 15.49 7.63
CA ALA I 112 -27.27 16.64 6.98
C ALA I 112 -28.55 16.99 7.72
N ALA I 113 -28.72 18.27 8.06
CA ALA I 113 -29.89 18.71 8.81
C ALA I 113 -31.11 18.88 7.91
N PRO I 114 -32.29 18.50 8.44
CA PRO I 114 -33.54 18.72 7.68
C PRO I 114 -33.96 20.18 7.68
N SER I 115 -34.45 20.68 6.55
CA SER I 115 -35.24 21.89 6.57
C SER I 115 -36.64 21.43 6.97
N VAL I 116 -37.30 22.18 7.85
CA VAL I 116 -38.55 21.71 8.42
C VAL I 116 -39.73 22.63 8.07
N PHE I 117 -40.80 22.04 7.57
CA PHE I 117 -41.98 22.80 7.19
C PHE I 117 -43.22 22.20 7.82
N ILE I 118 -44.10 23.07 8.32
CA ILE I 118 -45.38 22.63 8.86
C ILE I 118 -46.53 23.16 8.02
N PHE I 119 -47.49 22.29 7.72
CA PHE I 119 -48.64 22.68 6.90
C PHE I 119 -49.94 22.50 7.67
N PRO I 120 -50.69 23.59 7.84
CA PRO I 120 -52.00 23.50 8.48
C PRO I 120 -52.99 22.95 7.46
N PRO I 121 -54.08 22.32 7.93
CA PRO I 121 -55.10 21.80 7.00
C PRO I 121 -55.68 22.90 6.12
N SER I 122 -55.89 22.59 4.84
CA SER I 122 -56.54 23.52 3.92
C SER I 122 -57.98 23.76 4.34
N ASP I 123 -58.61 24.79 3.80
CA ASP I 123 -60.00 25.06 4.11
C ASP I 123 -60.93 24.01 3.49
N SER I 124 -60.63 23.62 2.25
CA SER I 124 -61.45 22.62 1.55
C SER I 124 -61.52 21.29 2.29
N GLN I 125 -60.42 20.90 2.94
CA GLN I 125 -60.40 19.66 3.72
C GLN I 125 -61.29 19.75 4.96
N LEU I 126 -61.36 20.93 5.56
CA LEU I 126 -62.22 21.14 6.73
C LEU I 126 -63.71 21.04 6.37
N LYS I 127 -64.05 21.37 5.12
CA LYS I 127 -65.41 21.18 4.63
C LYS I 127 -65.82 19.70 4.69
N SER I 128 -64.83 18.81 4.61
CA SER I 128 -65.11 17.38 4.64
C SER I 128 -65.15 16.81 6.06
N GLY I 129 -64.76 17.62 7.04
CA GLY I 129 -64.83 17.21 8.43
C GLY I 129 -63.61 16.51 9.00
N THR I 130 -62.50 16.57 8.29
CA THR I 130 -61.23 16.06 8.80
C THR I 130 -60.13 17.09 8.61
N ALA I 131 -59.21 17.15 9.57
CA ALA I 131 -58.06 18.06 9.49
C ALA I 131 -56.77 17.26 9.52
N SER I 132 -56.03 17.26 8.41
CA SER I 132 -54.71 16.64 8.39
C SER I 132 -53.61 17.70 8.49
N VAL I 133 -52.78 17.58 9.53
CA VAL I 133 -51.66 18.48 9.72
C VAL I 133 -50.39 17.77 9.28
N VAL I 134 -49.56 18.43 8.48
CA VAL I 134 -48.37 17.79 7.91
C VAL I 134 -47.07 18.49 8.31
N CYS I 135 -46.12 17.70 8.83
CA CYS I 135 -44.79 18.20 9.09
C CYS I 135 -43.83 17.60 8.06
N LEU I 136 -43.12 18.46 7.32
CA LEU I 136 -42.16 18.00 6.32
C LEU I 136 -40.71 18.14 6.80
N LEU I 137 -39.96 17.05 6.70
CA LEU I 137 -38.52 17.08 6.95
C LEU I 137 -37.84 16.82 5.62
N ASN I 138 -37.14 17.83 5.09
CA ASN I 138 -36.60 17.73 3.75
C ASN I 138 -35.08 17.58 3.65
N ASN I 139 -34.65 16.51 2.96
CA ASN I 139 -33.24 16.29 2.61
C ASN I 139 -32.31 16.29 3.81
N PHE I 140 -32.39 15.23 4.61
CA PHE I 140 -31.58 15.11 5.82
C PHE I 140 -30.87 13.75 5.88
N TYR I 141 -29.92 13.65 6.81
CA TYR I 141 -29.16 12.43 7.03
C TYR I 141 -28.54 12.50 8.43
N PRO I 142 -28.62 11.40 9.19
CA PRO I 142 -29.16 10.09 8.79
C PRO I 142 -30.69 10.02 8.83
N ARG I 143 -31.21 8.82 8.64
CA ARG I 143 -32.64 8.58 8.53
C ARG I 143 -33.35 8.69 9.87
N GLU I 144 -32.71 8.15 10.92
CA GLU I 144 -33.26 8.23 12.26
C GLU I 144 -33.57 9.66 12.67
N ALA I 145 -34.81 9.88 13.09
CA ALA I 145 -35.24 11.20 13.52
C ALA I 145 -36.35 11.04 14.55
N LYS I 146 -36.58 12.09 15.33
CA LYS I 146 -37.72 12.09 16.24
C LYS I 146 -38.59 13.28 15.92
N VAL I 147 -39.79 13.01 15.39
CA VAL I 147 -40.75 14.06 15.09
C VAL I 147 -41.88 13.98 16.11
N GLN I 148 -41.98 15.00 16.95
CA GLN I 148 -43.00 15.03 17.99
C GLN I 148 -44.07 16.06 17.73
N TRP I 149 -45.33 15.64 17.79
CA TRP I 149 -46.44 16.55 17.67
C TRP I 149 -46.84 17.10 19.04
N LYS I 150 -46.88 18.42 19.14
CA LYS I 150 -47.35 19.09 20.34
C LYS I 150 -48.58 19.92 20.01
N VAL I 151 -49.71 19.56 20.60
CA VAL I 151 -50.94 20.33 20.45
C VAL I 151 -51.24 21.02 21.77
N ASP I 152 -51.18 22.35 21.77
CA ASP I 152 -51.22 23.13 23.00
C ASP I 152 -50.23 22.55 24.04
N ASN I 153 -48.98 22.35 23.62
CA ASN I 153 -47.91 21.82 24.48
C ASN I 153 -48.11 20.36 24.93
N ALA I 154 -49.21 19.74 24.51
CA ALA I 154 -49.46 18.34 24.87
C ALA I 154 -48.87 17.37 23.84
N LEU I 155 -47.89 16.58 24.28
CA LEU I 155 -47.30 15.57 23.41
C LEU I 155 -48.36 14.59 22.94
N GLN I 156 -48.53 14.50 21.63
CA GLN I 156 -49.53 13.61 21.04
C GLN I 156 -49.01 12.19 20.90
N SER I 157 -49.93 11.24 20.82
CA SER I 157 -49.59 9.82 20.67
C SER I 157 -50.73 9.08 19.99
N GLY I 158 -50.39 8.15 19.09
CA GLY I 158 -51.37 7.31 18.43
C GLY I 158 -52.15 7.95 17.29
N ASN I 159 -51.97 9.25 17.09
CA ASN I 159 -52.73 9.95 16.06
C ASN I 159 -51.88 10.58 14.94
N SER I 160 -50.71 10.00 14.68
CA SER I 160 -49.85 10.48 13.60
C SER I 160 -49.17 9.32 12.84
N GLN I 161 -48.98 9.52 11.54
CA GLN I 161 -48.30 8.53 10.71
C GLN I 161 -47.07 9.15 10.07
N GLU I 162 -45.99 8.37 10.00
CA GLU I 162 -44.78 8.81 9.32
C GLU I 162 -44.60 8.08 8.00
N SER I 163 -44.07 8.78 7.02
CA SER I 163 -43.69 8.18 5.74
C SER I 163 -42.36 8.77 5.30
N VAL I 164 -41.48 7.93 4.78
CA VAL I 164 -40.14 8.39 4.43
C VAL I 164 -39.73 7.88 3.04
N THR I 165 -39.09 8.74 2.25
CA THR I 165 -38.63 8.35 0.92
C THR I 165 -37.39 7.47 1.00
N GLU I 166 -37.06 6.83 -0.12
CA GLU I 166 -35.83 6.06 -0.25
C GLU I 166 -34.66 7.02 -0.32
N GLN I 167 -33.45 6.52 -0.09
CA GLN I 167 -32.24 7.34 -0.17
C GLN I 167 -32.15 7.97 -1.55
N ASP I 168 -31.95 9.29 -1.60
CA ASP I 168 -31.88 10.02 -2.87
C ASP I 168 -30.67 9.58 -3.71
N SER I 169 -30.92 9.36 -5.00
CA SER I 169 -29.89 8.85 -5.90
C SER I 169 -28.70 9.81 -6.05
N LYS I 170 -28.93 11.10 -5.85
CA LYS I 170 -27.90 12.11 -6.06
C LYS I 170 -27.17 12.57 -4.79
N ASP I 171 -27.92 12.87 -3.73
CA ASP I 171 -27.30 13.36 -2.49
C ASP I 171 -27.42 12.42 -1.30
N SER I 172 -28.02 11.25 -1.52
CA SER I 172 -28.14 10.21 -0.50
C SER I 172 -28.86 10.64 0.79
N THR I 173 -29.70 11.65 0.70
CA THR I 173 -30.49 12.10 1.84
C THR I 173 -31.90 11.52 1.84
N TYR I 174 -32.59 11.66 2.96
CA TYR I 174 -33.98 11.22 3.07
C TYR I 174 -34.90 12.43 3.22
N SER I 175 -36.18 12.22 2.95
CA SER I 175 -37.21 13.19 3.31
C SER I 175 -38.31 12.45 4.04
N LEU I 176 -38.97 13.14 4.97
CA LEU I 176 -39.94 12.50 5.84
C LEU I 176 -41.18 13.36 6.00
N SER I 177 -42.34 12.73 5.92
CA SER I 177 -43.59 13.39 6.24
C SER I 177 -44.14 12.79 7.52
N SER I 178 -44.61 13.65 8.42
CA SER I 178 -45.37 13.20 9.58
C SER I 178 -46.73 13.86 9.48
N THR I 179 -47.79 13.06 9.56
CA THR I 179 -49.13 13.60 9.39
C THR I 179 -49.97 13.41 10.64
N LEU I 180 -50.40 14.53 11.23
CA LEU I 180 -51.28 14.51 12.40
C LEU I 180 -52.73 14.54 11.91
N THR I 181 -53.50 13.53 12.27
CA THR I 181 -54.84 13.36 11.73
C THR I 181 -55.91 13.50 12.82
N LEU I 182 -56.74 14.53 12.69
CA LEU I 182 -57.82 14.77 13.64
C LEU I 182 -59.14 14.94 12.90
N SER I 183 -60.24 14.71 13.60
CA SER I 183 -61.54 15.18 13.16
C SER I 183 -61.48 16.70 13.19
N LYS I 184 -62.34 17.36 12.42
CA LYS I 184 -62.43 18.82 12.42
C LYS I 184 -62.80 19.33 13.81
N ALA I 185 -63.60 18.55 14.53
CA ALA I 185 -64.01 18.91 15.88
C ALA I 185 -62.82 19.02 16.82
N ASP I 186 -62.09 17.91 16.97
CA ASP I 186 -60.87 17.89 17.78
C ASP I 186 -59.87 18.96 17.35
N TYR I 187 -59.85 19.28 16.06
CA TYR I 187 -58.92 20.28 15.54
C TYR I 187 -59.23 21.69 16.03
N GLU I 188 -60.50 22.04 16.07
CA GLU I 188 -60.92 23.41 16.39
C GLU I 188 -61.07 23.67 17.89
N LYS I 189 -60.86 22.65 18.71
CA LYS I 189 -60.83 22.84 20.16
C LYS I 189 -59.40 22.81 20.65
N HIS I 190 -58.48 23.23 19.78
CA HIS I 190 -57.09 23.48 20.15
C HIS I 190 -56.58 24.65 19.33
N LYS I 191 -55.38 25.13 19.65
CA LYS I 191 -54.90 26.39 19.07
C LYS I 191 -53.48 26.32 18.50
N VAL I 192 -52.57 25.72 19.27
CA VAL I 192 -51.17 25.66 18.89
C VAL I 192 -50.79 24.28 18.37
N TYR I 193 -50.37 24.22 17.11
CA TYR I 193 -49.90 22.99 16.51
C TYR I 193 -48.43 23.10 16.13
N ALA I 194 -47.62 22.19 16.68
CA ALA I 194 -46.18 22.27 16.53
C ALA I 194 -45.58 20.90 16.30
N CYS I 195 -44.70 20.79 15.30
CA CYS I 195 -43.88 19.59 15.18
C CYS I 195 -42.48 19.91 15.65
N GLU I 196 -41.94 19.04 16.50
CA GLU I 196 -40.61 19.23 17.06
C GLU I 196 -39.66 18.19 16.51
N VAL I 197 -38.59 18.64 15.87
CA VAL I 197 -37.65 17.73 15.22
C VAL I 197 -36.36 17.58 16.01
N THR I 198 -36.05 16.35 16.42
CA THR I 198 -34.78 16.03 17.04
C THR I 198 -33.94 15.21 16.07
N HIS I 199 -32.80 15.76 15.66
CA HIS I 199 -31.95 15.11 14.66
C HIS I 199 -30.46 15.33 14.93
N GLN I 200 -29.63 14.40 14.50
CA GLN I 200 -28.18 14.49 14.70
C GLN I 200 -27.59 15.72 13.99
N GLY I 201 -28.29 16.20 12.98
CA GLY I 201 -27.86 17.38 12.24
C GLY I 201 -28.12 18.68 12.96
N LEU I 202 -28.82 18.60 14.09
CA LEU I 202 -29.20 19.79 14.84
C LEU I 202 -28.54 19.84 16.22
N SER I 203 -27.99 21.00 16.57
CA SER I 203 -27.42 21.21 17.89
C SER I 203 -28.52 21.17 18.95
N SER I 204 -29.63 21.86 18.66
CA SER I 204 -30.82 21.81 19.51
C SER I 204 -32.06 21.54 18.66
N PRO I 205 -33.05 20.82 19.23
CA PRO I 205 -34.30 20.47 18.54
C PRO I 205 -34.98 21.66 17.87
N VAL I 206 -35.57 21.43 16.69
CA VAL I 206 -36.20 22.49 15.91
C VAL I 206 -37.72 22.36 15.93
N THR I 207 -38.40 23.47 16.15
CA THR I 207 -39.86 23.50 16.21
C THR I 207 -40.45 24.46 15.17
N LYS I 208 -41.34 23.92 14.33
CA LYS I 208 -42.12 24.75 13.43
C LYS I 208 -43.57 24.66 13.91
N SER I 209 -44.30 25.77 13.85
CA SER I 209 -45.64 25.80 14.42
C SER I 209 -46.56 26.81 13.75
N PHE I 210 -47.85 26.69 14.04
CA PHE I 210 -48.84 27.65 13.57
C PHE I 210 -49.99 27.79 14.56
N ASN I 211 -50.67 28.92 14.49
CA ASN I 211 -51.92 29.13 15.22
C ASN I 211 -53.09 29.15 14.24
N ARG I 212 -54.16 28.45 14.60
CA ARG I 212 -55.38 28.48 13.80
C ARG I 212 -55.84 29.94 13.63
N GLY I 213 -55.61 30.49 12.44
CA GLY I 213 -55.88 31.90 12.19
C GLY I 213 -54.58 32.71 12.12
N VAL J 3 -8.79 17.67 -21.83
CA VAL J 3 -8.80 16.61 -20.82
C VAL J 3 -7.53 15.76 -20.84
N LEU J 4 -6.93 15.59 -19.66
CA LEU J 4 -5.72 14.78 -19.53
C LEU J 4 -6.04 13.48 -18.79
N THR J 5 -5.79 12.35 -19.45
CA THR J 5 -6.11 11.04 -18.88
C THR J 5 -4.88 10.35 -18.30
N GLN J 6 -4.95 9.98 -17.02
CA GLN J 6 -3.90 9.18 -16.39
C GLN J 6 -4.51 7.88 -15.90
N PRO J 7 -3.72 6.80 -15.93
CA PRO J 7 -4.16 5.55 -15.29
C PRO J 7 -4.33 5.76 -13.79
N PRO J 8 -5.37 5.16 -13.19
CA PRO J 8 -5.67 5.34 -11.76
C PRO J 8 -4.56 4.80 -10.87
N SER J 9 -3.93 3.72 -11.31
CA SER J 9 -2.98 3.00 -10.48
C SER J 9 -1.81 2.44 -11.29
N VAL J 10 -0.61 2.53 -10.72
CA VAL J 10 0.56 1.84 -11.25
C VAL J 10 1.19 1.06 -10.11
N SER J 11 1.47 -0.22 -10.33
CA SER J 11 2.11 -1.05 -9.31
C SER J 11 3.52 -1.42 -9.77
N VAL J 12 4.47 -1.35 -8.85
CA VAL J 12 5.88 -1.52 -9.18
C VAL J 12 6.64 -2.16 -8.01
N ALA J 13 7.51 -3.10 -8.33
CA ALA J 13 8.38 -3.74 -7.32
C ALA J 13 9.51 -2.80 -6.93
N PRO J 14 9.99 -2.91 -5.68
CA PRO J 14 11.08 -2.04 -5.19
C PRO J 14 12.34 -2.17 -6.04
N GLY J 15 12.95 -1.05 -6.37
CA GLY J 15 14.16 -1.07 -7.18
C GLY J 15 13.88 -1.08 -8.67
N GLN J 16 12.62 -1.27 -9.03
CA GLN J 16 12.25 -1.25 -10.44
C GLN J 16 11.67 0.09 -10.85
N THR J 17 11.23 0.18 -12.10
CA THR J 17 10.84 1.46 -12.68
C THR J 17 9.32 1.61 -12.81
N ALA J 18 8.81 2.78 -12.42
CA ALA J 18 7.40 3.10 -12.60
C ALA J 18 7.23 4.09 -13.75
N ARG J 19 6.25 3.83 -14.61
CA ARG J 19 5.93 4.73 -15.71
C ARG J 19 4.49 5.21 -15.62
N ILE J 20 4.32 6.53 -15.55
CA ILE J 20 3.00 7.14 -15.42
C ILE J 20 2.72 8.00 -16.64
N THR J 21 1.59 7.75 -17.30
CA THR J 21 1.28 8.42 -18.55
C THR J 21 0.24 9.52 -18.39
N CYS J 22 0.35 10.52 -19.26
CA CYS J 22 -0.59 11.63 -19.32
C CYS J 22 -1.08 11.71 -20.76
N GLY J 23 -2.35 11.36 -20.98
CA GLY J 23 -2.90 11.31 -22.32
C GLY J 23 -3.64 12.57 -22.74
N GLY J 24 -3.36 13.04 -23.95
CA GLY J 24 -3.99 14.23 -24.49
C GLY J 24 -3.72 14.38 -25.97
N THR J 25 -4.72 14.86 -26.71
CA THR J 25 -4.60 15.04 -28.16
C THR J 25 -3.52 16.06 -28.49
N ASN J 26 -2.43 15.60 -29.10
CA ASN J 26 -1.28 16.44 -29.43
C ASN J 26 -0.71 17.15 -28.19
N ILE J 27 -0.67 16.44 -27.08
CA ILE J 27 -0.11 16.96 -25.84
C ILE J 27 1.41 17.07 -25.96
N GLY J 28 1.98 16.31 -26.89
CA GLY J 28 3.40 16.38 -27.17
C GLY J 28 3.80 17.74 -27.73
N ASP J 29 2.81 18.49 -28.21
CA ASP J 29 3.06 19.81 -28.78
C ASP J 29 3.08 20.91 -27.72
N ILE J 30 2.81 20.54 -26.46
CA ILE J 30 2.87 21.51 -25.36
C ILE J 30 3.68 20.95 -24.18
N SER J 31 3.96 21.81 -23.21
CA SER J 31 4.78 21.43 -22.06
C SER J 31 3.94 20.77 -20.98
N VAL J 32 4.50 19.72 -20.37
CA VAL J 32 3.82 19.00 -19.30
C VAL J 32 4.64 19.05 -18.01
N HIS J 33 3.96 19.25 -16.89
CA HIS J 33 4.63 19.30 -15.60
C HIS J 33 4.03 18.23 -14.70
N TRP J 34 4.79 17.77 -13.71
CA TRP J 34 4.37 16.67 -12.87
C TRP J 34 4.47 16.98 -11.39
N TYR J 35 3.50 16.52 -10.61
CA TYR J 35 3.50 16.74 -9.17
C TYR J 35 3.47 15.42 -8.42
N GLN J 36 4.14 15.38 -7.27
CA GLN J 36 4.03 14.26 -6.36
C GLN J 36 3.16 14.71 -5.19
N GLN J 37 2.11 13.97 -4.88
CA GLN J 37 1.29 14.28 -3.71
C GLN J 37 1.17 13.09 -2.77
N ARG J 38 1.85 13.18 -1.63
CA ARG J 38 1.75 12.16 -0.61
C ARG J 38 0.50 12.43 0.22
N PRO J 39 -0.07 11.38 0.86
CA PRO J 39 -1.30 11.53 1.64
C PRO J 39 -1.23 12.63 2.69
N GLY J 40 -2.22 13.52 2.69
CA GLY J 40 -2.29 14.61 3.66
C GLY J 40 -1.35 15.76 3.37
N GLN J 41 -0.70 15.71 2.21
CA GLN J 41 0.29 16.72 1.83
C GLN J 41 -0.13 17.51 0.57
N ALA J 42 0.49 18.67 0.38
CA ALA J 42 0.30 19.46 -0.83
C ALA J 42 1.10 18.83 -1.97
N PRO J 43 0.68 19.09 -3.22
CA PRO J 43 1.47 18.62 -4.37
C PRO J 43 2.86 19.23 -4.37
N LEU J 44 3.83 18.50 -4.90
CA LEU J 44 5.19 18.98 -5.04
C LEU J 44 5.66 18.69 -6.45
N VAL J 45 6.09 19.71 -7.17
CA VAL J 45 6.56 19.51 -8.54
C VAL J 45 7.85 18.70 -8.56
N VAL J 46 7.91 17.67 -9.41
CA VAL J 46 9.09 16.82 -9.50
C VAL J 46 9.72 16.88 -10.88
N VAL J 47 8.89 17.16 -11.89
CA VAL J 47 9.36 17.36 -13.26
C VAL J 47 8.51 18.46 -13.91
N TYR J 48 9.16 19.39 -14.60
CA TYR J 48 8.45 20.44 -15.32
C TYR J 48 9.07 20.63 -16.71
N ASP J 49 8.37 21.35 -17.58
CA ASP J 49 8.82 21.56 -18.96
C ASP J 49 9.25 20.24 -19.60
N ASP J 50 8.37 19.24 -19.53
CA ASP J 50 8.59 17.91 -20.09
C ASP J 50 9.61 17.04 -19.34
N SER J 51 10.79 17.58 -19.07
CA SER J 51 11.92 16.76 -18.64
C SER J 51 12.91 17.44 -17.70
N ASP J 52 12.59 18.63 -17.21
CA ASP J 52 13.48 19.31 -16.26
C ASP J 52 13.17 18.93 -14.82
N ARG J 53 14.20 18.93 -13.99
CA ARG J 53 14.06 18.63 -12.57
C ARG J 53 14.39 19.85 -11.71
N PRO J 54 13.49 20.21 -10.79
CA PRO J 54 13.78 21.25 -9.80
C PRO J 54 14.94 20.81 -8.92
N SER J 55 15.61 21.76 -8.26
CA SER J 55 16.69 21.42 -7.33
C SER J 55 16.17 20.56 -6.19
N GLY J 56 16.97 19.58 -5.78
CA GLY J 56 16.59 18.71 -4.68
C GLY J 56 15.70 17.55 -5.06
N ILE J 57 15.33 17.48 -6.33
CA ILE J 57 14.58 16.32 -6.83
C ILE J 57 15.56 15.30 -7.40
N PRO J 58 15.54 14.07 -6.86
CA PRO J 58 16.44 12.98 -7.26
C PRO J 58 16.44 12.74 -8.77
N GLU J 59 17.57 12.30 -9.30
CA GLU J 59 17.70 12.05 -10.73
C GLU J 59 16.83 10.88 -11.18
N ARG J 60 16.38 10.07 -10.22
CA ARG J 60 15.49 8.94 -10.52
C ARG J 60 14.22 9.39 -11.23
N PHE J 61 13.83 10.65 -11.01
CA PHE J 61 12.67 11.23 -11.69
C PHE J 61 13.07 11.82 -13.04
N SER J 62 12.38 11.39 -14.09
CA SER J 62 12.63 11.90 -15.42
C SER J 62 11.32 11.95 -16.20
N GLY J 63 11.24 12.85 -17.16
CA GLY J 63 10.04 12.99 -17.96
C GLY J 63 10.30 12.99 -19.45
N SER J 64 9.26 12.67 -20.22
CA SER J 64 9.32 12.71 -21.66
C SER J 64 7.92 13.00 -22.18
N ASN J 65 7.85 13.65 -23.34
CA ASN J 65 6.56 14.06 -23.90
C ASN J 65 6.58 13.99 -25.42
N SER J 66 5.63 13.26 -25.99
CA SER J 66 5.57 13.07 -27.44
C SER J 66 4.20 12.58 -27.92
N GLY J 67 3.80 13.03 -29.10
CA GLY J 67 2.55 12.62 -29.71
C GLY J 67 1.33 12.94 -28.87
N ASN J 68 0.72 11.90 -28.32
CA ASN J 68 -0.44 12.06 -27.45
C ASN J 68 -0.18 11.56 -26.03
N THR J 69 1.08 11.44 -25.67
CA THR J 69 1.45 10.85 -24.39
C THR J 69 2.70 11.48 -23.73
N ALA J 70 2.49 12.12 -22.58
CA ALA J 70 3.61 12.51 -21.72
C ALA J 70 3.85 11.39 -20.71
N THR J 71 5.11 11.14 -20.38
CA THR J 71 5.45 10.08 -19.44
C THR J 71 6.37 10.53 -18.32
N LEU J 72 5.92 10.34 -17.07
CA LEU J 72 6.79 10.50 -15.91
C LEU J 72 7.40 9.14 -15.57
N THR J 73 8.71 9.07 -15.51
CA THR J 73 9.41 7.83 -15.21
C THR J 73 10.15 7.92 -13.88
N ILE J 74 9.87 6.97 -12.98
CA ILE J 74 10.53 6.90 -11.68
C ILE J 74 11.34 5.60 -11.62
N SER J 75 12.66 5.71 -11.62
CA SER J 75 13.53 4.54 -11.60
C SER J 75 13.93 4.22 -10.18
N ARG J 76 14.30 2.95 -9.94
CA ARG J 76 14.70 2.49 -8.61
C ARG J 76 13.71 2.95 -7.54
N VAL J 77 12.46 2.54 -7.69
CA VAL J 77 11.37 2.96 -6.80
C VAL J 77 11.56 2.44 -5.37
N GLU J 78 11.29 3.30 -4.39
CA GLU J 78 11.32 2.93 -2.98
C GLU J 78 10.02 3.39 -2.32
N ALA J 79 9.79 2.99 -1.07
CA ALA J 79 8.54 3.29 -0.37
C ALA J 79 8.22 4.78 -0.36
N GLY J 80 9.26 5.61 -0.29
CA GLY J 80 9.10 7.05 -0.31
C GLY J 80 8.40 7.55 -1.56
N ASP J 81 8.41 6.75 -2.62
CA ASP J 81 7.80 7.18 -3.88
C ASP J 81 6.29 6.98 -3.92
N GLU J 82 5.75 6.25 -2.94
CA GLU J 82 4.30 6.04 -2.86
C GLU J 82 3.59 7.37 -2.68
N ALA J 83 2.68 7.66 -3.62
CA ALA J 83 2.00 8.95 -3.69
C ALA J 83 1.03 8.96 -4.86
N ASP J 84 0.28 10.05 -4.99
CA ASP J 84 -0.49 10.31 -6.20
C ASP J 84 0.32 11.24 -7.08
N TYR J 85 0.41 10.92 -8.37
CA TYR J 85 1.12 11.77 -9.31
C TYR J 85 0.17 12.43 -10.30
N TYR J 86 0.29 13.75 -10.42
CA TYR J 86 -0.59 14.52 -11.29
C TYR J 86 0.20 15.20 -12.40
N CYS J 87 -0.29 15.09 -13.63
CA CYS J 87 0.30 15.85 -14.74
C CYS J 87 -0.45 17.16 -14.89
N GLN J 88 0.18 18.15 -15.50
CA GLN J 88 -0.39 19.49 -15.58
C GLN J 88 0.11 20.27 -16.79
N VAL J 89 -0.80 20.99 -17.44
CA VAL J 89 -0.44 21.89 -18.53
C VAL J 89 -1.08 23.24 -18.25
N TRP J 90 -0.56 24.29 -18.87
CA TRP J 90 -1.22 25.59 -18.82
C TRP J 90 -1.69 25.99 -20.20
N ASP J 91 -2.99 26.22 -20.32
CA ASP J 91 -3.59 26.56 -21.61
C ASP J 91 -3.64 28.07 -21.80
N ASP J 92 -2.78 28.58 -22.69
CA ASP J 92 -2.71 30.00 -22.99
C ASP J 92 -3.93 30.50 -23.76
N SER J 93 -4.58 29.57 -24.48
CA SER J 93 -5.79 29.89 -25.21
C SER J 93 -6.89 30.40 -24.27
N ILE J 94 -7.14 29.67 -23.20
CA ILE J 94 -8.22 29.99 -22.27
C ILE J 94 -7.73 30.52 -20.93
N ASN J 95 -6.42 30.73 -20.81
CA ASN J 95 -5.80 31.16 -19.56
C ASN J 95 -6.22 30.30 -18.37
N ALA J 96 -5.85 29.01 -18.41
CA ALA J 96 -6.32 28.08 -17.39
C ALA J 96 -5.36 26.92 -17.17
N TYR J 97 -5.13 26.58 -15.91
CA TYR J 97 -4.37 25.38 -15.56
C TYR J 97 -5.24 24.15 -15.70
N VAL J 98 -4.68 23.08 -16.24
CA VAL J 98 -5.39 21.82 -16.39
C VAL J 98 -4.58 20.71 -15.75
N PHE J 99 -5.18 20.01 -14.78
CA PHE J 99 -4.52 18.87 -14.15
C PHE J 99 -5.01 17.55 -14.74
N GLY J 100 -4.19 16.51 -14.66
CA GLY J 100 -4.62 15.16 -15.01
C GLY J 100 -5.46 14.57 -13.90
N THR J 101 -5.95 13.35 -14.10
CA THR J 101 -6.83 12.72 -13.11
C THR J 101 -6.08 12.11 -11.93
N GLY J 102 -4.79 11.89 -12.11
CA GLY J 102 -3.94 11.40 -11.03
C GLY J 102 -3.70 9.91 -11.07
N THR J 103 -2.52 9.51 -10.62
CA THR J 103 -2.12 8.11 -10.63
C THR J 103 -1.51 7.77 -9.28
N LYS J 104 -2.05 6.77 -8.59
CA LYS J 104 -1.46 6.32 -7.34
C LYS J 104 -0.36 5.29 -7.61
N VAL J 105 0.82 5.52 -7.05
CA VAL J 105 1.91 4.55 -7.14
C VAL J 105 1.92 3.63 -5.93
N THR J 106 1.77 2.33 -6.17
CA THR J 106 1.80 1.32 -5.12
C THR J 106 3.06 0.47 -5.23
N VAL J 107 3.77 0.29 -4.12
CA VAL J 107 5.00 -0.51 -4.13
C VAL J 107 4.74 -1.95 -3.67
N LEU J 108 5.20 -2.91 -4.47
CA LEU J 108 4.97 -4.33 -4.20
C LEU J 108 6.06 -4.95 -3.33
N ARG J 109 5.88 -4.93 -2.03
CA ARG J 109 6.84 -5.55 -1.11
C ARG J 109 6.49 -7.02 -0.82
N THR J 110 7.30 -7.67 0.03
CA THR J 110 7.06 -9.04 0.43
C THR J 110 5.88 -9.15 1.41
N VAL J 111 5.40 -10.37 1.60
CA VAL J 111 4.32 -10.66 2.54
C VAL J 111 4.74 -10.36 3.98
N ALA J 112 3.91 -9.63 4.69
CA ALA J 112 4.14 -9.34 6.12
C ALA J 112 2.89 -9.63 6.91
N ALA J 113 2.97 -10.59 7.83
CA ALA J 113 1.84 -10.90 8.70
C ALA J 113 1.61 -9.76 9.69
N PRO J 114 0.34 -9.42 9.95
CA PRO J 114 0.02 -8.34 10.88
C PRO J 114 0.25 -8.72 12.34
N SER J 115 0.61 -7.75 13.17
CA SER J 115 0.52 -7.91 14.61
C SER J 115 -0.92 -7.56 14.94
N VAL J 116 -1.56 -8.32 15.82
CA VAL J 116 -2.96 -8.07 16.16
C VAL J 116 -3.13 -7.65 17.60
N PHE J 117 -4.00 -6.67 17.83
CA PHE J 117 -4.26 -6.14 19.17
C PHE J 117 -5.75 -5.89 19.35
N ILE J 118 -6.24 -6.09 20.58
CA ILE J 118 -7.64 -5.84 20.87
C ILE J 118 -7.75 -4.87 22.04
N PHE J 119 -8.73 -3.97 21.97
CA PHE J 119 -8.90 -2.96 23.00
C PHE J 119 -10.34 -2.98 23.52
N PRO J 120 -10.50 -3.12 24.85
CA PRO J 120 -11.84 -3.07 25.45
C PRO J 120 -12.33 -1.64 25.44
N PRO J 121 -13.64 -1.43 25.53
CA PRO J 121 -14.15 -0.07 25.74
C PRO J 121 -13.66 0.46 27.08
N SER J 122 -13.41 1.76 27.16
CA SER J 122 -13.01 2.38 28.43
C SER J 122 -14.21 2.52 29.36
N ASP J 123 -13.94 2.61 30.67
CA ASP J 123 -15.02 2.84 31.62
C ASP J 123 -15.63 4.22 31.38
N SER J 124 -14.81 5.13 30.87
CA SER J 124 -15.26 6.48 30.53
C SER J 124 -16.33 6.47 29.43
N GLN J 125 -16.17 5.60 28.44
CA GLN J 125 -17.12 5.50 27.33
C GLN J 125 -18.37 4.74 27.74
N LEU J 126 -18.22 3.80 28.65
CA LEU J 126 -19.36 3.01 29.13
C LEU J 126 -20.37 3.90 29.86
N LYS J 127 -19.87 4.83 30.65
CA LYS J 127 -20.71 5.78 31.36
C LYS J 127 -21.31 6.82 30.40
N SER J 128 -21.76 6.34 29.24
CA SER J 128 -22.38 7.17 28.23
C SER J 128 -23.31 6.32 27.36
N GLY J 129 -23.34 5.02 27.64
CA GLY J 129 -24.29 4.13 27.01
C GLY J 129 -23.85 3.53 25.68
N THR J 130 -22.54 3.51 25.44
CA THR J 130 -22.01 2.93 24.21
C THR J 130 -20.67 2.24 24.47
N ALA J 131 -20.48 1.08 23.84
CA ALA J 131 -19.21 0.37 23.94
C ALA J 131 -18.59 0.21 22.56
N SER J 132 -17.38 0.73 22.39
CA SER J 132 -16.63 0.51 21.16
C SER J 132 -15.49 -0.46 21.43
N VAL J 133 -15.46 -1.58 20.70
CA VAL J 133 -14.37 -2.54 20.82
C VAL J 133 -13.53 -2.44 19.56
N VAL J 134 -12.20 -2.38 19.72
CA VAL J 134 -11.32 -2.11 18.59
C VAL J 134 -10.28 -3.20 18.38
N CYS J 135 -10.24 -3.73 17.15
CA CYS J 135 -9.24 -4.71 16.77
C CYS J 135 -8.22 -3.99 15.88
N LEU J 136 -6.93 -4.14 16.22
CA LEU J 136 -5.87 -3.49 15.46
C LEU J 136 -5.04 -4.49 14.69
N LEU J 137 -4.98 -4.31 13.37
CA LEU J 137 -4.06 -5.08 12.52
C LEU J 137 -2.88 -4.19 12.15
N ASN J 138 -1.69 -4.53 12.60
CA ASN J 138 -0.55 -3.63 12.45
C ASN J 138 0.52 -4.03 11.44
N ASN J 139 0.77 -3.14 10.47
CA ASN J 139 1.86 -3.27 9.51
C ASN J 139 1.91 -4.59 8.74
N PHE J 140 0.92 -4.80 7.87
CA PHE J 140 0.85 -6.05 7.10
C PHE J 140 0.88 -5.82 5.59
N TYR J 141 1.16 -6.90 4.87
CA TYR J 141 1.10 -6.91 3.41
C TYR J 141 0.87 -8.34 2.93
N PRO J 142 -0.02 -8.53 1.95
CA PRO J 142 -0.77 -7.46 1.27
C PRO J 142 -1.98 -6.96 2.06
N ARG J 143 -2.67 -6.00 1.45
CA ARG J 143 -3.75 -5.25 2.10
C ARG J 143 -4.97 -6.09 2.42
N GLU J 144 -5.17 -7.18 1.69
CA GLU J 144 -6.32 -8.04 1.90
C GLU J 144 -6.24 -8.76 3.24
N ALA J 145 -7.29 -8.62 4.04
CA ALA J 145 -7.35 -9.27 5.35
C ALA J 145 -8.79 -9.47 5.77
N LYS J 146 -9.00 -10.42 6.68
CA LYS J 146 -10.34 -10.70 7.17
C LYS J 146 -10.35 -10.63 8.68
N VAL J 147 -11.11 -9.69 9.22
CA VAL J 147 -11.34 -9.69 10.66
C VAL J 147 -12.78 -10.07 10.96
N GLN J 148 -12.95 -10.86 12.00
CA GLN J 148 -14.24 -11.42 12.30
C GLN J 148 -14.51 -11.27 13.80
N TRP J 149 -15.65 -10.68 14.15
CA TRP J 149 -15.98 -10.51 15.56
C TRP J 149 -16.83 -11.65 16.10
N LYS J 150 -16.38 -12.21 17.23
CA LYS J 150 -17.09 -13.26 17.94
C LYS J 150 -17.32 -12.79 19.37
N VAL J 151 -18.60 -12.65 19.75
CA VAL J 151 -18.93 -12.27 21.13
C VAL J 151 -19.74 -13.34 21.89
N ASP J 152 -19.10 -13.96 22.87
CA ASP J 152 -19.57 -15.21 23.45
C ASP J 152 -19.82 -16.19 22.30
N ASN J 153 -18.83 -16.28 21.42
CA ASN J 153 -18.96 -16.99 20.14
C ASN J 153 -20.07 -16.42 19.27
N ALA J 154 -20.36 -17.11 18.16
CA ALA J 154 -21.25 -16.60 17.12
C ALA J 154 -20.73 -15.34 16.41
N LEU J 155 -20.81 -15.40 15.09
CA LEU J 155 -20.43 -14.31 14.21
C LEU J 155 -21.22 -13.03 14.44
N GLN J 156 -20.58 -11.90 14.16
CA GLN J 156 -21.27 -10.61 14.22
C GLN J 156 -21.43 -10.07 12.81
N SER J 157 -22.52 -9.33 12.57
CA SER J 157 -22.73 -8.74 11.26
C SER J 157 -23.34 -7.34 11.42
N GLY J 158 -23.01 -6.45 10.49
CA GLY J 158 -23.59 -5.13 10.44
C GLY J 158 -23.32 -4.21 11.62
N ASN J 159 -22.50 -4.65 12.57
CA ASN J 159 -22.18 -3.81 13.72
C ASN J 159 -20.69 -3.50 13.88
N SER J 160 -19.97 -3.43 12.76
CA SER J 160 -18.55 -3.06 12.79
C SER J 160 -18.14 -2.25 11.56
N GLN J 161 -17.11 -1.42 11.72
CA GLN J 161 -16.57 -0.66 10.60
C GLN J 161 -15.05 -0.83 10.51
N GLU J 162 -14.53 -0.79 9.29
CA GLU J 162 -13.10 -0.89 9.09
C GLU J 162 -12.54 0.42 8.57
N SER J 163 -11.29 0.69 8.95
CA SER J 163 -10.53 1.78 8.37
C SER J 163 -9.13 1.26 8.08
N VAL J 164 -8.58 1.65 6.94
CA VAL J 164 -7.27 1.16 6.54
C VAL J 164 -6.39 2.35 6.14
N THR J 165 -5.13 2.31 6.58
CA THR J 165 -4.18 3.37 6.30
C THR J 165 -3.74 3.35 4.85
N GLU J 166 -3.21 4.48 4.38
CA GLU J 166 -2.51 4.53 3.10
C GLU J 166 -1.24 3.71 3.26
N GLN J 167 -0.63 3.32 2.13
CA GLN J 167 0.60 2.54 2.20
C GLN J 167 1.69 3.31 2.95
N ASP J 168 2.41 2.62 3.82
CA ASP J 168 3.42 3.26 4.66
C ASP J 168 4.63 3.74 3.84
N SER J 169 5.02 4.99 4.05
CA SER J 169 6.06 5.64 3.26
C SER J 169 7.47 5.08 3.47
N LYS J 170 7.62 4.16 4.43
CA LYS J 170 8.93 3.57 4.73
C LYS J 170 9.00 2.06 4.51
N ASP J 171 7.99 1.33 4.98
CA ASP J 171 7.99 -0.15 4.88
C ASP J 171 6.95 -0.74 3.94
N SER J 172 6.16 0.15 3.33
CA SER J 172 5.18 -0.25 2.31
C SER J 172 4.06 -1.16 2.81
N THR J 173 3.85 -1.21 4.12
CA THR J 173 2.77 -2.03 4.68
C THR J 173 1.45 -1.25 4.81
N TYR J 174 0.42 -1.95 5.25
CA TYR J 174 -0.85 -1.32 5.56
C TYR J 174 -1.20 -1.62 7.01
N SER J 175 -2.06 -0.78 7.59
CA SER J 175 -2.61 -1.05 8.91
C SER J 175 -4.12 -0.90 8.85
N LEU J 176 -4.82 -1.65 9.69
CA LEU J 176 -6.27 -1.68 9.64
C LEU J 176 -6.84 -1.69 11.06
N SER J 177 -7.96 -1.01 11.22
CA SER J 177 -8.68 -1.03 12.48
C SER J 177 -10.11 -1.48 12.22
N SER J 178 -10.61 -2.38 13.06
CA SER J 178 -12.01 -2.78 13.02
C SER J 178 -12.65 -2.40 14.34
N THR J 179 -13.77 -1.68 14.27
CA THR J 179 -14.42 -1.20 15.48
C THR J 179 -15.82 -1.78 15.65
N LEU J 180 -15.99 -2.58 16.70
CA LEU J 180 -17.29 -3.15 17.06
C LEU J 180 -18.03 -2.21 17.99
N THR J 181 -19.21 -1.75 17.58
CA THR J 181 -19.98 -0.80 18.38
C THR J 181 -21.28 -1.38 18.92
N LEU J 182 -21.32 -1.56 20.24
CA LEU J 182 -22.52 -2.05 20.93
C LEU J 182 -23.04 -1.00 21.90
N SER J 183 -24.23 -1.25 22.45
CA SER J 183 -24.75 -0.42 23.53
C SER J 183 -24.15 -0.93 24.83
N LYS J 184 -24.22 -0.11 25.88
CA LYS J 184 -23.79 -0.55 27.20
C LYS J 184 -24.64 -1.73 27.63
N ALA J 185 -25.90 -1.71 27.22
CA ALA J 185 -26.84 -2.79 27.50
C ALA J 185 -26.30 -4.14 27.03
N ASP J 186 -26.09 -4.26 25.71
CA ASP J 186 -25.66 -5.51 25.11
C ASP J 186 -24.23 -5.90 25.50
N TYR J 187 -23.35 -4.91 25.60
CA TYR J 187 -21.98 -5.17 26.03
C TYR J 187 -21.94 -5.79 27.44
N GLU J 188 -22.80 -5.27 28.31
CA GLU J 188 -22.84 -5.74 29.69
C GLU J 188 -23.42 -7.15 29.83
N LYS J 189 -24.26 -7.54 28.88
CA LYS J 189 -24.81 -8.89 28.84
C LYS J 189 -23.67 -9.91 28.72
N HIS J 190 -23.06 -9.91 27.53
CA HIS J 190 -22.04 -10.88 27.14
C HIS J 190 -20.73 -10.73 27.92
N LYS J 191 -19.80 -11.67 27.74
CA LYS J 191 -18.53 -11.65 28.48
C LYS J 191 -17.28 -11.82 27.61
N VAL J 192 -17.34 -12.71 26.62
CA VAL J 192 -16.19 -12.97 25.77
C VAL J 192 -16.22 -12.18 24.46
N TYR J 193 -15.19 -11.35 24.25
CA TYR J 193 -15.07 -10.57 23.03
C TYR J 193 -13.78 -10.92 22.32
N ALA J 194 -13.89 -11.24 21.03
CA ALA J 194 -12.74 -11.72 20.27
C ALA J 194 -12.78 -11.28 18.82
N CYS J 195 -11.62 -10.90 18.30
CA CYS J 195 -11.49 -10.66 16.87
C CYS J 195 -10.60 -11.74 16.27
N GLU J 196 -11.08 -12.34 15.19
CA GLU J 196 -10.35 -13.41 14.50
C GLU J 196 -9.80 -12.85 13.21
N VAL J 197 -8.48 -12.96 13.04
CA VAL J 197 -7.82 -12.35 11.89
C VAL J 197 -7.30 -13.39 10.91
N THR J 198 -7.76 -13.30 9.67
CA THR J 198 -7.31 -14.19 8.61
C THR J 198 -6.46 -13.42 7.60
N HIS J 199 -5.18 -13.76 7.52
CA HIS J 199 -4.28 -13.11 6.57
C HIS J 199 -3.29 -14.09 5.97
N GLN J 200 -3.01 -13.88 4.69
CA GLN J 200 -2.07 -14.71 3.92
C GLN J 200 -0.74 -14.95 4.64
N GLY J 201 -0.33 -14.00 5.46
CA GLY J 201 0.91 -14.13 6.21
C GLY J 201 0.80 -14.99 7.45
N LEU J 202 -0.42 -15.40 7.79
CA LEU J 202 -0.64 -16.26 8.95
C LEU J 202 -0.86 -17.72 8.51
N SER J 203 -0.19 -18.66 9.19
CA SER J 203 -0.37 -20.08 8.91
C SER J 203 -1.82 -20.50 9.17
N SER J 204 -2.38 -19.97 10.25
CA SER J 204 -3.77 -20.19 10.61
C SER J 204 -4.27 -18.92 11.27
N PRO J 205 -5.59 -18.67 11.20
CA PRO J 205 -6.17 -17.44 11.75
C PRO J 205 -5.72 -17.13 13.18
N VAL J 206 -5.55 -15.84 13.47
CA VAL J 206 -5.17 -15.38 14.80
C VAL J 206 -6.37 -14.78 15.51
N THR J 207 -6.53 -15.12 16.79
CA THR J 207 -7.61 -14.55 17.59
C THR J 207 -7.04 -13.75 18.78
N LYS J 208 -7.49 -12.51 18.91
CA LYS J 208 -7.22 -11.73 20.11
C LYS J 208 -8.54 -11.64 20.87
N SER J 209 -8.48 -11.75 22.20
CA SER J 209 -9.71 -11.77 22.98
C SER J 209 -9.54 -11.23 24.39
N PHE J 210 -10.65 -10.78 24.97
CA PHE J 210 -10.68 -10.40 26.37
C PHE J 210 -12.00 -10.82 27.03
N ASN J 211 -11.99 -10.85 28.36
CA ASN J 211 -13.20 -11.12 29.13
C ASN J 211 -13.71 -9.85 29.77
N ARG J 212 -15.00 -9.58 29.59
CA ARG J 212 -15.61 -8.37 30.14
C ARG J 212 -15.41 -8.31 31.66
N GLY J 213 -14.38 -7.57 32.07
CA GLY J 213 -14.00 -7.48 33.47
C GLY J 213 -12.86 -8.43 33.81
#